data_4EWP
#
_entry.id   4EWP
#
_cell.length_a   80.140
_cell.length_b   85.026
_cell.length_c   96.916
_cell.angle_alpha   69.82
_cell.angle_beta   71.37
_cell.angle_gamma   85.66
#
_symmetry.space_group_name_H-M   'P 1'
#
loop_
_entity.id
_entity.type
_entity.pdbx_description
1 polymer '3-oxoacyl-[acyl-carrier-protein] synthase 3'
2 water water
#
_entity_poly.entity_id   1
_entity_poly.type   'polypeptide(L)'
_entity_poly.pdbx_seq_one_letter_code
;MTVTLKQHERPAASRIVAVGAYRPANLVPNEDLIGPIDSSDEWIRQRTGIVTRQRATAEETVPVMAVGAAREALERAGLQ
GSDLDAVIVSTVTFPHATPSAAALVAHEIGATPAPAYDVSAACAGYCYGVAQADALVRSGTARHVLVVGVERLSDVVDPT
DRSISFLLGDGAGAVIVAASDEPGISPSVWGSDGERWSTISMTHSQLELRDAVEHARTTGDASAITGAEGMLWPTLRQDG
PSVFRWAVWSMAKVAREALDAAGVEPEDLAAFIPHQANMRIIDEFAKQLKLPESVVVARDIADAGNTSAASIPLAMHRLL
EENPELSGGLALQIGFGAGLVYGAQVVRLP
;
_entity_poly.pdbx_strand_id   A,B,C,D,E,F
#
# COMPACT_ATOMS: atom_id res chain seq x y z
N THR A 2 -5.84 -28.78 50.35
CA THR A 2 -6.26 -28.53 48.98
C THR A 2 -5.99 -29.75 48.09
N VAL A 3 -6.94 -30.06 47.20
CA VAL A 3 -6.87 -31.27 46.38
C VAL A 3 -6.12 -31.04 45.07
N THR A 4 -5.18 -31.92 44.78
CA THR A 4 -4.46 -31.88 43.51
C THR A 4 -5.17 -32.77 42.49
N LEU A 5 -5.43 -32.23 41.30
CA LEU A 5 -6.12 -32.96 40.26
C LEU A 5 -5.16 -33.98 39.67
N LYS A 6 -5.66 -35.17 39.37
CA LYS A 6 -4.86 -36.18 38.69
C LYS A 6 -4.62 -35.80 37.24
N GLN A 7 -3.58 -36.37 36.65
CA GLN A 7 -3.22 -36.10 35.26
C GLN A 7 -2.83 -37.39 34.54
N HIS A 8 -3.06 -37.45 33.22
CA HIS A 8 -2.57 -38.53 32.35
C HIS A 8 -1.05 -38.53 32.27
N GLU A 9 -0.45 -39.72 32.20
CA GLU A 9 0.95 -39.81 31.81
C GLU A 9 1.09 -39.63 30.30
N ARG A 10 2.26 -39.16 29.84
CA ARG A 10 2.48 -38.84 28.43
C ARG A 10 3.56 -39.72 27.79
N PRO A 11 3.30 -40.19 26.56
CA PRO A 11 4.34 -40.98 25.88
C PRO A 11 5.40 -40.00 25.34
N ALA A 12 6.53 -40.53 24.88
CA ALA A 12 7.61 -39.70 24.36
C ALA A 12 7.22 -38.95 23.09
N ALA A 13 6.47 -39.60 22.21
CA ALA A 13 6.21 -39.04 20.89
C ALA A 13 5.04 -39.74 20.20
N SER A 14 4.87 -39.44 18.91
CA SER A 14 3.73 -39.97 18.17
C SER A 14 4.18 -40.38 16.78
N ARG A 15 3.31 -41.05 16.03
CA ARG A 15 3.69 -41.50 14.70
C ARG A 15 2.49 -41.97 13.91
N ILE A 16 2.52 -41.75 12.61
CA ILE A 16 1.48 -42.23 11.72
C ILE A 16 1.78 -43.70 11.45
N VAL A 17 0.89 -44.59 11.86
CA VAL A 17 1.19 -46.02 11.74
C VAL A 17 0.51 -46.69 10.55
N ALA A 18 -0.27 -45.93 9.79
CA ALA A 18 -0.94 -46.49 8.61
C ALA A 18 -1.68 -45.43 7.85
N VAL A 19 -1.94 -45.71 6.57
CA VAL A 19 -2.75 -44.84 5.74
C VAL A 19 -3.75 -45.64 4.93
N GLY A 20 -4.95 -45.10 4.79
CA GLY A 20 -6.04 -45.77 4.10
C GLY A 20 -6.67 -44.82 3.11
N ALA A 21 -7.35 -45.37 2.12
CA ALA A 21 -7.87 -44.59 1.01
C ALA A 21 -9.22 -45.11 0.53
N TYR A 22 -10.07 -44.19 0.11
CA TYR A 22 -11.25 -44.56 -0.67
C TYR A 22 -11.31 -43.65 -1.88
N ARG A 23 -11.36 -44.26 -3.05
CA ARG A 23 -11.41 -43.55 -4.31
C ARG A 23 -12.64 -44.02 -5.09
N PRO A 24 -13.58 -43.12 -5.35
CA PRO A 24 -14.72 -43.45 -6.22
C PRO A 24 -14.23 -44.01 -7.55
N ALA A 25 -14.95 -44.98 -8.10
CA ALA A 25 -14.55 -45.63 -9.35
C ALA A 25 -14.80 -44.75 -10.57
N ASN A 26 -15.65 -43.74 -10.41
CA ASN A 26 -15.96 -42.85 -11.54
C ASN A 26 -14.88 -41.79 -11.73
N LEU A 27 -14.06 -41.98 -12.75
CA LEU A 27 -13.05 -41.00 -13.10
C LEU A 27 -13.57 -40.20 -14.26
N VAL A 28 -14.08 -39.01 -13.99
CA VAL A 28 -14.64 -38.15 -15.01
C VAL A 28 -13.55 -37.43 -15.81
N PRO A 29 -13.58 -37.56 -17.15
CA PRO A 29 -12.60 -36.88 -17.98
C PRO A 29 -13.00 -35.44 -18.28
N ASN A 30 -12.02 -34.61 -18.63
CA ASN A 30 -12.27 -33.21 -18.89
C ASN A 30 -13.44 -32.95 -19.82
N GLU A 31 -13.63 -33.84 -20.80
CA GLU A 31 -14.56 -33.60 -21.89
C GLU A 31 -16.02 -33.52 -21.42
N ASP A 32 -16.31 -34.19 -20.32
CA ASP A 32 -17.66 -34.24 -19.78
C ASP A 32 -18.05 -32.91 -19.16
N LEU A 33 -17.04 -32.12 -18.78
CA LEU A 33 -17.28 -30.89 -18.03
C LEU A 33 -17.12 -29.61 -18.85
N ILE A 34 -16.42 -29.70 -19.98
CA ILE A 34 -16.01 -28.50 -20.71
C ILE A 34 -17.16 -27.69 -21.32
N GLY A 35 -18.31 -28.33 -21.53
CA GLY A 35 -19.44 -27.68 -22.18
C GLY A 35 -19.98 -26.44 -21.49
N PRO A 36 -20.52 -26.60 -20.27
CA PRO A 36 -21.13 -25.50 -19.50
C PRO A 36 -20.15 -24.39 -19.09
N ILE A 37 -18.84 -24.67 -19.09
CA ILE A 37 -17.83 -23.63 -18.81
C ILE A 37 -17.16 -23.17 -20.11
N ASP A 38 -17.72 -23.62 -21.24
CA ASP A 38 -17.21 -23.30 -22.57
C ASP A 38 -15.68 -23.27 -22.69
N SER A 39 -15.01 -24.31 -22.20
CA SER A 39 -13.56 -24.42 -22.44
C SER A 39 -13.18 -25.74 -23.13
N SER A 40 -12.05 -26.34 -22.75
CA SER A 40 -11.55 -27.50 -23.49
C SER A 40 -10.66 -28.45 -22.69
N ASP A 41 -10.58 -29.70 -23.16
CA ASP A 41 -9.75 -30.71 -22.51
C ASP A 41 -8.32 -30.22 -22.37
N GLU A 42 -7.77 -29.68 -23.46
CA GLU A 42 -6.38 -29.25 -23.48
C GLU A 42 -6.11 -28.03 -22.61
N TRP A 43 -7.10 -27.14 -22.50
CA TRP A 43 -6.94 -25.97 -21.64
C TRP A 43 -6.88 -26.44 -20.19
N ILE A 44 -7.91 -27.16 -19.76
CA ILE A 44 -7.92 -27.70 -18.41
C ILE A 44 -6.64 -28.44 -18.10
N ARG A 45 -6.21 -29.32 -19.01
CA ARG A 45 -5.02 -30.12 -18.74
C ARG A 45 -3.80 -29.21 -18.56
N GLN A 46 -3.78 -28.12 -19.33
CA GLN A 46 -2.68 -27.17 -19.31
C GLN A 46 -2.69 -26.24 -18.09
N ARG A 47 -3.86 -25.73 -17.72
CA ARG A 47 -3.97 -24.84 -16.57
C ARG A 47 -3.84 -25.55 -15.20
N THR A 48 -4.22 -26.82 -15.14
CA THR A 48 -4.36 -27.50 -13.84
C THR A 48 -3.66 -28.85 -13.78
N GLY A 49 -3.31 -29.40 -14.95
CA GLY A 49 -2.68 -30.69 -15.03
C GLY A 49 -3.63 -31.83 -14.68
N ILE A 50 -4.92 -31.54 -14.71
CA ILE A 50 -5.94 -32.53 -14.40
C ILE A 50 -6.44 -33.23 -15.67
N VAL A 51 -6.51 -34.56 -15.62
CA VAL A 51 -7.02 -35.34 -16.75
C VAL A 51 -8.38 -35.91 -16.38
N THR A 52 -8.43 -36.56 -15.23
CA THR A 52 -9.69 -37.05 -14.70
C THR A 52 -9.80 -36.63 -13.23
N ARG A 53 -11.03 -36.57 -12.73
CA ARG A 53 -11.25 -36.42 -11.30
C ARG A 53 -12.24 -37.47 -10.78
N GLN A 54 -12.01 -37.90 -9.56
CA GLN A 54 -12.91 -38.82 -8.87
C GLN A 54 -14.24 -38.14 -8.65
N ARG A 55 -15.33 -38.79 -9.08
CA ARG A 55 -16.66 -38.27 -8.81
C ARG A 55 -17.51 -39.37 -8.17
N ALA A 56 -17.97 -39.09 -6.96
CA ALA A 56 -18.73 -40.06 -6.17
C ALA A 56 -20.17 -40.14 -6.63
N THR A 57 -20.74 -41.34 -6.50
CA THR A 57 -22.17 -41.54 -6.74
C THR A 57 -22.95 -41.07 -5.52
N ALA A 58 -24.28 -41.09 -5.63
CA ALA A 58 -25.18 -40.74 -4.53
C ALA A 58 -24.98 -41.60 -3.29
N GLU A 59 -24.73 -42.90 -3.49
CA GLU A 59 -24.54 -43.84 -2.38
C GLU A 59 -23.20 -43.64 -1.67
N GLU A 60 -22.23 -43.10 -2.39
CA GLU A 60 -20.90 -42.87 -1.82
C GLU A 60 -20.85 -41.57 -1.04
N THR A 61 -21.48 -41.60 0.13
CA THR A 61 -21.59 -40.41 0.97
C THR A 61 -20.28 -40.17 1.71
N VAL A 62 -20.21 -39.04 2.39
CA VAL A 62 -19.06 -38.79 3.24
C VAL A 62 -18.82 -39.94 4.25
N PRO A 63 -19.86 -40.39 4.96
CA PRO A 63 -19.63 -41.48 5.92
C PRO A 63 -19.24 -42.81 5.26
N VAL A 64 -19.82 -43.12 4.10
CA VAL A 64 -19.45 -44.32 3.38
C VAL A 64 -17.97 -44.30 3.01
N MET A 65 -17.53 -43.21 2.38
CA MET A 65 -16.14 -43.05 1.95
C MET A 65 -15.18 -43.03 3.15
N ALA A 66 -15.55 -42.30 4.20
CA ALA A 66 -14.71 -42.19 5.39
C ALA A 66 -14.48 -43.57 6.00
N VAL A 67 -15.53 -44.37 6.00
CA VAL A 67 -15.47 -45.68 6.63
C VAL A 67 -14.54 -46.64 5.89
N GLY A 68 -14.65 -46.66 4.56
CA GLY A 68 -13.79 -47.50 3.75
C GLY A 68 -12.34 -47.11 3.99
N ALA A 69 -12.04 -45.81 3.94
CA ALA A 69 -10.67 -45.37 4.16
C ALA A 69 -10.24 -45.78 5.57
N ALA A 70 -11.11 -45.53 6.55
CA ALA A 70 -10.83 -45.88 7.93
C ALA A 70 -10.53 -47.37 8.05
N ARG A 71 -11.34 -48.20 7.41
CA ARG A 71 -11.11 -49.65 7.51
C ARG A 71 -9.76 -50.10 6.92
N GLU A 72 -9.36 -49.53 5.79
CA GLU A 72 -8.06 -49.89 5.22
C GLU A 72 -6.92 -49.53 6.18
N ALA A 73 -7.02 -48.37 6.80
CA ALA A 73 -6.01 -47.91 7.75
C ALA A 73 -5.94 -48.86 8.94
N LEU A 74 -7.10 -49.25 9.44
CA LEU A 74 -7.18 -50.15 10.57
C LEU A 74 -6.51 -51.48 10.25
N GLU A 75 -6.82 -52.04 9.08
CA GLU A 75 -6.25 -53.30 8.65
C GLU A 75 -4.71 -53.22 8.49
N ARG A 76 -4.22 -52.16 7.88
CA ARG A 76 -2.79 -51.96 7.71
C ARG A 76 -2.05 -51.72 9.01
N ALA A 77 -2.74 -51.17 10.00
CA ALA A 77 -2.16 -50.95 11.32
C ALA A 77 -2.22 -52.21 12.21
N GLY A 78 -2.89 -53.26 11.74
CA GLY A 78 -3.09 -54.44 12.56
C GLY A 78 -4.01 -54.15 13.74
N LEU A 79 -4.90 -53.17 13.61
CA LEU A 79 -5.80 -52.78 14.71
C LEU A 79 -7.26 -53.07 14.39
N GLN A 80 -8.14 -52.93 15.38
CA GLN A 80 -9.57 -52.82 15.07
C GLN A 80 -10.23 -51.56 15.61
N GLY A 81 -11.50 -51.36 15.27
CA GLY A 81 -12.18 -50.13 15.62
C GLY A 81 -12.02 -49.81 17.09
N SER A 82 -12.21 -50.85 17.92
CA SER A 82 -12.21 -50.69 19.36
C SER A 82 -10.86 -50.27 19.94
N ASP A 83 -9.81 -50.38 19.15
CA ASP A 83 -8.50 -49.89 19.58
C ASP A 83 -8.38 -48.36 19.48
N LEU A 84 -9.29 -47.71 18.77
CA LEU A 84 -9.21 -46.26 18.62
C LEU A 84 -9.71 -45.49 19.86
N ASP A 85 -9.03 -44.41 20.21
CA ASP A 85 -9.38 -43.61 21.39
C ASP A 85 -10.00 -42.29 20.97
N ALA A 86 -9.97 -41.99 19.67
CA ALA A 86 -10.55 -40.77 19.13
C ALA A 86 -10.71 -40.85 17.61
N VAL A 87 -11.72 -40.16 17.09
CA VAL A 87 -12.03 -40.19 15.67
C VAL A 87 -12.20 -38.75 15.23
N ILE A 88 -11.34 -38.28 14.33
CA ILE A 88 -11.43 -36.91 13.85
C ILE A 88 -11.74 -36.93 12.36
N VAL A 89 -12.84 -36.31 11.98
CA VAL A 89 -13.22 -36.29 10.58
C VAL A 89 -13.16 -34.86 10.07
N SER A 90 -12.32 -34.64 9.08
CA SER A 90 -12.16 -33.31 8.55
C SER A 90 -12.89 -33.21 7.22
N THR A 91 -13.99 -32.46 7.21
CA THR A 91 -14.85 -32.37 6.04
C THR A 91 -15.71 -31.11 6.10
N VAL A 92 -16.10 -30.58 4.94
CA VAL A 92 -17.04 -29.46 4.90
C VAL A 92 -18.25 -29.78 4.04
N THR A 93 -18.41 -31.04 3.66
CA THR A 93 -19.47 -31.36 2.69
C THR A 93 -20.55 -32.28 3.24
N PHE A 94 -20.42 -32.70 4.49
CA PHE A 94 -21.46 -33.50 5.12
C PHE A 94 -22.68 -32.60 5.31
N PRO A 95 -23.80 -32.95 4.67
CA PRO A 95 -25.01 -32.11 4.55
C PRO A 95 -25.91 -32.11 5.77
N HIS A 96 -25.32 -32.04 6.95
CA HIS A 96 -26.07 -31.89 8.18
C HIS A 96 -25.34 -30.95 9.11
N ALA A 97 -26.04 -29.92 9.58
CA ALA A 97 -25.46 -29.07 10.59
C ALA A 97 -25.02 -29.93 11.80
N THR A 98 -25.85 -30.90 12.16
CA THR A 98 -25.59 -31.75 13.32
C THR A 98 -26.49 -32.98 13.21
N PRO A 99 -26.07 -34.10 13.81
CA PRO A 99 -24.77 -34.34 14.45
C PRO A 99 -23.66 -34.56 13.43
N SER A 100 -22.44 -34.83 13.91
CA SER A 100 -21.30 -34.93 13.03
C SER A 100 -21.28 -36.23 12.23
N ALA A 101 -20.45 -36.26 11.20
CA ALA A 101 -20.22 -37.44 10.40
C ALA A 101 -19.36 -38.41 11.22
N ALA A 102 -18.46 -37.83 12.00
CA ALA A 102 -17.51 -38.58 12.79
C ALA A 102 -18.21 -39.59 13.68
N ALA A 103 -19.38 -39.20 14.20
CA ALA A 103 -20.10 -40.05 15.14
C ALA A 103 -20.65 -41.27 14.41
N LEU A 104 -21.10 -41.07 13.18
CA LEU A 104 -21.49 -42.21 12.34
C LEU A 104 -20.30 -43.10 12.01
N VAL A 105 -19.18 -42.48 11.62
CA VAL A 105 -17.99 -43.24 11.26
C VAL A 105 -17.54 -44.09 12.45
N ALA A 106 -17.45 -43.46 13.61
CA ALA A 106 -16.99 -44.14 14.82
C ALA A 106 -17.83 -45.39 15.06
N HIS A 107 -19.15 -45.23 14.88
CA HIS A 107 -20.07 -46.34 15.10
C HIS A 107 -19.89 -47.44 14.08
N GLU A 108 -19.83 -47.06 12.81
CA GLU A 108 -19.76 -48.04 11.72
C GLU A 108 -18.52 -48.89 11.82
N ILE A 109 -17.40 -48.29 12.25
CA ILE A 109 -16.14 -49.03 12.27
C ILE A 109 -15.90 -49.71 13.60
N GLY A 110 -16.86 -49.62 14.51
CA GLY A 110 -16.72 -50.33 15.78
C GLY A 110 -15.85 -49.62 16.82
N ALA A 111 -15.70 -48.30 16.68
CA ALA A 111 -14.91 -47.49 17.62
C ALA A 111 -15.67 -46.99 18.86
N THR A 112 -16.99 -47.16 18.88
CA THR A 112 -17.76 -46.77 20.05
C THR A 112 -17.11 -47.41 21.28
N PRO A 113 -16.97 -46.64 22.37
CA PRO A 113 -17.50 -45.29 22.53
C PRO A 113 -16.48 -44.16 22.40
N ALA A 114 -15.45 -44.33 21.57
CA ALA A 114 -14.48 -43.25 21.36
C ALA A 114 -15.14 -41.90 21.01
N PRO A 115 -14.59 -40.81 21.56
CA PRO A 115 -15.04 -39.46 21.19
C PRO A 115 -14.85 -39.25 19.68
N ALA A 116 -15.73 -38.50 19.06
CA ALA A 116 -15.79 -38.39 17.63
C ALA A 116 -16.30 -37.01 17.31
N TYR A 117 -15.56 -36.26 16.48
CA TYR A 117 -16.03 -34.94 16.05
C TYR A 117 -15.55 -34.59 14.65
N ASP A 118 -16.28 -33.70 13.99
CA ASP A 118 -15.85 -33.18 12.68
C ASP A 118 -15.12 -31.87 12.92
N VAL A 119 -14.20 -31.55 12.01
CA VAL A 119 -13.41 -30.33 12.05
C VAL A 119 -13.63 -29.55 10.75
N SER A 120 -13.67 -28.23 10.84
CA SER A 120 -13.80 -27.40 9.66
C SER A 120 -12.54 -26.57 9.46
N ALA A 121 -11.71 -27.03 8.51
CA ALA A 121 -10.47 -26.34 8.16
C ALA A 121 -10.15 -26.56 6.69
N ALA A 122 -11.22 -26.71 5.91
CA ALA A 122 -11.11 -26.74 4.46
C ALA A 122 -10.04 -27.73 4.01
N CYS A 123 -9.27 -27.33 2.99
CA CYS A 123 -8.25 -28.20 2.40
C CYS A 123 -7.08 -28.40 3.35
N ALA A 124 -6.96 -27.58 4.39
CA ALA A 124 -5.90 -27.79 5.37
C ALA A 124 -6.39 -28.78 6.43
N GLY A 125 -7.61 -29.29 6.26
CA GLY A 125 -8.28 -30.07 7.28
C GLY A 125 -7.56 -31.32 7.75
N TYR A 126 -6.92 -32.04 6.84
CA TYR A 126 -6.17 -33.22 7.24
C TYR A 126 -4.95 -32.85 8.08
N CYS A 127 -4.22 -31.80 7.68
CA CYS A 127 -3.07 -31.34 8.45
C CYS A 127 -3.46 -30.77 9.82
N TYR A 128 -4.64 -30.14 9.89
CA TYR A 128 -5.19 -29.68 11.18
C TYR A 128 -5.53 -30.93 12.00
N GLY A 129 -6.10 -31.94 11.35
CA GLY A 129 -6.42 -33.20 12.02
C GLY A 129 -5.17 -33.83 12.60
N VAL A 130 -4.07 -33.80 11.86
CA VAL A 130 -2.84 -34.43 12.32
C VAL A 130 -2.27 -33.66 13.49
N ALA A 131 -2.33 -32.33 13.43
CA ALA A 131 -1.86 -31.50 14.54
C ALA A 131 -2.62 -31.87 15.80
N GLN A 132 -3.94 -32.02 15.66
CA GLN A 132 -4.78 -32.35 16.80
C GLN A 132 -4.48 -33.75 17.33
N ALA A 133 -4.45 -34.72 16.43
CA ALA A 133 -4.12 -36.10 16.76
C ALA A 133 -2.78 -36.18 17.49
N ASP A 134 -1.77 -35.51 16.93
CA ASP A 134 -0.44 -35.48 17.54
C ASP A 134 -0.53 -34.92 18.98
N ALA A 135 -1.27 -33.82 19.14
CA ALA A 135 -1.46 -33.24 20.46
C ALA A 135 -2.14 -34.22 21.42
N LEU A 136 -3.19 -34.89 20.94
CA LEU A 136 -3.91 -35.88 21.73
C LEU A 136 -2.99 -37.03 22.18
N VAL A 137 -2.13 -37.49 21.28
CA VAL A 137 -1.22 -38.58 21.61
C VAL A 137 -0.14 -38.13 22.59
N ARG A 138 0.48 -36.97 22.34
CA ARG A 138 1.59 -36.53 23.18
C ARG A 138 1.17 -35.97 24.54
N SER A 139 -0.13 -35.72 24.72
CA SER A 139 -0.63 -35.29 26.04
C SER A 139 -1.20 -36.48 26.82
N GLY A 140 -1.15 -37.66 26.21
CA GLY A 140 -1.65 -38.87 26.86
C GLY A 140 -3.16 -38.94 26.91
N THR A 141 -3.84 -38.10 26.13
CA THR A 141 -5.29 -38.13 26.05
C THR A 141 -5.77 -39.33 25.23
N ALA A 142 -4.95 -39.75 24.28
CA ALA A 142 -5.29 -40.84 23.37
C ALA A 142 -4.04 -41.63 22.95
N ARG A 143 -4.18 -42.94 22.83
CA ARG A 143 -3.08 -43.77 22.36
C ARG A 143 -3.16 -44.04 20.85
N HIS A 144 -4.38 -44.07 20.32
CA HIS A 144 -4.62 -44.27 18.88
C HIS A 144 -5.73 -43.32 18.36
N VAL A 145 -5.39 -42.47 17.40
CA VAL A 145 -6.33 -41.48 16.89
C VAL A 145 -6.50 -41.70 15.41
N LEU A 146 -7.76 -41.80 14.99
CA LEU A 146 -8.06 -41.91 13.57
C LEU A 146 -8.32 -40.53 13.01
N VAL A 147 -7.65 -40.19 11.90
CA VAL A 147 -7.90 -38.90 11.21
C VAL A 147 -8.37 -39.18 9.79
N VAL A 148 -9.51 -38.62 9.41
CA VAL A 148 -10.03 -38.82 8.08
C VAL A 148 -10.26 -37.49 7.39
N GLY A 149 -9.60 -37.29 6.25
CA GLY A 149 -9.90 -36.14 5.42
C GLY A 149 -10.85 -36.66 4.36
N VAL A 150 -12.02 -36.06 4.23
CA VAL A 150 -13.04 -36.64 3.35
C VAL A 150 -14.00 -35.57 2.82
N GLU A 151 -14.36 -35.66 1.55
CA GLU A 151 -15.22 -34.67 0.93
C GLU A 151 -16.00 -35.27 -0.22
N ARG A 152 -17.25 -34.87 -0.35
CA ARG A 152 -17.95 -35.03 -1.61
C ARG A 152 -18.16 -33.62 -2.16
N LEU A 153 -17.08 -33.04 -2.66
CA LEU A 153 -17.09 -31.67 -3.18
C LEU A 153 -18.05 -31.51 -4.35
N SER A 154 -18.35 -32.60 -5.05
CA SER A 154 -19.23 -32.50 -6.20
C SER A 154 -20.63 -32.05 -5.77
N ASP A 155 -20.93 -32.17 -4.48
CA ASP A 155 -22.22 -31.68 -3.98
C ASP A 155 -22.31 -30.16 -3.92
N VAL A 156 -21.16 -29.49 -3.92
CA VAL A 156 -21.13 -28.03 -3.83
C VAL A 156 -20.40 -27.31 -5.00
N VAL A 157 -20.37 -27.92 -6.18
CA VAL A 157 -19.84 -27.22 -7.34
C VAL A 157 -20.97 -26.69 -8.23
N ASP A 158 -20.72 -25.57 -8.88
CA ASP A 158 -21.64 -25.05 -9.90
C ASP A 158 -21.01 -25.42 -11.23
N PRO A 159 -21.73 -26.21 -12.04
CA PRO A 159 -21.24 -26.71 -13.33
C PRO A 159 -20.89 -25.58 -14.31
N THR A 160 -21.46 -24.39 -14.08
CA THR A 160 -21.16 -23.23 -14.92
C THR A 160 -20.01 -22.39 -14.37
N ASP A 161 -19.49 -22.79 -13.20
CA ASP A 161 -18.39 -22.04 -12.57
C ASP A 161 -17.02 -22.35 -13.19
N ARG A 162 -16.36 -21.32 -13.70
CA ARG A 162 -15.00 -21.53 -14.21
C ARG A 162 -13.86 -21.20 -13.23
N SER A 163 -14.19 -20.87 -12.00
CA SER A 163 -13.13 -20.57 -11.03
C SER A 163 -12.59 -21.82 -10.35
N ILE A 164 -13.45 -22.80 -10.11
CA ILE A 164 -13.01 -23.95 -9.31
C ILE A 164 -13.74 -25.28 -9.60
N SER A 165 -14.98 -25.20 -10.07
CA SER A 165 -15.80 -26.40 -10.21
C SER A 165 -15.07 -27.61 -10.79
N PHE A 166 -14.48 -27.45 -11.96
CA PHE A 166 -13.92 -28.59 -12.69
C PHE A 166 -12.64 -29.13 -12.03
N LEU A 167 -12.09 -28.42 -11.05
CA LEU A 167 -10.88 -28.88 -10.36
C LEU A 167 -11.19 -29.93 -9.31
N LEU A 168 -12.43 -29.98 -8.85
CA LEU A 168 -12.73 -30.70 -7.63
C LEU A 168 -13.25 -32.12 -7.79
N GLY A 169 -12.74 -33.00 -6.93
CA GLY A 169 -13.13 -34.39 -6.95
C GLY A 169 -13.49 -34.84 -5.54
N ASP A 170 -13.92 -36.09 -5.43
CA ASP A 170 -14.44 -36.65 -4.19
C ASP A 170 -13.57 -37.81 -3.74
N GLY A 171 -13.54 -38.05 -2.44
CA GLY A 171 -12.90 -39.23 -1.91
C GLY A 171 -12.56 -39.08 -0.46
N ALA A 172 -11.86 -40.07 0.09
CA ALA A 172 -11.48 -40.05 1.50
C ALA A 172 -10.08 -40.59 1.67
N GLY A 173 -9.35 -40.02 2.62
CA GLY A 173 -8.02 -40.49 2.92
C GLY A 173 -7.89 -40.55 4.43
N ALA A 174 -7.37 -41.64 4.96
CA ALA A 174 -7.35 -41.81 6.41
C ALA A 174 -5.99 -42.16 6.96
N VAL A 175 -5.70 -41.68 8.16
CA VAL A 175 -4.42 -41.94 8.78
C VAL A 175 -4.67 -42.32 10.25
N ILE A 176 -3.82 -43.17 10.79
CA ILE A 176 -3.89 -43.46 12.23
C ILE A 176 -2.65 -42.99 12.97
N VAL A 177 -2.84 -42.13 13.96
CA VAL A 177 -1.72 -41.59 14.71
C VAL A 177 -1.63 -42.31 16.04
N ALA A 178 -0.45 -42.84 16.36
CA ALA A 178 -0.30 -43.62 17.57
C ALA A 178 0.86 -43.14 18.47
N ALA A 179 0.72 -43.41 19.76
CA ALA A 179 1.83 -43.24 20.69
C ALA A 179 3.08 -43.95 20.15
N SER A 180 4.24 -43.36 20.37
CA SER A 180 5.47 -43.92 19.83
C SER A 180 6.64 -43.58 20.72
N ASP A 181 7.68 -44.41 20.68
CA ASP A 181 8.93 -44.19 21.41
C ASP A 181 9.81 -43.17 20.69
N GLU A 182 9.80 -43.24 19.36
CA GLU A 182 10.60 -42.32 18.57
C GLU A 182 9.71 -41.32 17.84
N PRO A 183 10.16 -40.06 17.80
CA PRO A 183 9.48 -38.95 17.11
C PRO A 183 9.13 -39.31 15.67
N GLY A 184 7.85 -39.33 15.32
CA GLY A 184 7.43 -39.62 13.96
C GLY A 184 6.67 -38.48 13.31
N ILE A 185 6.33 -37.47 14.11
CA ILE A 185 5.61 -36.28 13.61
C ILE A 185 6.26 -35.01 14.16
N SER A 186 6.78 -34.18 13.28
CA SER A 186 7.46 -32.96 13.69
C SER A 186 6.45 -31.90 14.15
N PRO A 187 6.93 -30.87 14.86
CA PRO A 187 6.01 -29.86 15.44
C PRO A 187 5.21 -29.17 14.34
N SER A 188 3.89 -29.12 14.52
CA SER A 188 3.04 -28.55 13.49
C SER A 188 3.33 -27.07 13.27
N VAL A 189 3.31 -26.67 12.00
CA VAL A 189 3.32 -25.26 11.62
C VAL A 189 1.96 -24.97 10.95
N TRP A 190 1.09 -24.30 11.67
CA TRP A 190 -0.27 -24.16 11.17
C TRP A 190 -0.81 -22.80 11.57
N GLY A 191 -1.75 -22.29 10.77
CA GLY A 191 -2.23 -20.94 11.01
C GLY A 191 -3.43 -20.58 10.17
N SER A 192 -3.80 -19.30 10.23
CA SER A 192 -4.99 -18.82 9.57
C SER A 192 -4.77 -17.37 9.16
N ASP A 193 -5.52 -16.91 8.18
CA ASP A 193 -5.64 -15.49 7.93
C ASP A 193 -7.06 -15.17 7.54
N GLY A 194 -7.88 -14.92 8.54
CA GLY A 194 -9.28 -14.63 8.32
C GLY A 194 -9.51 -13.33 7.58
N GLU A 195 -8.49 -12.47 7.48
CA GLU A 195 -8.68 -11.25 6.71
C GLU A 195 -9.03 -11.63 5.28
N ARG A 196 -8.64 -12.82 4.88
CA ARG A 196 -8.82 -13.25 3.50
C ARG A 196 -9.85 -14.35 3.41
N TRP A 197 -10.82 -14.29 4.34
CA TRP A 197 -11.90 -15.29 4.42
C TRP A 197 -12.63 -15.48 3.08
N SER A 198 -12.77 -14.40 2.32
CA SER A 198 -13.59 -14.47 1.12
C SER A 198 -12.85 -14.97 -0.12
N THR A 199 -11.55 -15.22 0.00
CA THR A 199 -10.74 -15.62 -1.16
C THR A 199 -11.21 -16.94 -1.79
N ILE A 200 -11.51 -17.92 -0.95
CA ILE A 200 -12.16 -19.15 -1.37
C ILE A 200 -13.37 -19.25 -0.45
N SER A 201 -14.57 -19.32 -1.03
CA SER A 201 -15.78 -19.24 -0.23
C SER A 201 -16.98 -19.72 -1.02
N MET A 202 -18.14 -19.80 -0.36
CA MET A 202 -19.38 -20.19 -1.04
C MET A 202 -19.98 -18.94 -1.68
N THR A 203 -20.85 -19.12 -2.67
CA THR A 203 -21.49 -18.01 -3.38
C THR A 203 -22.33 -17.13 -2.46
N HIS A 204 -22.96 -17.76 -1.45
CA HIS A 204 -23.74 -17.02 -0.46
C HIS A 204 -24.19 -17.89 0.71
N SER A 205 -24.57 -17.22 1.78
CA SER A 205 -25.00 -17.86 3.01
C SER A 205 -26.21 -18.80 2.83
N GLN A 206 -26.22 -19.87 3.62
CA GLN A 206 -27.33 -20.80 3.62
C GLN A 206 -28.63 -20.09 4.00
N LEU A 207 -28.52 -19.05 4.83
CA LEU A 207 -29.70 -18.27 5.23
C LEU A 207 -30.44 -17.61 4.05
N GLU A 208 -29.73 -17.33 2.97
CA GLU A 208 -30.41 -16.75 1.82
C GLU A 208 -31.32 -17.81 1.25
N LEU A 209 -30.81 -19.03 1.24
CA LEU A 209 -31.57 -20.18 0.77
C LEU A 209 -32.76 -20.40 1.70
N ARG A 210 -32.52 -20.42 3.01
CA ARG A 210 -33.62 -20.49 3.97
C ARG A 210 -34.69 -19.45 3.66
N ASP A 211 -34.27 -18.17 3.62
CA ASP A 211 -35.24 -17.09 3.49
C ASP A 211 -36.10 -17.22 2.23
N ALA A 212 -35.46 -17.61 1.13
CA ALA A 212 -36.18 -17.75 -0.15
C ALA A 212 -37.19 -18.90 -0.14
N VAL A 213 -36.71 -20.08 0.21
CA VAL A 213 -37.56 -21.28 0.20
C VAL A 213 -38.74 -21.16 1.14
N GLU A 214 -38.51 -20.61 2.32
CA GLU A 214 -39.59 -20.51 3.30
C GLU A 214 -40.56 -19.36 2.99
N HIS A 215 -40.05 -18.30 2.37
CA HIS A 215 -40.91 -17.21 1.90
C HIS A 215 -41.78 -17.71 0.76
N ALA A 216 -41.19 -18.51 -0.11
CA ALA A 216 -41.94 -19.13 -1.20
C ALA A 216 -43.00 -20.05 -0.63
N ARG A 217 -42.58 -20.91 0.30
CA ARG A 217 -43.48 -21.88 0.92
C ARG A 217 -44.67 -21.23 1.63
N THR A 218 -44.41 -20.22 2.45
CA THR A 218 -45.50 -19.55 3.17
C THR A 218 -46.44 -18.76 2.26
N THR A 219 -45.89 -17.88 1.42
CA THR A 219 -46.70 -16.96 0.63
C THR A 219 -47.25 -17.54 -0.68
N GLY A 220 -46.79 -18.72 -1.06
CA GLY A 220 -47.21 -19.34 -2.31
C GLY A 220 -46.60 -18.69 -3.56
N ASP A 221 -45.87 -17.60 -3.37
CA ASP A 221 -45.16 -16.93 -4.46
C ASP A 221 -43.74 -17.46 -4.60
N ALA A 222 -43.51 -18.29 -5.62
CA ALA A 222 -42.20 -18.89 -5.80
C ALA A 222 -41.38 -18.23 -6.89
N SER A 223 -41.67 -16.97 -7.20
CA SER A 223 -40.75 -16.20 -8.03
C SER A 223 -39.44 -16.20 -7.26
N ALA A 224 -38.48 -15.37 -7.67
CA ALA A 224 -37.20 -15.32 -6.96
C ALA A 224 -36.47 -16.68 -6.98
N ILE A 225 -37.24 -17.75 -7.08
CA ILE A 225 -36.70 -19.10 -7.23
C ILE A 225 -36.85 -19.57 -8.68
N THR A 226 -38.08 -19.58 -9.16
CA THR A 226 -38.33 -19.97 -10.54
C THR A 226 -37.65 -19.03 -11.51
N GLY A 227 -37.53 -17.76 -11.11
CA GLY A 227 -36.91 -16.75 -11.96
C GLY A 227 -35.43 -16.53 -11.69
N ALA A 228 -34.86 -17.32 -10.78
CA ALA A 228 -33.46 -17.17 -10.42
C ALA A 228 -32.53 -17.60 -11.56
N GLU A 229 -31.62 -16.72 -11.94
CA GLU A 229 -30.70 -17.03 -13.03
C GLU A 229 -29.52 -17.89 -12.58
N GLY A 230 -28.97 -17.59 -11.40
CA GLY A 230 -27.91 -18.39 -10.83
C GLY A 230 -28.45 -19.37 -9.79
N MET A 231 -27.66 -20.37 -9.44
CA MET A 231 -28.07 -21.35 -8.44
C MET A 231 -28.37 -20.64 -7.13
N LEU A 232 -29.39 -21.08 -6.42
CA LEU A 232 -29.62 -20.62 -5.05
C LEU A 232 -28.87 -21.52 -4.06
N TRP A 233 -28.76 -22.81 -4.38
CA TRP A 233 -27.93 -23.71 -3.59
C TRP A 233 -26.51 -23.13 -3.58
N PRO A 234 -25.96 -22.87 -2.39
CA PRO A 234 -24.63 -22.27 -2.33
C PRO A 234 -23.59 -23.20 -2.91
N THR A 235 -22.65 -22.64 -3.67
CA THR A 235 -21.59 -23.44 -4.26
C THR A 235 -20.25 -22.76 -4.08
N LEU A 236 -19.18 -23.55 -4.22
CA LEU A 236 -17.82 -23.09 -3.99
C LEU A 236 -17.33 -22.18 -5.11
N ARG A 237 -16.51 -21.20 -4.74
CA ARG A 237 -15.97 -20.25 -5.71
C ARG A 237 -14.60 -19.84 -5.20
N GLN A 238 -13.75 -19.33 -6.10
CA GLN A 238 -12.47 -18.81 -5.65
C GLN A 238 -11.92 -17.70 -6.54
N ASP A 239 -11.13 -16.83 -5.95
CA ASP A 239 -10.29 -15.92 -6.70
C ASP A 239 -9.01 -16.70 -7.09
N GLY A 240 -9.03 -17.29 -8.29
CA GLY A 240 -7.95 -18.17 -8.74
C GLY A 240 -6.55 -17.59 -8.64
N PRO A 241 -6.33 -16.42 -9.24
CA PRO A 241 -5.01 -15.78 -9.20
C PRO A 241 -4.50 -15.51 -7.78
N SER A 242 -5.36 -15.04 -6.88
CA SER A 242 -4.94 -14.84 -5.48
C SER A 242 -4.51 -16.15 -4.84
N VAL A 243 -5.28 -17.21 -5.06
CA VAL A 243 -4.92 -18.51 -4.51
C VAL A 243 -3.52 -18.92 -4.92
N PHE A 244 -3.19 -18.75 -6.21
CA PHE A 244 -1.87 -19.14 -6.72
C PHE A 244 -0.74 -18.38 -6.04
N ARG A 245 -0.83 -17.06 -5.98
CA ARG A 245 0.20 -16.24 -5.34
C ARG A 245 0.41 -16.66 -3.88
N TRP A 246 -0.68 -16.92 -3.18
CA TRP A 246 -0.59 -17.32 -1.78
C TRP A 246 -0.10 -18.77 -1.67
N ALA A 247 -0.77 -19.66 -2.38
CA ALA A 247 -0.48 -21.10 -2.32
C ALA A 247 0.98 -21.43 -2.52
N VAL A 248 1.64 -20.69 -3.40
CA VAL A 248 3.02 -20.96 -3.75
C VAL A 248 4.01 -20.17 -2.91
N TRP A 249 3.92 -18.83 -2.97
CA TRP A 249 4.93 -17.97 -2.38
C TRP A 249 4.76 -17.77 -0.86
N SER A 250 3.53 -17.91 -0.36
CA SER A 250 3.32 -17.85 1.08
C SER A 250 3.53 -19.21 1.75
N MET A 251 2.94 -20.24 1.17
CA MET A 251 3.10 -21.58 1.70
C MET A 251 4.55 -22.07 1.62
N ALA A 252 5.33 -21.56 0.68
CA ALA A 252 6.71 -21.98 0.61
C ALA A 252 7.43 -21.57 1.91
N LYS A 253 7.04 -20.44 2.48
CA LYS A 253 7.64 -19.98 3.73
C LYS A 253 7.21 -20.89 4.87
N VAL A 254 5.94 -21.30 4.84
CA VAL A 254 5.42 -22.23 5.84
C VAL A 254 6.20 -23.56 5.76
N ALA A 255 6.37 -24.06 4.55
CA ALA A 255 7.10 -25.32 4.38
C ALA A 255 8.54 -25.22 4.91
N ARG A 256 9.23 -24.14 4.59
CA ARG A 256 10.59 -23.97 5.08
C ARG A 256 10.58 -23.87 6.61
N GLU A 257 9.56 -23.20 7.14
CA GLU A 257 9.42 -23.12 8.57
C GLU A 257 9.20 -24.52 9.19
N ALA A 258 8.33 -25.32 8.56
CA ALA A 258 8.07 -26.67 9.03
C ALA A 258 9.35 -27.52 8.99
N LEU A 259 10.06 -27.48 7.87
CA LEU A 259 11.36 -28.14 7.80
C LEU A 259 12.30 -27.67 8.92
N ASP A 260 12.38 -26.35 9.13
CA ASP A 260 13.30 -25.82 10.13
C ASP A 260 12.92 -26.30 11.53
N ALA A 261 11.64 -26.24 11.88
CA ALA A 261 11.18 -26.68 13.19
C ALA A 261 11.37 -28.18 13.37
N ALA A 262 11.36 -28.91 12.26
CA ALA A 262 11.55 -30.36 12.29
C ALA A 262 13.03 -30.71 12.51
N GLY A 263 13.91 -29.77 12.15
CA GLY A 263 15.34 -30.02 12.20
C GLY A 263 15.82 -30.82 11.00
N VAL A 264 15.31 -30.47 9.83
CA VAL A 264 15.43 -31.32 8.65
C VAL A 264 15.73 -30.45 7.41
N GLU A 265 16.52 -30.98 6.48
CA GLU A 265 16.81 -30.29 5.23
C GLU A 265 16.09 -31.01 4.10
N PRO A 266 15.83 -30.33 2.98
CA PRO A 266 15.14 -30.95 1.84
C PRO A 266 15.81 -32.26 1.37
N GLU A 267 17.13 -32.33 1.55
CA GLU A 267 17.93 -33.52 1.24
C GLU A 267 17.56 -34.73 2.10
N ASP A 268 17.00 -34.47 3.29
CA ASP A 268 16.57 -35.52 4.21
C ASP A 268 15.18 -36.07 3.87
N LEU A 269 14.46 -35.39 2.99
CA LEU A 269 13.10 -35.82 2.61
C LEU A 269 13.12 -37.00 1.63
N ALA A 270 12.21 -37.96 1.83
CA ALA A 270 11.99 -38.98 0.83
C ALA A 270 10.84 -38.55 -0.09
N ALA A 271 10.00 -37.65 0.40
CA ALA A 271 8.85 -37.23 -0.39
C ALA A 271 8.34 -35.86 0.01
N PHE A 272 7.69 -35.20 -0.95
CA PHE A 272 7.04 -33.93 -0.74
C PHE A 272 5.58 -34.11 -1.13
N ILE A 273 4.68 -33.97 -0.17
CA ILE A 273 3.28 -34.23 -0.43
C ILE A 273 2.43 -33.00 -0.15
N PRO A 274 2.41 -32.05 -1.08
CA PRO A 274 1.52 -30.92 -0.81
C PRO A 274 0.09 -31.30 -1.13
N HIS A 275 -0.84 -30.64 -0.46
CA HIS A 275 -2.22 -30.66 -0.87
C HIS A 275 -2.30 -30.51 -2.40
N GLN A 276 -3.12 -31.35 -3.04
CA GLN A 276 -3.23 -31.41 -4.50
C GLN A 276 -4.16 -30.34 -5.06
N ALA A 277 -3.73 -29.09 -4.99
CA ALA A 277 -4.58 -27.97 -5.35
C ALA A 277 -4.63 -27.76 -6.87
N ASN A 278 -3.48 -27.97 -7.51
CA ASN A 278 -3.29 -27.58 -8.88
C ASN A 278 -1.87 -27.97 -9.33
N MET A 279 -1.74 -28.63 -10.47
CA MET A 279 -0.41 -29.11 -10.87
C MET A 279 0.57 -27.95 -10.95
N ARG A 280 0.09 -26.82 -11.47
CA ARG A 280 0.90 -25.61 -11.56
C ARG A 280 1.39 -25.16 -10.17
N ILE A 281 0.48 -25.19 -9.19
CA ILE A 281 0.90 -24.88 -7.83
C ILE A 281 1.94 -25.88 -7.31
N ILE A 282 1.67 -27.17 -7.50
CA ILE A 282 2.59 -28.22 -7.06
C ILE A 282 3.99 -28.03 -7.65
N ASP A 283 4.07 -27.86 -8.97
CA ASP A 283 5.38 -27.67 -9.62
C ASP A 283 6.16 -26.47 -9.07
N GLU A 284 5.50 -25.32 -9.02
CA GLU A 284 6.16 -24.08 -8.63
C GLU A 284 6.61 -24.18 -7.17
N PHE A 285 5.76 -24.83 -6.37
CA PHE A 285 6.06 -25.12 -4.97
C PHE A 285 7.33 -25.98 -4.83
N ALA A 286 7.36 -27.12 -5.51
CA ALA A 286 8.52 -27.99 -5.50
C ALA A 286 9.79 -27.26 -5.92
N LYS A 287 9.69 -26.39 -6.92
CA LYS A 287 10.85 -25.64 -7.38
C LYS A 287 11.34 -24.70 -6.28
N GLN A 288 10.40 -24.09 -5.57
CA GLN A 288 10.75 -23.08 -4.58
C GLN A 288 11.50 -23.71 -3.38
N LEU A 289 11.15 -24.97 -3.08
CA LEU A 289 11.78 -25.70 -1.99
C LEU A 289 13.15 -26.26 -2.31
N LYS A 290 13.61 -26.05 -3.54
CA LYS A 290 14.91 -26.51 -3.99
C LYS A 290 15.16 -27.99 -3.71
N LEU A 291 14.20 -28.84 -4.01
CA LEU A 291 14.30 -30.27 -3.68
C LEU A 291 15.30 -30.94 -4.60
N PRO A 292 16.05 -31.93 -4.07
CA PRO A 292 16.88 -32.73 -4.97
C PRO A 292 15.97 -33.65 -5.78
N GLU A 293 16.53 -34.22 -6.83
CA GLU A 293 15.82 -35.04 -7.79
C GLU A 293 15.31 -36.31 -7.14
N SER A 294 15.95 -36.69 -6.05
CA SER A 294 15.60 -37.90 -5.32
C SER A 294 14.29 -37.79 -4.51
N VAL A 295 13.85 -36.57 -4.21
CA VAL A 295 12.58 -36.38 -3.49
C VAL A 295 11.39 -36.63 -4.42
N VAL A 296 10.54 -37.57 -4.04
CA VAL A 296 9.37 -37.90 -4.85
C VAL A 296 8.27 -36.87 -4.56
N VAL A 297 7.79 -36.21 -5.60
CA VAL A 297 6.71 -35.23 -5.48
C VAL A 297 5.35 -35.86 -5.82
N ALA A 298 4.41 -35.80 -4.87
CA ALA A 298 3.04 -36.28 -5.11
C ALA A 298 2.33 -35.48 -6.21
N ARG A 299 1.80 -36.17 -7.22
CA ARG A 299 1.03 -35.49 -8.27
C ARG A 299 -0.27 -36.23 -8.56
N ASP A 300 -0.83 -36.89 -7.55
CA ASP A 300 -2.09 -37.58 -7.68
C ASP A 300 -3.19 -36.76 -8.39
N ILE A 301 -3.12 -35.43 -8.27
CA ILE A 301 -4.15 -34.56 -8.84
C ILE A 301 -4.52 -34.86 -10.31
N ALA A 302 -3.57 -35.35 -11.10
CA ALA A 302 -3.82 -35.62 -12.52
C ALA A 302 -4.95 -36.61 -12.76
N ASP A 303 -5.10 -37.59 -11.87
CA ASP A 303 -6.12 -38.63 -12.01
C ASP A 303 -7.24 -38.51 -11.00
N ALA A 304 -6.96 -37.85 -9.87
CA ALA A 304 -7.95 -37.78 -8.80
C ALA A 304 -8.67 -36.44 -8.77
N GLY A 305 -8.07 -35.42 -9.39
CA GLY A 305 -8.54 -34.06 -9.23
C GLY A 305 -8.21 -33.57 -7.83
N ASN A 306 -8.71 -32.39 -7.47
CA ASN A 306 -8.48 -31.78 -6.17
C ASN A 306 -9.54 -32.25 -5.19
N THR A 307 -9.15 -33.11 -4.24
CA THR A 307 -10.07 -33.68 -3.26
C THR A 307 -9.96 -33.04 -1.87
N SER A 308 -9.46 -31.82 -1.83
CA SER A 308 -9.45 -31.04 -0.60
C SER A 308 -8.78 -31.81 0.57
N ALA A 309 -9.49 -31.93 1.70
CA ALA A 309 -8.92 -32.58 2.89
C ALA A 309 -8.42 -33.99 2.62
N ALA A 310 -9.07 -34.69 1.70
CA ALA A 310 -8.70 -36.03 1.32
C ALA A 310 -7.35 -36.04 0.61
N SER A 311 -6.96 -34.89 0.05
CA SER A 311 -5.92 -34.91 -0.98
C SER A 311 -4.57 -35.48 -0.52
N ILE A 312 -4.09 -35.06 0.65
CA ILE A 312 -2.77 -35.48 1.08
C ILE A 312 -2.66 -36.96 1.45
N PRO A 313 -3.59 -37.46 2.29
CA PRO A 313 -3.48 -38.89 2.59
C PRO A 313 -3.71 -39.75 1.35
N LEU A 314 -4.59 -39.34 0.44
CA LEU A 314 -4.77 -40.08 -0.81
C LEU A 314 -3.46 -40.15 -1.60
N ALA A 315 -2.75 -39.02 -1.68
CA ALA A 315 -1.51 -38.94 -2.44
C ALA A 315 -0.42 -39.74 -1.73
N MET A 316 -0.42 -39.69 -0.40
CA MET A 316 0.54 -40.45 0.39
C MET A 316 0.34 -41.93 0.13
N HIS A 317 -0.93 -42.33 0.14
CA HIS A 317 -1.30 -43.71 -0.13
C HIS A 317 -0.80 -44.17 -1.50
N ARG A 318 -0.97 -43.33 -2.50
CA ARG A 318 -0.51 -43.67 -3.84
C ARG A 318 1.02 -43.71 -3.90
N LEU A 319 1.68 -42.79 -3.21
CA LEU A 319 3.14 -42.77 -3.19
C LEU A 319 3.69 -44.09 -2.68
N LEU A 320 3.08 -44.62 -1.62
CA LEU A 320 3.57 -45.82 -0.97
C LEU A 320 3.31 -47.07 -1.79
N GLU A 321 2.17 -47.12 -2.47
CA GLU A 321 1.92 -48.25 -3.34
C GLU A 321 2.95 -48.27 -4.47
N GLU A 322 3.16 -47.11 -5.11
CA GLU A 322 4.06 -47.04 -6.24
C GLU A 322 5.55 -47.16 -5.87
N ASN A 323 5.90 -46.75 -4.65
CA ASN A 323 7.27 -46.88 -4.13
C ASN A 323 7.30 -47.37 -2.66
N PRO A 324 7.06 -48.67 -2.45
CA PRO A 324 7.00 -49.23 -1.09
C PRO A 324 8.22 -48.90 -0.22
N GLU A 325 9.35 -48.63 -0.84
CA GLU A 325 10.59 -48.38 -0.10
C GLU A 325 10.61 -47.03 0.62
N LEU A 326 9.62 -46.17 0.35
CA LEU A 326 9.54 -44.87 1.02
C LEU A 326 9.09 -45.03 2.48
N SER A 327 8.47 -46.16 2.80
CA SER A 327 8.06 -46.46 4.17
C SER A 327 9.24 -46.29 5.10
N GLY A 328 9.09 -45.49 6.15
CA GLY A 328 10.19 -45.20 7.06
C GLY A 328 10.95 -43.93 6.68
N GLY A 329 10.61 -43.38 5.52
CA GLY A 329 11.25 -42.15 5.04
C GLY A 329 10.50 -40.92 5.51
N LEU A 330 11.12 -39.75 5.42
CA LEU A 330 10.49 -38.50 5.85
C LEU A 330 9.71 -37.84 4.71
N ALA A 331 8.49 -37.40 5.02
CA ALA A 331 7.65 -36.69 4.07
C ALA A 331 7.20 -35.35 4.64
N LEU A 332 7.33 -34.30 3.85
CA LEU A 332 6.77 -33.00 4.19
C LEU A 332 5.35 -32.97 3.65
N GLN A 333 4.37 -32.74 4.53
CA GLN A 333 2.99 -32.59 4.09
C GLN A 333 2.52 -31.22 4.48
N ILE A 334 1.80 -30.58 3.57
CA ILE A 334 1.38 -29.21 3.82
C ILE A 334 0.09 -28.97 3.06
N GLY A 335 -0.96 -28.62 3.81
CA GLY A 335 -2.27 -28.34 3.24
C GLY A 335 -2.68 -26.90 3.46
N PHE A 336 -3.57 -26.39 2.59
CA PHE A 336 -3.91 -24.99 2.56
C PHE A 336 -5.24 -24.80 1.86
N GLY A 337 -6.15 -24.02 2.46
CA GLY A 337 -7.42 -23.75 1.81
C GLY A 337 -8.24 -22.61 2.39
N ALA A 338 -9.55 -22.63 2.11
CA ALA A 338 -10.48 -21.56 2.49
C ALA A 338 -10.34 -21.17 3.98
N GLY A 339 -10.34 -19.87 4.24
CA GLY A 339 -10.17 -19.41 5.61
C GLY A 339 -9.64 -17.99 5.71
N LEU A 340 -8.40 -17.78 5.25
CA LEU A 340 -7.56 -18.84 4.73
C LEU A 340 -6.94 -19.61 5.90
N VAL A 341 -6.67 -20.90 5.70
CA VAL A 341 -5.99 -21.69 6.71
C VAL A 341 -4.93 -22.60 6.09
N TYR A 342 -3.93 -22.98 6.88
CA TYR A 342 -2.87 -23.87 6.44
C TYR A 342 -2.30 -24.70 7.58
N GLY A 343 -1.72 -25.85 7.26
CA GLY A 343 -1.05 -26.68 8.24
C GLY A 343 0.03 -27.53 7.59
N ALA A 344 1.15 -27.72 8.30
CA ALA A 344 2.24 -28.52 7.78
C ALA A 344 2.99 -29.30 8.87
N GLN A 345 3.51 -30.46 8.49
CA GLN A 345 4.36 -31.29 9.36
C GLN A 345 5.35 -32.07 8.52
N VAL A 346 6.46 -32.44 9.14
CA VAL A 346 7.28 -33.50 8.58
C VAL A 346 6.90 -34.80 9.28
N VAL A 347 6.65 -35.84 8.50
CA VAL A 347 6.22 -37.10 9.08
C VAL A 347 7.06 -38.25 8.57
N ARG A 348 7.30 -39.23 9.45
CA ARG A 348 7.90 -40.49 9.07
C ARG A 348 6.83 -41.38 8.44
N LEU A 349 6.98 -41.73 7.17
CA LEU A 349 5.91 -42.46 6.48
C LEU A 349 5.76 -43.86 7.04
N PRO A 350 4.50 -44.32 7.15
CA PRO A 350 4.19 -45.66 7.72
C PRO A 350 4.72 -46.82 6.89
N THR B 2 18.94 -42.29 11.62
CA THR B 2 19.69 -41.32 10.83
C THR B 2 19.29 -39.89 11.22
N VAL B 3 18.13 -39.44 10.74
CA VAL B 3 17.63 -38.12 11.10
C VAL B 3 16.52 -38.18 12.15
N THR B 4 16.77 -37.59 13.31
CA THR B 4 15.78 -37.55 14.38
C THR B 4 15.01 -36.22 14.39
N LEU B 5 13.68 -36.31 14.30
CA LEU B 5 12.84 -35.14 14.25
C LEU B 5 12.83 -34.42 15.58
N LYS B 6 12.79 -33.09 15.53
CA LYS B 6 12.74 -32.29 16.74
C LYS B 6 11.34 -32.36 17.31
N GLN B 7 11.22 -32.09 18.61
CA GLN B 7 9.93 -32.15 19.27
C GLN B 7 9.78 -30.96 20.20
N HIS B 8 8.56 -30.49 20.37
CA HIS B 8 8.30 -29.38 21.30
C HIS B 8 8.46 -29.76 22.77
N GLU B 9 9.05 -28.87 23.57
CA GLU B 9 8.99 -28.98 25.03
C GLU B 9 7.53 -28.93 25.51
N ARG B 10 7.24 -29.59 26.63
CA ARG B 10 5.88 -29.64 27.15
C ARG B 10 5.74 -29.02 28.54
N PRO B 11 4.68 -28.22 28.74
CA PRO B 11 4.33 -27.61 30.03
C PRO B 11 3.97 -28.70 31.02
N ALA B 12 4.02 -28.40 32.31
CA ALA B 12 3.63 -29.37 33.32
C ALA B 12 2.12 -29.63 33.24
N ALA B 13 1.33 -28.60 32.96
CA ALA B 13 -0.13 -28.73 33.04
C ALA B 13 -0.85 -27.60 32.32
N SER B 14 -2.17 -27.54 32.50
CA SER B 14 -3.00 -26.52 31.89
C SER B 14 -4.05 -26.01 32.89
N ARG B 15 -4.66 -24.87 32.58
CA ARG B 15 -5.78 -24.38 33.38
C ARG B 15 -6.56 -23.32 32.63
N ILE B 16 -7.80 -23.09 33.06
CA ILE B 16 -8.64 -22.06 32.47
C ILE B 16 -8.29 -20.75 33.16
N VAL B 17 -8.10 -19.71 32.37
CA VAL B 17 -7.49 -18.51 32.90
C VAL B 17 -8.53 -17.37 32.88
N ALA B 18 -9.59 -17.55 32.11
CA ALA B 18 -10.70 -16.60 32.09
C ALA B 18 -11.88 -17.18 31.34
N VAL B 19 -13.06 -16.59 31.59
CA VAL B 19 -14.27 -16.93 30.85
C VAL B 19 -14.96 -15.62 30.47
N GLY B 20 -15.51 -15.58 29.25
CA GLY B 20 -16.22 -14.41 28.76
C GLY B 20 -17.56 -14.88 28.24
N ALA B 21 -18.47 -13.95 27.98
CA ALA B 21 -19.84 -14.28 27.62
C ALA B 21 -20.43 -13.26 26.66
N TYR B 22 -21.32 -13.73 25.80
CA TYR B 22 -22.19 -12.84 25.05
C TYR B 22 -23.61 -13.36 25.21
N ARG B 23 -24.48 -12.49 25.71
CA ARG B 23 -25.89 -12.81 25.87
C ARG B 23 -26.71 -11.81 25.08
N PRO B 24 -27.47 -12.27 24.10
CA PRO B 24 -28.42 -11.38 23.43
C PRO B 24 -29.35 -10.74 24.45
N ALA B 25 -29.72 -9.49 24.22
CA ALA B 25 -30.55 -8.74 25.17
C ALA B 25 -32.02 -9.13 25.10
N ASN B 26 -32.45 -9.67 23.95
CA ASN B 26 -33.85 -10.07 23.79
C ASN B 26 -34.15 -11.35 24.58
N LEU B 27 -34.77 -11.21 25.75
CA LEU B 27 -35.21 -12.36 26.52
C LEU B 27 -36.67 -12.63 26.18
N VAL B 28 -36.92 -13.80 25.60
CA VAL B 28 -38.25 -14.17 25.13
C VAL B 28 -38.97 -15.09 26.12
N PRO B 29 -40.12 -14.64 26.66
CA PRO B 29 -40.89 -15.43 27.62
C PRO B 29 -41.75 -16.50 26.93
N ASN B 30 -42.14 -17.51 27.69
CA ASN B 30 -42.90 -18.64 27.17
C ASN B 30 -44.14 -18.23 26.38
N GLU B 31 -44.78 -17.16 26.83
CA GLU B 31 -46.05 -16.68 26.27
C GLU B 31 -45.91 -16.38 24.78
N ASP B 32 -44.72 -15.94 24.36
CA ASP B 32 -44.50 -15.56 22.97
C ASP B 32 -44.33 -16.78 22.07
N LEU B 33 -44.26 -17.96 22.67
CA LEU B 33 -43.97 -19.18 21.92
C LEU B 33 -45.10 -20.20 21.94
N ILE B 34 -46.00 -20.09 22.92
CA ILE B 34 -46.98 -21.14 23.18
C ILE B 34 -48.01 -21.33 22.06
N GLY B 35 -48.34 -20.25 21.36
CA GLY B 35 -49.38 -20.30 20.34
C GLY B 35 -49.21 -21.45 19.36
N PRO B 36 -48.16 -21.38 18.53
CA PRO B 36 -47.92 -22.34 17.45
C PRO B 36 -47.70 -23.80 17.91
N ILE B 37 -47.38 -24.02 19.19
CA ILE B 37 -47.25 -25.37 19.71
C ILE B 37 -48.40 -25.74 20.63
N ASP B 38 -49.47 -24.95 20.62
CA ASP B 38 -50.59 -25.13 21.53
C ASP B 38 -50.16 -25.58 22.94
N SER B 39 -49.37 -24.76 23.62
CA SER B 39 -48.86 -25.10 24.93
C SER B 39 -49.22 -24.00 25.93
N SER B 40 -48.48 -23.95 27.03
CA SER B 40 -48.74 -22.94 28.05
C SER B 40 -47.47 -22.58 28.80
N ASP B 41 -47.49 -21.44 29.47
CA ASP B 41 -46.37 -21.06 30.31
C ASP B 41 -46.12 -22.15 31.36
N GLU B 42 -47.19 -22.58 32.02
CA GLU B 42 -47.12 -23.57 33.07
C GLU B 42 -46.51 -24.86 32.56
N TRP B 43 -47.06 -25.37 31.45
CA TRP B 43 -46.54 -26.61 30.88
C TRP B 43 -45.04 -26.48 30.62
N ILE B 44 -44.62 -25.36 30.04
CA ILE B 44 -43.20 -25.20 29.72
C ILE B 44 -42.32 -25.15 30.98
N ARG B 45 -42.77 -24.43 32.00
CA ARG B 45 -41.96 -24.35 33.21
C ARG B 45 -41.84 -25.74 33.86
N GLN B 46 -42.94 -26.50 33.89
CA GLN B 46 -42.89 -27.78 34.58
C GLN B 46 -42.10 -28.81 33.80
N ARG B 47 -42.16 -28.76 32.47
CA ARG B 47 -41.40 -29.69 31.67
C ARG B 47 -39.90 -29.36 31.64
N THR B 48 -39.55 -28.07 31.65
CA THR B 48 -38.17 -27.69 31.35
C THR B 48 -37.50 -26.75 32.33
N GLY B 49 -38.30 -26.12 33.19
CA GLY B 49 -37.76 -25.13 34.10
C GLY B 49 -37.43 -23.80 33.44
N ILE B 50 -37.82 -23.63 32.18
CA ILE B 50 -37.48 -22.40 31.48
C ILE B 50 -38.54 -21.32 31.64
N VAL B 51 -38.11 -20.11 31.98
CA VAL B 51 -39.00 -18.96 32.07
C VAL B 51 -38.82 -18.06 30.85
N THR B 52 -37.57 -17.74 30.52
CA THR B 52 -37.25 -17.02 29.28
C THR B 52 -36.06 -17.68 28.61
N ARG B 53 -35.89 -17.46 27.30
CA ARG B 53 -34.66 -17.86 26.62
C ARG B 53 -34.07 -16.69 25.82
N GLN B 54 -32.76 -16.69 25.64
CA GLN B 54 -32.08 -15.65 24.85
C GLN B 54 -32.34 -15.85 23.36
N ARG B 55 -32.64 -14.77 22.65
CA ARG B 55 -32.84 -14.84 21.20
C ARG B 55 -32.05 -13.73 20.47
N ALA B 56 -31.10 -14.12 19.63
CA ALA B 56 -30.26 -13.18 18.89
C ALA B 56 -31.05 -12.48 17.79
N THR B 57 -30.66 -11.24 17.48
CA THR B 57 -31.16 -10.54 16.29
C THR B 57 -30.39 -10.99 15.04
N ALA B 58 -30.83 -10.57 13.86
CA ALA B 58 -30.13 -10.87 12.62
C ALA B 58 -28.68 -10.44 12.69
N GLU B 59 -28.41 -9.31 13.32
CA GLU B 59 -27.04 -8.80 13.40
C GLU B 59 -26.17 -9.63 14.33
N GLU B 60 -26.79 -10.33 15.27
CA GLU B 60 -26.05 -11.11 16.26
C GLU B 60 -25.71 -12.50 15.73
N THR B 61 -24.82 -12.52 14.75
CA THR B 61 -24.42 -13.76 14.10
C THR B 61 -23.49 -14.52 15.02
N VAL B 62 -23.22 -15.76 14.65
CA VAL B 62 -22.27 -16.56 15.36
C VAL B 62 -20.91 -15.86 15.57
N PRO B 63 -20.30 -15.32 14.49
CA PRO B 63 -19.02 -14.65 14.71
C PRO B 63 -19.12 -13.45 15.64
N VAL B 64 -20.14 -12.61 15.45
CA VAL B 64 -20.33 -11.45 16.32
C VAL B 64 -20.40 -11.85 17.80
N MET B 65 -21.22 -12.85 18.12
CA MET B 65 -21.33 -13.29 19.51
C MET B 65 -20.02 -13.90 19.99
N ALA B 66 -19.42 -14.76 19.17
CA ALA B 66 -18.19 -15.44 19.54
C ALA B 66 -17.11 -14.40 19.84
N VAL B 67 -17.10 -13.33 19.04
CA VAL B 67 -16.06 -12.32 19.18
C VAL B 67 -16.24 -11.55 20.50
N GLY B 68 -17.48 -11.25 20.85
CA GLY B 68 -17.75 -10.53 22.09
C GLY B 68 -17.32 -11.33 23.32
N ALA B 69 -17.69 -12.61 23.34
CA ALA B 69 -17.29 -13.50 24.43
C ALA B 69 -15.76 -13.61 24.52
N ALA B 70 -15.13 -13.80 23.37
CA ALA B 70 -13.67 -13.92 23.31
C ALA B 70 -12.99 -12.66 23.83
N ARG B 71 -13.45 -11.49 23.41
CA ARG B 71 -12.84 -10.25 23.86
C ARG B 71 -12.95 -10.07 25.37
N GLU B 72 -14.11 -10.44 25.93
CA GLU B 72 -14.24 -10.38 27.39
C GLU B 72 -13.20 -11.26 28.06
N ALA B 73 -13.03 -12.49 27.54
CA ALA B 73 -12.06 -13.44 28.10
C ALA B 73 -10.62 -12.94 27.99
N LEU B 74 -10.29 -12.29 26.88
CA LEU B 74 -8.93 -11.79 26.71
C LEU B 74 -8.66 -10.71 27.75
N GLU B 75 -9.60 -9.79 27.85
CA GLU B 75 -9.51 -8.70 28.80
C GLU B 75 -9.32 -9.24 30.22
N ARG B 76 -10.13 -10.23 30.60
CA ARG B 76 -10.04 -10.72 31.95
C ARG B 76 -8.74 -11.48 32.21
N ALA B 77 -8.15 -12.04 31.15
CA ALA B 77 -6.91 -12.79 31.29
C ALA B 77 -5.69 -11.85 31.23
N GLY B 78 -5.94 -10.58 30.90
CA GLY B 78 -4.87 -9.61 30.69
C GLY B 78 -4.07 -9.89 29.41
N LEU B 79 -4.76 -10.45 28.42
CA LEU B 79 -4.11 -10.84 27.17
C LEU B 79 -4.63 -10.04 25.97
N GLN B 80 -3.85 -10.03 24.89
CA GLN B 80 -4.40 -9.56 23.61
C GLN B 80 -4.55 -10.70 22.62
N GLY B 81 -5.24 -10.45 21.51
CA GLY B 81 -5.50 -11.50 20.55
C GLY B 81 -4.22 -12.23 20.17
N SER B 82 -3.15 -11.47 19.97
CA SER B 82 -1.89 -12.01 19.47
C SER B 82 -1.18 -12.92 20.47
N ASP B 83 -1.74 -13.03 21.67
CA ASP B 83 -1.22 -13.97 22.64
C ASP B 83 -1.78 -15.38 22.42
N LEU B 84 -2.86 -15.50 21.65
CA LEU B 84 -3.49 -16.80 21.39
C LEU B 84 -2.72 -17.63 20.36
N ASP B 85 -2.64 -18.94 20.58
CA ASP B 85 -1.90 -19.84 19.70
C ASP B 85 -2.85 -20.77 18.95
N ALA B 86 -4.12 -20.70 19.29
CA ALA B 86 -5.12 -21.49 18.59
C ALA B 86 -6.49 -21.00 18.95
N VAL B 87 -7.42 -21.11 18.01
CA VAL B 87 -8.80 -20.72 18.21
C VAL B 87 -9.70 -21.88 17.83
N ILE B 88 -10.46 -22.37 18.80
CA ILE B 88 -11.44 -23.42 18.57
C ILE B 88 -12.86 -22.91 18.79
N VAL B 89 -13.70 -23.01 17.75
CA VAL B 89 -15.09 -22.60 17.87
C VAL B 89 -16.01 -23.82 17.73
N SER B 90 -16.79 -24.10 18.78
CA SER B 90 -17.72 -25.22 18.72
C SER B 90 -19.11 -24.68 18.45
N THR B 91 -19.62 -25.00 17.26
CA THR B 91 -20.90 -24.46 16.80
C THR B 91 -21.42 -25.39 15.73
N VAL B 92 -22.73 -25.46 15.58
CA VAL B 92 -23.30 -26.20 14.45
C VAL B 92 -24.26 -25.33 13.67
N THR B 93 -24.30 -24.04 14.01
CA THR B 93 -25.25 -23.10 13.41
C THR B 93 -24.62 -21.98 12.58
N PHE B 94 -23.33 -22.09 12.26
CA PHE B 94 -22.74 -21.14 11.31
C PHE B 94 -23.16 -21.50 9.89
N PRO B 95 -23.88 -20.58 9.21
CA PRO B 95 -24.54 -20.85 7.91
C PRO B 95 -23.61 -20.93 6.67
N HIS B 96 -22.40 -21.44 6.84
CA HIS B 96 -21.50 -21.67 5.70
C HIS B 96 -20.78 -22.97 5.88
N ALA B 97 -20.86 -23.85 4.90
CA ALA B 97 -20.08 -25.08 4.93
C ALA B 97 -18.59 -24.75 5.11
N THR B 98 -18.14 -23.69 4.44
CA THR B 98 -16.73 -23.32 4.49
C THR B 98 -16.65 -21.89 4.00
N PRO B 99 -15.62 -21.14 4.42
CA PRO B 99 -14.66 -21.46 5.47
C PRO B 99 -15.31 -21.40 6.85
N SER B 100 -14.49 -21.55 7.88
CA SER B 100 -15.00 -21.65 9.25
C SER B 100 -15.32 -20.27 9.88
N ALA B 101 -16.12 -20.31 10.93
CA ALA B 101 -16.37 -19.15 11.77
C ALA B 101 -15.10 -18.79 12.55
N ALA B 102 -14.35 -19.81 12.95
CA ALA B 102 -13.11 -19.63 13.70
C ALA B 102 -12.13 -18.73 12.95
N ALA B 103 -12.06 -18.91 11.63
CA ALA B 103 -11.14 -18.10 10.83
C ALA B 103 -11.53 -16.61 10.93
N LEU B 104 -12.82 -16.32 10.95
CA LEU B 104 -13.28 -14.93 11.04
C LEU B 104 -13.01 -14.40 12.44
N VAL B 105 -13.43 -15.18 13.44
CA VAL B 105 -13.25 -14.82 14.84
C VAL B 105 -11.78 -14.54 15.13
N ALA B 106 -10.90 -15.42 14.68
CA ALA B 106 -9.45 -15.26 14.91
C ALA B 106 -8.96 -13.93 14.37
N HIS B 107 -9.49 -13.55 13.20
CA HIS B 107 -9.09 -12.29 12.58
C HIS B 107 -9.58 -11.05 13.33
N GLU B 108 -10.89 -11.02 13.63
CA GLU B 108 -11.51 -9.90 14.35
C GLU B 108 -10.82 -9.59 15.66
N ILE B 109 -10.35 -10.62 16.36
CA ILE B 109 -9.79 -10.40 17.68
C ILE B 109 -8.29 -10.15 17.63
N GLY B 110 -7.74 -10.12 16.42
CA GLY B 110 -6.31 -9.91 16.26
C GLY B 110 -5.46 -11.12 16.65
N ALA B 111 -6.01 -12.32 16.49
CA ALA B 111 -5.25 -13.54 16.81
C ALA B 111 -4.47 -14.10 15.61
N THR B 112 -4.71 -13.57 14.41
CA THR B 112 -3.88 -13.91 13.25
C THR B 112 -2.39 -13.83 13.62
N PRO B 113 -1.60 -14.84 13.22
CA PRO B 113 -1.93 -15.99 12.36
C PRO B 113 -2.25 -17.29 13.09
N ALA B 114 -2.79 -17.20 14.30
CA ALA B 114 -3.08 -18.42 15.07
C ALA B 114 -4.00 -19.36 14.28
N PRO B 115 -3.74 -20.68 14.33
CA PRO B 115 -4.63 -21.65 13.67
C PRO B 115 -6.02 -21.59 14.28
N ALA B 116 -7.03 -21.87 13.47
CA ALA B 116 -8.41 -21.64 13.86
C ALA B 116 -9.31 -22.63 13.12
N TYR B 117 -10.17 -23.33 13.85
CA TYR B 117 -11.06 -24.29 13.22
C TYR B 117 -12.37 -24.43 14.02
N ASP B 118 -13.44 -24.81 13.32
CA ASP B 118 -14.73 -25.13 13.95
C ASP B 118 -14.79 -26.60 14.28
N VAL B 119 -15.40 -26.92 15.42
CA VAL B 119 -15.57 -28.30 15.83
C VAL B 119 -17.05 -28.61 15.82
N SER B 120 -17.41 -29.81 15.36
CA SER B 120 -18.81 -30.24 15.41
C SER B 120 -19.06 -31.35 16.43
N ALA B 121 -19.66 -30.98 17.57
CA ALA B 121 -19.89 -31.92 18.66
C ALA B 121 -21.10 -31.47 19.49
N ALA B 122 -21.98 -30.75 18.81
CA ALA B 122 -23.29 -30.47 19.34
C ALA B 122 -23.17 -29.85 20.73
N CYS B 123 -24.02 -30.28 21.68
CA CYS B 123 -24.07 -29.66 23.00
C CYS B 123 -22.88 -30.04 23.88
N ALA B 124 -22.16 -31.08 23.48
CA ALA B 124 -20.92 -31.44 24.18
C ALA B 124 -19.75 -30.63 23.60
N GLY B 125 -20.07 -29.74 22.66
CA GLY B 125 -19.07 -29.00 21.90
C GLY B 125 -18.02 -28.26 22.73
N TYR B 126 -18.44 -27.65 23.83
CA TYR B 126 -17.48 -26.91 24.63
C TYR B 126 -16.57 -27.86 25.38
N CYS B 127 -17.16 -28.92 25.92
CA CYS B 127 -16.36 -29.94 26.63
C CYS B 127 -15.37 -30.68 25.71
N TYR B 128 -15.79 -30.99 24.49
CA TYR B 128 -14.85 -31.47 23.45
C TYR B 128 -13.73 -30.46 23.25
N GLY B 129 -14.12 -29.20 23.11
CA GLY B 129 -13.17 -28.12 22.88
C GLY B 129 -12.17 -28.01 24.00
N VAL B 130 -12.62 -28.18 25.24
CA VAL B 130 -11.72 -28.07 26.38
C VAL B 130 -10.73 -29.24 26.38
N ALA B 131 -11.21 -30.44 26.06
CA ALA B 131 -10.33 -31.60 26.00
C ALA B 131 -9.26 -31.39 24.91
N GLN B 132 -9.68 -30.88 23.77
CA GLN B 132 -8.73 -30.52 22.72
C GLN B 132 -7.76 -29.45 23.18
N ALA B 133 -8.29 -28.39 23.80
CA ALA B 133 -7.45 -27.29 24.27
C ALA B 133 -6.43 -27.79 25.30
N ASP B 134 -6.88 -28.66 26.20
CA ASP B 134 -6.01 -29.25 27.21
C ASP B 134 -4.87 -30.05 26.55
N ALA B 135 -5.22 -30.85 25.53
CA ALA B 135 -4.23 -31.65 24.80
C ALA B 135 -3.21 -30.74 24.10
N LEU B 136 -3.70 -29.71 23.42
CA LEU B 136 -2.82 -28.76 22.73
C LEU B 136 -1.79 -28.12 23.68
N VAL B 137 -2.21 -27.77 24.89
CA VAL B 137 -1.32 -27.13 25.84
C VAL B 137 -0.33 -28.13 26.43
N ARG B 138 -0.83 -29.25 26.92
CA ARG B 138 0.06 -30.20 27.58
C ARG B 138 0.99 -30.92 26.60
N SER B 139 0.70 -30.82 25.30
CA SER B 139 1.61 -31.36 24.28
C SER B 139 2.60 -30.30 23.81
N GLY B 140 2.41 -29.07 24.26
CA GLY B 140 3.30 -27.97 23.89
C GLY B 140 3.05 -27.44 22.48
N THR B 141 1.92 -27.80 21.90
CA THR B 141 1.52 -27.30 20.59
C THR B 141 1.03 -25.85 20.71
N ALA B 142 0.38 -25.54 21.82
CA ALA B 142 -0.10 -24.19 22.06
C ALA B 142 0.13 -23.80 23.52
N ARG B 143 0.40 -22.53 23.80
CA ARG B 143 0.43 -22.13 25.21
C ARG B 143 -0.82 -21.38 25.65
N HIS B 144 -1.54 -20.79 24.70
CA HIS B 144 -2.83 -20.15 24.99
C HIS B 144 -3.86 -20.56 23.94
N VAL B 145 -4.95 -21.18 24.39
CA VAL B 145 -5.99 -21.65 23.47
C VAL B 145 -7.34 -21.04 23.80
N LEU B 146 -7.94 -20.43 22.81
CA LEU B 146 -9.27 -19.87 22.99
C LEU B 146 -10.29 -20.92 22.60
N VAL B 147 -11.25 -21.17 23.48
CA VAL B 147 -12.35 -22.07 23.16
C VAL B 147 -13.69 -21.31 23.31
N VAL B 148 -14.50 -21.33 22.25
CA VAL B 148 -15.79 -20.66 22.25
C VAL B 148 -16.88 -21.64 21.87
N GLY B 149 -17.85 -21.83 22.77
CA GLY B 149 -19.07 -22.54 22.43
C GLY B 149 -20.04 -21.44 22.00
N VAL B 150 -20.60 -21.55 20.80
CA VAL B 150 -21.50 -20.50 20.32
C VAL B 150 -22.55 -21.04 19.36
N GLU B 151 -23.79 -20.60 19.54
CA GLU B 151 -24.87 -21.03 18.68
C GLU B 151 -25.90 -19.93 18.50
N ARG B 152 -26.44 -19.85 17.29
CA ARG B 152 -27.69 -19.16 17.08
C ARG B 152 -28.73 -20.21 16.69
N LEU B 153 -29.16 -20.98 17.69
CA LEU B 153 -30.10 -22.09 17.49
C LEU B 153 -31.41 -21.61 16.88
N SER B 154 -31.75 -20.35 17.13
CA SER B 154 -32.99 -19.82 16.57
C SER B 154 -33.00 -19.94 15.04
N ASP B 155 -31.83 -20.02 14.41
CA ASP B 155 -31.82 -20.15 12.96
C ASP B 155 -32.32 -21.50 12.49
N VAL B 156 -32.34 -22.49 13.38
CA VAL B 156 -32.66 -23.85 12.98
C VAL B 156 -33.75 -24.50 13.84
N VAL B 157 -34.65 -23.69 14.37
CA VAL B 157 -35.85 -24.22 15.06
C VAL B 157 -37.08 -24.05 14.20
N ASP B 158 -38.05 -24.94 14.42
CA ASP B 158 -39.38 -24.86 13.80
C ASP B 158 -40.34 -24.43 14.88
N PRO B 159 -41.01 -23.29 14.69
CA PRO B 159 -41.90 -22.72 15.70
C PRO B 159 -43.05 -23.67 16.02
N THR B 160 -43.38 -24.59 15.12
CA THR B 160 -44.46 -25.55 15.38
C THR B 160 -43.99 -26.85 16.04
N ASP B 161 -42.67 -27.03 16.15
CA ASP B 161 -42.11 -28.22 16.74
C ASP B 161 -42.23 -28.27 18.28
N ARG B 162 -42.86 -29.32 18.78
CA ARG B 162 -43.04 -29.50 20.21
C ARG B 162 -41.86 -30.20 20.88
N SER B 163 -40.96 -30.78 20.09
CA SER B 163 -39.89 -31.59 20.70
C SER B 163 -38.71 -30.79 21.27
N ILE B 164 -38.38 -29.64 20.69
CA ILE B 164 -37.19 -28.93 21.15
C ILE B 164 -37.21 -27.40 20.93
N SER B 165 -38.00 -26.93 19.98
CA SER B 165 -37.93 -25.52 19.57
C SER B 165 -37.91 -24.52 20.73
N PHE B 166 -38.90 -24.61 21.62
CA PHE B 166 -39.05 -23.63 22.70
C PHE B 166 -37.96 -23.77 23.76
N LEU B 167 -37.20 -24.84 23.71
CA LEU B 167 -36.13 -25.03 24.69
C LEU B 167 -34.88 -24.22 24.39
N LEU B 168 -34.70 -23.83 23.13
CA LEU B 168 -33.38 -23.39 22.66
C LEU B 168 -33.18 -21.88 22.67
N GLY B 169 -31.99 -21.46 23.08
CA GLY B 169 -31.62 -20.05 23.10
C GLY B 169 -30.30 -19.80 22.39
N ASP B 170 -29.94 -18.53 22.24
CA ASP B 170 -28.76 -18.15 21.45
C ASP B 170 -27.72 -17.51 22.35
N GLY B 171 -26.43 -17.67 22.02
CA GLY B 171 -25.40 -17.01 22.80
C GLY B 171 -24.00 -17.56 22.61
N ALA B 172 -23.04 -16.97 23.31
CA ALA B 172 -21.65 -17.43 23.24
C ALA B 172 -21.00 -17.41 24.60
N GLY B 173 -20.26 -18.47 24.91
CA GLY B 173 -19.37 -18.47 26.05
C GLY B 173 -17.97 -18.89 25.65
N ALA B 174 -16.96 -18.28 26.27
CA ALA B 174 -15.60 -18.57 25.85
C ALA B 174 -14.69 -18.75 27.03
N VAL B 175 -13.68 -19.59 26.88
CA VAL B 175 -12.63 -19.64 27.89
C VAL B 175 -11.25 -19.62 27.24
N ILE B 176 -10.25 -19.16 28.00
CA ILE B 176 -8.87 -19.28 27.57
C ILE B 176 -8.13 -20.33 28.41
N VAL B 177 -7.54 -21.30 27.73
CA VAL B 177 -6.82 -22.40 28.37
C VAL B 177 -5.34 -22.14 28.21
N ALA B 178 -4.61 -22.09 29.33
CA ALA B 178 -3.21 -21.73 29.26
C ALA B 178 -2.27 -22.76 29.90
N ALA B 179 -1.01 -22.71 29.46
CA ALA B 179 0.04 -23.51 30.07
C ALA B 179 0.09 -23.22 31.57
N SER B 180 0.32 -24.27 32.36
CA SER B 180 0.24 -24.18 33.81
C SER B 180 1.28 -25.07 34.48
N ASP B 181 1.72 -24.69 35.68
CA ASP B 181 2.57 -25.55 36.50
C ASP B 181 1.74 -26.45 37.39
N GLU B 182 0.54 -26.01 37.73
CA GLU B 182 -0.35 -26.76 38.60
C GLU B 182 -1.53 -27.26 37.76
N PRO B 183 -1.88 -28.53 37.90
CA PRO B 183 -3.00 -29.11 37.13
C PRO B 183 -4.31 -28.36 37.40
N GLY B 184 -4.93 -27.82 36.36
CA GLY B 184 -6.17 -27.08 36.52
C GLY B 184 -7.31 -27.68 35.70
N ILE B 185 -6.99 -28.69 34.90
CA ILE B 185 -7.99 -29.39 34.13
C ILE B 185 -7.72 -30.90 34.24
N SER B 186 -8.71 -31.64 34.69
CA SER B 186 -8.54 -33.07 34.98
C SER B 186 -8.75 -33.84 33.67
N PRO B 187 -8.38 -35.14 33.66
CA PRO B 187 -8.47 -35.95 32.44
C PRO B 187 -9.88 -36.03 31.89
N SER B 188 -10.09 -35.71 30.62
CA SER B 188 -11.46 -35.70 30.10
C SER B 188 -12.06 -37.09 30.05
N VAL B 189 -13.35 -37.16 30.34
CA VAL B 189 -14.12 -38.36 30.06
C VAL B 189 -15.05 -37.98 28.93
N TRP B 190 -14.72 -38.42 27.71
CA TRP B 190 -15.53 -38.03 26.55
C TRP B 190 -15.76 -39.21 25.62
N GLY B 191 -16.83 -39.16 24.85
CA GLY B 191 -17.22 -40.30 24.06
C GLY B 191 -18.31 -40.01 23.06
N SER B 192 -18.75 -41.07 22.37
CA SER B 192 -19.82 -41.02 21.38
C SER B 192 -20.60 -42.33 21.37
N ASP B 193 -21.84 -42.27 20.91
CA ASP B 193 -22.59 -43.49 20.55
C ASP B 193 -23.36 -43.23 19.26
N GLY B 194 -22.69 -43.43 18.14
CA GLY B 194 -23.22 -43.06 16.85
C GLY B 194 -24.39 -43.94 16.48
N GLU B 195 -24.64 -44.99 17.26
CA GLU B 195 -25.80 -45.81 17.02
C GLU B 195 -27.08 -45.01 17.25
N ARG B 196 -26.99 -44.01 18.12
CA ARG B 196 -28.16 -43.18 18.42
C ARG B 196 -28.04 -41.82 17.80
N TRP B 197 -27.46 -41.81 16.60
CA TRP B 197 -27.26 -40.59 15.83
C TRP B 197 -28.59 -39.88 15.52
N SER B 198 -29.62 -40.67 15.25
CA SER B 198 -30.90 -40.07 14.89
C SER B 198 -31.72 -39.61 16.11
N THR B 199 -31.17 -39.74 17.32
CA THR B 199 -31.91 -39.42 18.53
C THR B 199 -32.20 -37.91 18.64
N ILE B 200 -31.17 -37.10 18.42
CA ILE B 200 -31.29 -35.67 18.22
C ILE B 200 -30.72 -35.44 16.82
N SER B 201 -31.52 -34.89 15.92
CA SER B 201 -31.08 -34.73 14.54
C SER B 201 -31.88 -33.66 13.83
N MET B 202 -31.50 -33.31 12.61
CA MET B 202 -32.29 -32.42 11.78
C MET B 202 -33.41 -33.21 11.14
N THR B 203 -34.48 -32.51 10.74
CA THR B 203 -35.63 -33.12 10.11
C THR B 203 -35.28 -33.89 8.84
N HIS B 204 -34.36 -33.33 8.06
CA HIS B 204 -33.84 -33.99 6.86
C HIS B 204 -32.55 -33.35 6.36
N SER B 205 -31.93 -34.00 5.38
CA SER B 205 -30.65 -33.58 4.82
C SER B 205 -30.74 -32.25 4.08
N GLN B 206 -29.65 -31.48 4.12
CA GLN B 206 -29.58 -30.27 3.30
C GLN B 206 -29.70 -30.58 1.82
N LEU B 207 -29.34 -31.81 1.44
CA LEU B 207 -29.41 -32.19 0.04
C LEU B 207 -30.86 -32.22 -0.48
N GLU B 208 -31.82 -32.54 0.39
CA GLU B 208 -33.22 -32.57 -0.06
C GLU B 208 -33.68 -31.15 -0.38
N LEU B 209 -33.17 -30.21 0.41
CA LEU B 209 -33.37 -28.79 0.14
C LEU B 209 -32.77 -28.44 -1.22
N ARG B 210 -31.51 -28.84 -1.45
CA ARG B 210 -30.85 -28.63 -2.73
C ARG B 210 -31.67 -29.15 -3.90
N ASP B 211 -32.10 -30.41 -3.82
CA ASP B 211 -32.83 -31.03 -4.91
C ASP B 211 -34.17 -30.33 -5.18
N ALA B 212 -34.83 -29.87 -4.12
CA ALA B 212 -36.12 -29.20 -4.26
C ALA B 212 -36.00 -27.83 -4.91
N VAL B 213 -35.02 -27.04 -4.47
CA VAL B 213 -34.88 -25.67 -4.95
C VAL B 213 -34.33 -25.62 -6.38
N GLU B 214 -33.28 -26.39 -6.65
CA GLU B 214 -32.67 -26.39 -7.97
C GLU B 214 -33.62 -27.00 -9.00
N HIS B 215 -34.43 -27.96 -8.56
CA HIS B 215 -35.39 -28.54 -9.47
C HIS B 215 -36.43 -27.51 -9.86
N ALA B 216 -36.97 -26.83 -8.86
CA ALA B 216 -37.93 -25.76 -9.08
C ALA B 216 -37.33 -24.64 -9.93
N ARG B 217 -36.08 -24.30 -9.65
CA ARG B 217 -35.38 -23.26 -10.39
C ARG B 217 -35.21 -23.57 -11.88
N THR B 218 -34.98 -24.85 -12.20
CA THR B 218 -34.61 -25.22 -13.58
C THR B 218 -35.77 -25.81 -14.38
N THR B 219 -36.91 -26.01 -13.74
CA THR B 219 -38.09 -26.48 -14.46
C THR B 219 -39.19 -25.42 -14.43
N GLY B 220 -39.13 -24.53 -13.45
CA GLY B 220 -40.16 -23.53 -13.26
C GLY B 220 -41.35 -24.13 -12.53
N ASP B 221 -41.32 -25.44 -12.33
CA ASP B 221 -42.35 -26.11 -11.54
C ASP B 221 -42.00 -26.00 -10.07
N ALA B 222 -42.68 -25.10 -9.37
CA ALA B 222 -42.31 -24.83 -7.99
C ALA B 222 -43.22 -25.54 -7.00
N SER B 223 -44.03 -26.48 -7.48
CA SER B 223 -44.75 -27.38 -6.59
C SER B 223 -43.71 -27.97 -5.66
N ALA B 224 -44.18 -28.63 -4.59
CA ALA B 224 -43.28 -29.23 -3.62
C ALA B 224 -42.65 -28.17 -2.73
N ILE B 225 -42.59 -26.93 -3.21
CA ILE B 225 -42.17 -25.84 -2.35
C ILE B 225 -43.39 -25.05 -1.85
N THR B 226 -44.19 -24.51 -2.77
CA THR B 226 -45.52 -24.01 -2.40
C THR B 226 -46.36 -25.25 -2.15
N GLY B 227 -47.23 -25.20 -1.14
CA GLY B 227 -48.02 -26.37 -0.81
C GLY B 227 -47.19 -27.49 -0.23
N ALA B 228 -46.00 -27.15 0.27
CA ALA B 228 -45.28 -28.07 1.14
C ALA B 228 -45.80 -27.83 2.55
N GLU B 229 -46.34 -28.86 3.16
CA GLU B 229 -46.70 -28.77 4.55
C GLU B 229 -45.44 -29.06 5.34
N GLY B 230 -45.03 -28.10 6.17
CA GLY B 230 -43.83 -28.28 6.95
C GLY B 230 -42.62 -27.67 6.27
N MET B 231 -41.61 -27.31 7.05
CA MET B 231 -40.46 -26.59 6.54
C MET B 231 -39.54 -27.46 5.65
N LEU B 232 -39.11 -26.88 4.54
CA LEU B 232 -38.11 -27.49 3.70
C LEU B 232 -36.72 -27.22 4.30
N TRP B 233 -36.57 -26.04 4.87
CA TRP B 233 -35.36 -25.70 5.61
C TRP B 233 -35.18 -26.67 6.78
N PRO B 234 -34.06 -27.43 6.82
CA PRO B 234 -33.87 -28.38 7.93
C PRO B 234 -33.93 -27.70 9.31
N THR B 235 -34.67 -28.31 10.23
CA THR B 235 -34.70 -27.84 11.61
C THR B 235 -34.43 -28.95 12.63
N LEU B 236 -33.96 -28.52 13.79
CA LEU B 236 -33.58 -29.42 14.87
C LEU B 236 -34.82 -30.09 15.47
N ARG B 237 -34.67 -31.36 15.82
CA ARG B 237 -35.70 -32.03 16.62
C ARG B 237 -35.07 -33.14 17.45
N GLN B 238 -35.82 -33.70 18.40
CA GLN B 238 -35.28 -34.75 19.26
C GLN B 238 -36.37 -35.66 19.78
N ASP B 239 -35.96 -36.86 20.17
CA ASP B 239 -36.84 -37.76 20.90
C ASP B 239 -36.62 -37.47 22.38
N GLY B 240 -37.41 -36.56 22.93
CA GLY B 240 -37.22 -36.08 24.27
C GLY B 240 -37.03 -37.14 25.34
N PRO B 241 -37.97 -38.10 25.41
CA PRO B 241 -37.90 -39.12 26.47
C PRO B 241 -36.62 -39.99 26.37
N SER B 242 -36.09 -40.19 25.17
CA SER B 242 -34.85 -40.95 25.04
C SER B 242 -33.65 -40.15 25.54
N VAL B 243 -33.64 -38.86 25.26
CA VAL B 243 -32.57 -38.00 25.75
C VAL B 243 -32.57 -37.98 27.28
N PHE B 244 -33.77 -37.90 27.85
CA PHE B 244 -33.89 -37.87 29.30
C PHE B 244 -33.41 -39.19 29.87
N ARG B 245 -33.93 -40.30 29.34
CA ARG B 245 -33.58 -41.62 29.84
C ARG B 245 -32.05 -41.76 29.77
N TRP B 246 -31.48 -41.27 28.69
CA TRP B 246 -30.04 -41.41 28.45
C TRP B 246 -29.25 -40.58 29.46
N ALA B 247 -29.67 -39.34 29.68
CA ALA B 247 -29.07 -38.50 30.70
C ALA B 247 -29.01 -39.18 32.08
N VAL B 248 -30.12 -39.77 32.52
CA VAL B 248 -30.16 -40.36 33.85
C VAL B 248 -29.49 -41.74 33.92
N TRP B 249 -29.67 -42.56 32.90
CA TRP B 249 -29.05 -43.87 32.90
C TRP B 249 -27.54 -43.79 32.66
N SER B 250 -27.10 -42.84 31.83
CA SER B 250 -25.75 -42.91 31.32
C SER B 250 -24.87 -41.74 31.69
N MET B 251 -25.40 -40.53 31.55
CA MET B 251 -24.57 -39.35 31.74
C MET B 251 -24.22 -39.09 33.20
N ALA B 252 -25.15 -39.40 34.10
CA ALA B 252 -24.85 -39.32 35.53
C ALA B 252 -23.56 -40.11 35.83
N LYS B 253 -23.45 -41.29 35.21
CA LYS B 253 -22.29 -42.15 35.39
C LYS B 253 -21.00 -41.59 34.82
N VAL B 254 -21.12 -40.99 33.65
CA VAL B 254 -19.98 -40.33 33.01
C VAL B 254 -19.48 -39.23 33.94
N ALA B 255 -20.42 -38.54 34.60
CA ALA B 255 -20.05 -37.44 35.51
C ALA B 255 -19.27 -37.96 36.72
N ARG B 256 -19.71 -39.11 37.26
CA ARG B 256 -19.00 -39.74 38.36
C ARG B 256 -17.62 -40.20 37.93
N GLU B 257 -17.50 -40.70 36.70
CA GLU B 257 -16.21 -41.14 36.18
C GLU B 257 -15.24 -39.98 36.11
N ALA B 258 -15.77 -38.78 35.82
CA ALA B 258 -14.90 -37.62 35.64
C ALA B 258 -14.31 -37.25 37.00
N LEU B 259 -15.14 -37.32 38.04
CA LEU B 259 -14.68 -37.16 39.42
C LEU B 259 -13.63 -38.21 39.75
N ASP B 260 -13.92 -39.47 39.44
CA ASP B 260 -12.96 -40.55 39.68
C ASP B 260 -11.63 -40.25 39.00
N ALA B 261 -11.66 -40.01 37.69
CA ALA B 261 -10.43 -39.74 36.94
C ALA B 261 -9.73 -38.48 37.43
N ALA B 262 -10.50 -37.59 38.06
CA ALA B 262 -9.92 -36.36 38.63
C ALA B 262 -9.26 -36.63 39.99
N GLY B 263 -9.65 -37.71 40.65
CA GLY B 263 -9.20 -37.98 42.01
C GLY B 263 -9.89 -37.06 43.01
N VAL B 264 -11.15 -36.75 42.72
CA VAL B 264 -11.92 -35.72 43.40
C VAL B 264 -13.25 -36.28 43.95
N GLU B 265 -13.67 -35.79 45.11
CA GLU B 265 -14.97 -36.17 45.68
C GLU B 265 -16.02 -35.06 45.49
N PRO B 266 -17.31 -35.40 45.58
CA PRO B 266 -18.33 -34.35 45.52
C PRO B 266 -18.14 -33.29 46.59
N GLU B 267 -17.61 -33.66 47.75
CA GLU B 267 -17.35 -32.70 48.82
C GLU B 267 -16.27 -31.68 48.44
N ASP B 268 -15.46 -32.04 47.46
CA ASP B 268 -14.36 -31.20 47.00
C ASP B 268 -14.78 -30.17 45.98
N LEU B 269 -16.01 -30.28 45.47
CA LEU B 269 -16.48 -29.35 44.46
C LEU B 269 -16.97 -28.04 45.05
N ALA B 270 -16.59 -26.94 44.40
CA ALA B 270 -17.18 -25.64 44.70
C ALA B 270 -18.46 -25.50 43.89
N ALA B 271 -18.51 -26.16 42.74
CA ALA B 271 -19.63 -25.97 41.80
C ALA B 271 -19.88 -27.17 40.86
N PHE B 272 -21.13 -27.28 40.42
CA PHE B 272 -21.52 -28.27 39.42
C PHE B 272 -22.13 -27.54 38.24
N ILE B 273 -21.49 -27.64 37.07
CA ILE B 273 -21.95 -26.90 35.89
C ILE B 273 -22.23 -27.85 34.73
N PRO B 274 -23.36 -28.56 34.79
CA PRO B 274 -23.76 -29.36 33.64
C PRO B 274 -24.25 -28.47 32.51
N HIS B 275 -24.25 -29.03 31.32
CA HIS B 275 -24.92 -28.45 30.16
C HIS B 275 -26.37 -28.18 30.54
N GLN B 276 -26.90 -27.02 30.16
CA GLN B 276 -28.22 -26.59 30.57
C GLN B 276 -29.29 -27.16 29.63
N ALA B 277 -29.48 -28.47 29.69
CA ALA B 277 -30.39 -29.14 28.76
C ALA B 277 -31.84 -28.99 29.17
N ASN B 278 -32.10 -29.09 30.47
CA ASN B 278 -33.44 -29.17 31.03
C ASN B 278 -33.28 -29.07 32.54
N MET B 279 -34.09 -28.25 33.20
CA MET B 279 -33.93 -28.10 34.65
C MET B 279 -34.07 -29.44 35.41
N ARG B 280 -34.97 -30.29 34.93
CA ARG B 280 -35.22 -31.58 35.57
C ARG B 280 -34.04 -32.53 35.48
N ILE B 281 -33.32 -32.47 34.36
CA ILE B 281 -32.09 -33.24 34.21
C ILE B 281 -31.01 -32.70 35.15
N ILE B 282 -30.85 -31.38 35.20
CA ILE B 282 -29.91 -30.76 36.13
C ILE B 282 -30.15 -31.24 37.57
N ASP B 283 -31.43 -31.23 37.98
CA ASP B 283 -31.77 -31.54 39.35
C ASP B 283 -31.56 -33.01 39.63
N GLU B 284 -31.95 -33.87 38.68
CA GLU B 284 -31.69 -35.29 38.79
C GLU B 284 -30.19 -35.59 38.91
N PHE B 285 -29.38 -34.97 38.06
CA PHE B 285 -27.92 -35.08 38.17
C PHE B 285 -27.46 -34.76 39.59
N ALA B 286 -27.83 -33.58 40.09
CA ALA B 286 -27.40 -33.11 41.40
C ALA B 286 -27.67 -34.14 42.49
N LYS B 287 -28.88 -34.67 42.48
CA LYS B 287 -29.30 -35.67 43.45
C LYS B 287 -28.48 -36.95 43.24
N GLN B 288 -28.40 -37.39 41.99
CA GLN B 288 -27.76 -38.64 41.65
C GLN B 288 -26.28 -38.65 42.03
N LEU B 289 -25.67 -37.48 42.05
CA LEU B 289 -24.23 -37.37 42.31
C LEU B 289 -23.96 -37.08 43.78
N LYS B 290 -25.02 -37.11 44.58
CA LYS B 290 -24.89 -36.92 46.02
C LYS B 290 -24.09 -35.67 46.39
N LEU B 291 -24.41 -34.54 45.75
CA LEU B 291 -23.71 -33.29 46.02
C LEU B 291 -24.10 -32.69 47.35
N PRO B 292 -23.13 -32.16 48.11
CA PRO B 292 -23.52 -31.55 49.38
C PRO B 292 -24.16 -30.19 49.11
N GLU B 293 -24.86 -29.66 50.12
CA GLU B 293 -25.57 -28.40 49.99
C GLU B 293 -24.64 -27.28 49.55
N SER B 294 -23.38 -27.35 49.96
CA SER B 294 -22.41 -26.29 49.69
C SER B 294 -22.03 -26.16 48.22
N VAL B 295 -22.26 -27.20 47.43
CA VAL B 295 -21.94 -27.13 46.00
C VAL B 295 -22.96 -26.30 45.25
N VAL B 296 -22.50 -25.27 44.54
CA VAL B 296 -23.41 -24.38 43.84
C VAL B 296 -23.78 -25.05 42.53
N VAL B 297 -25.07 -25.17 42.25
CA VAL B 297 -25.53 -25.81 41.03
C VAL B 297 -25.94 -24.75 40.01
N ALA B 298 -25.42 -24.87 38.79
CA ALA B 298 -25.72 -23.92 37.72
C ALA B 298 -27.11 -24.17 37.13
N ARG B 299 -27.89 -23.11 37.08
CA ARG B 299 -29.27 -23.19 36.62
C ARG B 299 -29.59 -21.97 35.77
N ASP B 300 -28.60 -21.56 34.96
CA ASP B 300 -28.78 -20.45 34.02
C ASP B 300 -29.96 -20.72 33.09
N ILE B 301 -30.28 -21.99 32.90
CA ILE B 301 -31.33 -22.39 31.96
C ILE B 301 -32.64 -21.62 32.17
N ALA B 302 -32.97 -21.30 33.41
CA ALA B 302 -34.26 -20.66 33.70
C ALA B 302 -34.45 -19.32 32.96
N ASP B 303 -33.32 -18.68 32.63
CA ASP B 303 -33.34 -17.34 32.05
C ASP B 303 -32.81 -17.32 30.63
N ALA B 304 -31.82 -18.17 30.35
CA ALA B 304 -31.14 -18.20 29.05
C ALA B 304 -31.75 -19.21 28.08
N GLY B 305 -32.44 -20.21 28.60
CA GLY B 305 -32.83 -21.38 27.82
C GLY B 305 -31.63 -22.29 27.58
N ASN B 306 -31.77 -23.28 26.71
CA ASN B 306 -30.69 -24.22 26.38
C ASN B 306 -29.86 -23.72 25.19
N THR B 307 -28.63 -23.27 25.46
CA THR B 307 -27.79 -22.64 24.43
C THR B 307 -26.74 -23.61 23.89
N SER B 308 -27.02 -24.90 24.07
CA SER B 308 -26.16 -25.94 23.51
C SER B 308 -24.69 -25.75 23.93
N ALA B 309 -23.79 -25.65 22.95
CA ALA B 309 -22.36 -25.58 23.25
C ALA B 309 -22.02 -24.39 24.16
N ALA B 310 -22.82 -23.34 24.06
CA ALA B 310 -22.54 -22.13 24.83
C ALA B 310 -22.90 -22.29 26.31
N SER B 311 -23.63 -23.36 26.64
CA SER B 311 -24.36 -23.35 27.91
C SER B 311 -23.44 -23.41 29.11
N ILE B 312 -22.40 -24.22 29.03
CA ILE B 312 -21.53 -24.38 30.18
C ILE B 312 -20.73 -23.10 30.46
N PRO B 313 -20.01 -22.58 29.46
CA PRO B 313 -19.29 -21.34 29.78
C PRO B 313 -20.20 -20.16 30.19
N LEU B 314 -21.38 -20.01 29.57
CA LEU B 314 -22.33 -18.98 30.02
C LEU B 314 -22.68 -19.16 31.50
N ALA B 315 -23.09 -20.36 31.86
CA ALA B 315 -23.47 -20.68 33.22
C ALA B 315 -22.31 -20.47 34.19
N MET B 316 -21.10 -20.82 33.74
CA MET B 316 -19.89 -20.58 34.54
C MET B 316 -19.68 -19.08 34.78
N HIS B 317 -19.78 -18.30 33.72
CA HIS B 317 -19.66 -16.85 33.79
C HIS B 317 -20.65 -16.32 34.82
N ARG B 318 -21.87 -16.85 34.80
CA ARG B 318 -22.91 -16.36 35.67
C ARG B 318 -22.65 -16.73 37.13
N LEU B 319 -22.18 -17.95 37.35
CA LEU B 319 -21.86 -18.35 38.72
C LEU B 319 -20.77 -17.46 39.31
N LEU B 320 -19.78 -17.10 38.50
CA LEU B 320 -18.67 -16.29 39.02
C LEU B 320 -19.12 -14.85 39.25
N GLU B 321 -19.98 -14.33 38.38
CA GLU B 321 -20.53 -13.00 38.64
C GLU B 321 -21.31 -13.00 39.96
N GLU B 322 -22.13 -14.03 40.21
CA GLU B 322 -22.96 -14.05 41.42
C GLU B 322 -22.23 -14.54 42.67
N ASN B 323 -21.24 -15.41 42.50
CA ASN B 323 -20.48 -15.90 43.64
C ASN B 323 -18.99 -15.75 43.35
N PRO B 324 -18.49 -14.50 43.38
CA PRO B 324 -17.10 -14.21 42.99
C PRO B 324 -16.10 -15.09 43.73
N GLU B 325 -16.48 -15.55 44.92
CA GLU B 325 -15.57 -16.29 45.78
C GLU B 325 -15.41 -17.75 45.36
N LEU B 326 -16.19 -18.15 44.36
CA LEU B 326 -16.02 -19.48 43.76
C LEU B 326 -14.72 -19.52 42.97
N SER B 327 -14.16 -18.35 42.68
CA SER B 327 -12.90 -18.27 41.97
C SER B 327 -11.86 -19.14 42.66
N GLY B 328 -11.21 -20.02 41.90
CA GLY B 328 -10.22 -20.92 42.45
C GLY B 328 -10.76 -22.24 42.99
N GLY B 329 -12.08 -22.43 42.91
CA GLY B 329 -12.68 -23.66 43.37
C GLY B 329 -12.85 -24.66 42.23
N LEU B 330 -13.05 -25.95 42.57
CA LEU B 330 -13.21 -26.98 41.54
C LEU B 330 -14.64 -27.07 41.04
N ALA B 331 -14.78 -27.15 39.72
CA ALA B 331 -16.10 -27.19 39.08
C ALA B 331 -16.19 -28.40 38.16
N LEU B 332 -17.25 -29.18 38.34
CA LEU B 332 -17.49 -30.32 37.49
C LEU B 332 -18.37 -29.88 36.33
N GLN B 333 -17.83 -29.98 35.12
CA GLN B 333 -18.61 -29.62 33.93
C GLN B 333 -18.86 -30.86 33.06
N ILE B 334 -20.07 -30.97 32.52
CA ILE B 334 -20.41 -32.10 31.67
C ILE B 334 -21.43 -31.68 30.62
N GLY B 335 -21.06 -31.89 29.36
CA GLY B 335 -21.93 -31.60 28.22
C GLY B 335 -22.26 -32.87 27.47
N PHE B 336 -23.42 -32.91 26.83
CA PHE B 336 -23.90 -34.12 26.16
C PHE B 336 -24.96 -33.69 25.14
N GLY B 337 -24.92 -34.28 23.95
CA GLY B 337 -25.83 -33.91 22.89
C GLY B 337 -25.81 -34.79 21.64
N ALA B 338 -26.33 -34.23 20.56
CA ALA B 338 -26.56 -35.00 19.33
C ALA B 338 -25.30 -35.75 18.85
N GLY B 339 -25.46 -36.97 18.40
CA GLY B 339 -24.31 -37.81 18.04
C GLY B 339 -24.59 -39.30 18.17
N LEU B 340 -24.89 -39.78 19.37
CA LEU B 340 -24.77 -39.02 20.61
C LEU B 340 -23.30 -38.81 20.97
N VAL B 341 -23.02 -37.71 21.68
CA VAL B 341 -21.67 -37.40 22.15
C VAL B 341 -21.72 -36.77 23.54
N TYR B 342 -20.63 -36.90 24.28
CA TYR B 342 -20.55 -36.35 25.62
C TYR B 342 -19.12 -36.05 26.00
N GLY B 343 -18.94 -35.11 26.91
CA GLY B 343 -17.64 -34.81 27.46
C GLY B 343 -17.79 -34.25 28.87
N ALA B 344 -16.80 -34.55 29.72
CA ALA B 344 -16.81 -34.01 31.06
C ALA B 344 -15.38 -33.87 31.61
N GLN B 345 -15.19 -32.85 32.46
CA GLN B 345 -13.92 -32.62 33.12
C GLN B 345 -14.22 -31.94 34.45
N VAL B 346 -13.26 -32.05 35.36
CA VAL B 346 -13.23 -31.23 36.56
C VAL B 346 -12.24 -30.11 36.30
N VAL B 347 -12.66 -28.88 36.55
CA VAL B 347 -11.89 -27.73 36.15
C VAL B 347 -11.77 -26.80 37.35
N ARG B 348 -10.66 -26.08 37.46
CA ARG B 348 -10.49 -25.12 38.53
C ARG B 348 -11.01 -23.77 38.02
N LEU B 349 -12.03 -23.21 38.67
CA LEU B 349 -12.63 -21.97 38.20
C LEU B 349 -11.58 -20.84 38.18
N PRO B 350 -11.58 -20.02 37.12
CA PRO B 350 -10.67 -18.88 37.14
C PRO B 350 -11.13 -17.82 38.14
N THR C 2 3.78 20.03 -64.67
CA THR C 2 4.29 19.02 -63.74
C THR C 2 3.25 17.93 -63.44
N VAL C 3 3.74 16.71 -63.24
CA VAL C 3 2.90 15.53 -63.03
C VAL C 3 2.14 15.53 -61.70
N THR C 4 1.06 14.76 -61.66
CA THR C 4 0.32 14.56 -60.42
C THR C 4 0.64 13.18 -59.81
N LEU C 5 1.28 13.19 -58.64
CA LEU C 5 1.69 11.97 -57.94
C LEU C 5 0.50 11.11 -57.51
N LYS C 6 0.57 9.82 -57.84
CA LYS C 6 -0.46 8.90 -57.39
C LYS C 6 -0.43 8.81 -55.87
N GLN C 7 -1.54 8.36 -55.29
CA GLN C 7 -1.66 8.27 -53.84
C GLN C 7 -2.38 6.98 -53.46
N HIS C 8 -2.12 6.50 -52.26
CA HIS C 8 -2.74 5.27 -51.78
C HIS C 8 -4.21 5.48 -51.45
N GLU C 9 -5.03 4.46 -51.70
CA GLU C 9 -6.40 4.48 -51.21
C GLU C 9 -6.41 4.19 -49.71
N ARG C 10 -7.49 4.59 -49.03
CA ARG C 10 -7.56 4.45 -47.58
C ARG C 10 -8.79 3.65 -47.14
N PRO C 11 -8.62 2.80 -46.12
CA PRO C 11 -9.70 1.99 -45.57
C PRO C 11 -10.56 2.85 -44.64
N ALA C 12 -11.73 2.32 -44.25
CA ALA C 12 -12.63 3.06 -43.39
C ALA C 12 -12.01 3.28 -42.02
N ALA C 13 -11.36 2.25 -41.49
CA ALA C 13 -10.87 2.29 -40.12
C ALA C 13 -9.89 1.19 -39.77
N SER C 14 -9.58 1.08 -38.49
CA SER C 14 -8.60 0.12 -38.01
C SER C 14 -9.09 -0.57 -36.76
N ARG C 15 -8.42 -1.66 -36.38
CA ARG C 15 -8.81 -2.43 -35.22
C ARG C 15 -7.72 -3.42 -34.91
N ILE C 16 -7.60 -3.78 -33.64
CA ILE C 16 -6.69 -4.84 -33.20
C ILE C 16 -7.37 -6.19 -33.45
N VAL C 17 -6.71 -7.10 -34.15
CA VAL C 17 -7.36 -8.35 -34.51
C VAL C 17 -6.92 -9.51 -33.63
N ALA C 18 -5.85 -9.31 -32.87
CA ALA C 18 -5.34 -10.36 -32.00
C ALA C 18 -4.23 -9.87 -31.10
N VAL C 19 -4.06 -10.55 -29.98
CA VAL C 19 -2.99 -10.26 -29.04
C VAL C 19 -2.27 -11.56 -28.69
N GLY C 20 -0.94 -11.48 -28.61
CA GLY C 20 -0.11 -12.61 -28.27
C GLY C 20 0.83 -12.22 -27.15
N ALA C 21 1.38 -13.23 -26.49
CA ALA C 21 2.15 -13.04 -25.27
C ALA C 21 3.33 -13.98 -25.22
N TYR C 22 4.42 -13.50 -24.64
CA TYR C 22 5.50 -14.39 -24.23
C TYR C 22 5.89 -14.05 -22.80
N ARG C 23 5.73 -15.01 -21.88
CA ARG C 23 6.09 -14.83 -20.47
C ARG C 23 7.19 -15.80 -20.08
N PRO C 24 8.34 -15.30 -19.64
CA PRO C 24 9.37 -16.20 -19.11
C PRO C 24 8.84 -16.99 -17.92
N ALA C 25 9.25 -18.25 -17.80
CA ALA C 25 8.69 -19.15 -16.78
C ALA C 25 9.34 -18.98 -15.41
N ASN C 26 10.43 -18.23 -15.34
CA ASN C 26 11.08 -18.01 -14.06
C ASN C 26 10.44 -16.83 -13.35
N LEU C 27 9.60 -17.14 -12.36
CA LEU C 27 8.98 -16.12 -11.53
C LEU C 27 9.84 -15.90 -10.30
N VAL C 28 10.35 -14.69 -10.15
CA VAL C 28 11.26 -14.37 -9.05
C VAL C 28 10.51 -13.67 -7.94
N PRO C 29 10.47 -14.29 -6.74
CA PRO C 29 9.80 -13.72 -5.56
C PRO C 29 10.64 -12.64 -4.88
N ASN C 30 9.98 -11.74 -4.16
CA ASN C 30 10.68 -10.66 -3.49
C ASN C 30 11.83 -11.13 -2.59
N GLU C 31 11.69 -12.29 -1.95
CA GLU C 31 12.72 -12.80 -1.04
C GLU C 31 14.09 -12.86 -1.72
N ASP C 32 14.10 -13.18 -3.01
CA ASP C 32 15.36 -13.34 -3.73
C ASP C 32 16.05 -12.02 -4.08
N LEU C 33 15.39 -10.89 -3.88
CA LEU C 33 15.96 -9.59 -4.27
C LEU C 33 16.23 -8.65 -3.11
N ILE C 34 15.61 -8.91 -1.96
CA ILE C 34 15.57 -7.94 -0.85
C ILE C 34 16.93 -7.70 -0.20
N GLY C 35 17.76 -8.74 -0.23
CA GLY C 35 19.04 -8.69 0.44
C GLY C 35 19.87 -7.46 0.15
N PRO C 36 20.26 -7.28 -1.13
CA PRO C 36 21.19 -6.21 -1.51
C PRO C 36 20.57 -4.82 -1.53
N ILE C 37 19.26 -4.71 -1.37
CA ILE C 37 18.62 -3.41 -1.26
C ILE C 37 18.12 -3.16 0.15
N ASP C 38 18.57 -3.99 1.08
CA ASP C 38 18.14 -3.87 2.48
C ASP C 38 16.66 -3.57 2.58
N SER C 39 15.83 -4.41 1.98
CA SER C 39 14.38 -4.22 1.98
C SER C 39 13.70 -5.45 2.54
N SER C 40 12.39 -5.55 2.32
CA SER C 40 11.62 -6.69 2.78
C SER C 40 10.53 -7.03 1.78
N ASP C 41 10.03 -8.26 1.86
CA ASP C 41 8.92 -8.68 1.03
C ASP C 41 7.70 -7.82 1.33
N GLU C 42 7.49 -7.54 2.61
CA GLU C 42 6.34 -6.79 3.08
C GLU C 42 6.33 -5.37 2.52
N TRP C 43 7.47 -4.68 2.61
CA TRP C 43 7.64 -3.34 2.04
C TRP C 43 7.37 -3.31 0.53
N ILE C 44 7.99 -4.22 -0.21
CA ILE C 44 7.77 -4.24 -1.66
C ILE C 44 6.29 -4.39 -2.00
N ARG C 45 5.63 -5.33 -1.35
CA ARG C 45 4.20 -5.55 -1.61
C ARG C 45 3.39 -4.26 -1.40
N GLN C 46 3.68 -3.54 -0.33
CA GLN C 46 2.89 -2.37 0.01
C GLN C 46 3.26 -1.16 -0.83
N ARG C 47 4.53 -1.06 -1.23
CA ARG C 47 4.97 0.05 -2.06
C ARG C 47 4.55 -0.09 -3.54
N THR C 48 4.43 -1.32 -4.03
CA THR C 48 4.28 -1.58 -5.47
C THR C 48 3.22 -2.62 -5.83
N GLY C 49 2.77 -3.38 -4.84
CA GLY C 49 1.88 -4.49 -5.10
C GLY C 49 2.50 -5.72 -5.78
N ILE C 50 3.82 -5.74 -5.92
CA ILE C 50 4.47 -6.87 -6.62
C ILE C 50 4.75 -8.05 -5.69
N VAL C 51 4.42 -9.24 -6.15
CA VAL C 51 4.71 -10.46 -5.43
C VAL C 51 5.84 -11.20 -6.14
N THR C 52 5.68 -11.40 -7.45
CA THR C 52 6.75 -11.95 -8.29
C THR C 52 6.95 -11.09 -9.54
N ARG C 53 8.08 -11.27 -10.20
CA ARG C 53 8.27 -10.69 -11.54
C ARG C 53 8.92 -11.71 -12.49
N GLN C 54 8.59 -11.61 -13.78
CA GLN C 54 9.13 -12.51 -14.78
C GLN C 54 10.58 -12.14 -15.06
N ARG C 55 11.46 -13.14 -14.96
CA ARG C 55 12.86 -12.94 -15.32
C ARG C 55 13.29 -13.92 -16.40
N ALA C 56 13.76 -13.37 -17.53
CA ALA C 56 14.14 -14.17 -18.69
C ALA C 56 15.51 -14.84 -18.52
N THR C 57 15.72 -15.99 -19.14
CA THR C 57 17.04 -16.62 -19.17
C THR C 57 17.87 -15.95 -20.25
N ALA C 58 19.17 -16.26 -20.28
CA ALA C 58 20.06 -15.74 -21.31
C ALA C 58 19.54 -16.06 -22.72
N GLU C 59 18.97 -17.25 -22.89
CA GLU C 59 18.49 -17.68 -24.20
C GLU C 59 17.24 -16.94 -24.63
N GLU C 60 16.48 -16.44 -23.66
CA GLU C 60 15.24 -15.73 -23.95
C GLU C 60 15.52 -14.27 -24.26
N THR C 61 16.12 -14.06 -25.44
CA THR C 61 16.52 -12.73 -25.85
C THR C 61 15.27 -11.93 -26.28
N VAL C 62 15.48 -10.66 -26.59
CA VAL C 62 14.39 -9.85 -27.09
C VAL C 62 13.75 -10.44 -28.36
N PRO C 63 14.57 -10.85 -29.35
CA PRO C 63 13.98 -11.44 -30.56
C PRO C 63 13.20 -12.73 -30.28
N VAL C 64 13.79 -13.64 -29.50
CA VAL C 64 13.12 -14.88 -29.16
C VAL C 64 11.76 -14.60 -28.52
N MET C 65 11.74 -13.69 -27.55
CA MET C 65 10.49 -13.37 -26.89
C MET C 65 9.52 -12.73 -27.87
N ALA C 66 9.99 -11.75 -28.65
CA ALA C 66 9.09 -11.03 -29.54
C ALA C 66 8.49 -12.00 -30.55
N VAL C 67 9.32 -12.92 -31.03
CA VAL C 67 8.89 -13.90 -32.02
C VAL C 67 7.77 -14.79 -31.49
N GLY C 68 7.94 -15.32 -30.27
CA GLY C 68 6.90 -16.12 -29.65
C GLY C 68 5.56 -15.39 -29.56
N ALA C 69 5.62 -14.15 -29.08
CA ALA C 69 4.38 -13.38 -28.97
C ALA C 69 3.78 -13.11 -30.34
N ALA C 70 4.63 -12.76 -31.29
CA ALA C 70 4.19 -12.49 -32.67
C ALA C 70 3.49 -13.72 -33.28
N ARG C 71 4.10 -14.89 -33.12
CA ARG C 71 3.52 -16.13 -33.67
C ARG C 71 2.15 -16.43 -33.05
N GLU C 72 1.98 -16.13 -31.77
CA GLU C 72 0.68 -16.39 -31.13
C GLU C 72 -0.37 -15.45 -31.71
N ALA C 73 0.00 -14.18 -31.88
CA ALA C 73 -0.92 -13.20 -32.43
C ALA C 73 -1.32 -13.58 -33.86
N LEU C 74 -0.36 -14.10 -34.63
CA LEU C 74 -0.64 -14.53 -35.98
C LEU C 74 -1.64 -15.70 -35.97
N GLU C 75 -1.31 -16.73 -35.21
CA GLU C 75 -2.19 -17.88 -35.05
C GLU C 75 -3.61 -17.42 -34.80
N ARG C 76 -3.78 -16.65 -33.73
CA ARG C 76 -5.09 -16.18 -33.33
C ARG C 76 -5.79 -15.39 -34.44
N ALA C 77 -5.03 -14.60 -35.19
CA ALA C 77 -5.61 -13.80 -36.27
C ALA C 77 -5.96 -14.65 -37.49
N GLY C 78 -5.52 -15.90 -37.48
CA GLY C 78 -5.64 -16.77 -38.63
C GLY C 78 -4.77 -16.25 -39.77
N LEU C 79 -3.64 -15.65 -39.43
CA LEU C 79 -2.74 -15.04 -40.41
C LEU C 79 -1.41 -15.79 -40.54
N GLN C 80 -0.69 -15.53 -41.63
CA GLN C 80 0.69 -15.98 -41.82
C GLN C 80 1.62 -14.79 -41.81
N GLY C 81 2.90 -15.03 -41.52
CA GLY C 81 3.86 -13.95 -41.44
C GLY C 81 3.75 -13.07 -42.68
N SER C 82 3.56 -13.71 -43.84
CA SER C 82 3.59 -13.00 -45.12
C SER C 82 2.39 -12.09 -45.32
N ASP C 83 1.42 -12.17 -44.42
CA ASP C 83 0.28 -11.28 -44.49
C ASP C 83 0.60 -9.92 -43.86
N LEU C 84 1.70 -9.86 -43.13
CA LEU C 84 2.08 -8.60 -42.47
C LEU C 84 2.71 -7.60 -43.44
N ASP C 85 2.36 -6.33 -43.28
CA ASP C 85 2.89 -5.27 -44.15
C ASP C 85 3.84 -4.31 -43.43
N ALA C 86 4.01 -4.53 -42.14
CA ALA C 86 4.92 -3.70 -41.34
C ALA C 86 5.15 -4.33 -39.98
N VAL C 87 6.36 -4.19 -39.45
CA VAL C 87 6.72 -4.77 -38.18
C VAL C 87 7.35 -3.69 -37.32
N ILE C 88 6.70 -3.41 -36.19
CA ILE C 88 7.16 -2.38 -35.28
C ILE C 88 7.50 -3.04 -33.94
N VAL C 89 8.75 -2.88 -33.50
CA VAL C 89 9.17 -3.42 -32.21
C VAL C 89 9.53 -2.27 -31.28
N SER C 90 8.79 -2.17 -30.17
CA SER C 90 9.12 -1.17 -29.13
C SER C 90 9.92 -1.83 -28.04
N THR C 91 11.15 -1.36 -27.91
CA THR C 91 12.08 -1.97 -26.97
C THR C 91 13.20 -1.00 -26.76
N VAL C 92 13.79 -1.00 -25.57
CA VAL C 92 15.01 -0.25 -25.32
C VAL C 92 16.14 -1.18 -24.83
N THR C 93 15.88 -2.48 -24.82
CA THR C 93 16.88 -3.42 -24.27
C THR C 93 17.53 -4.36 -25.29
N PHE C 94 17.35 -4.09 -26.58
CA PHE C 94 18.07 -4.87 -27.59
C PHE C 94 19.52 -4.39 -27.63
N PRO C 95 20.47 -5.28 -27.25
CA PRO C 95 21.87 -4.90 -27.04
C PRO C 95 22.68 -4.65 -28.31
N HIS C 96 22.06 -4.13 -29.37
CA HIS C 96 22.80 -3.72 -30.56
C HIS C 96 22.29 -2.39 -31.05
N ALA C 97 23.19 -1.44 -31.26
CA ALA C 97 22.81 -0.15 -31.82
C ALA C 97 22.13 -0.34 -33.18
N THR C 98 22.65 -1.27 -33.97
CA THR C 98 22.13 -1.52 -35.31
C THR C 98 22.62 -2.91 -35.75
N PRO C 99 21.87 -3.61 -36.59
CA PRO C 99 20.54 -3.28 -37.09
C PRO C 99 19.50 -3.54 -36.00
N SER C 100 18.23 -3.37 -36.35
CA SER C 100 17.15 -3.48 -35.38
C SER C 100 16.80 -4.93 -35.00
N ALA C 101 16.09 -5.09 -33.89
CA ALA C 101 15.48 -6.36 -33.52
C ALA C 101 14.36 -6.70 -34.49
N ALA C 102 13.63 -5.67 -34.91
CA ALA C 102 12.48 -5.82 -35.83
C ALA C 102 12.82 -6.53 -37.13
N ALA C 103 14.01 -6.24 -37.66
CA ALA C 103 14.43 -6.89 -38.89
C ALA C 103 14.58 -8.40 -38.67
N LEU C 104 15.11 -8.80 -37.51
CA LEU C 104 15.27 -10.23 -37.19
C LEU C 104 13.91 -10.86 -36.97
N VAL C 105 13.04 -10.13 -36.28
CA VAL C 105 11.73 -10.63 -35.99
C VAL C 105 10.96 -10.86 -37.29
N ALA C 106 11.00 -9.87 -38.18
CA ALA C 106 10.28 -9.96 -39.46
C ALA C 106 10.73 -11.22 -40.21
N HIS C 107 12.03 -11.44 -40.24
CA HIS C 107 12.56 -12.62 -40.91
C HIS C 107 12.13 -13.91 -40.22
N GLU C 108 12.22 -13.95 -38.90
CA GLU C 108 11.94 -15.21 -38.19
C GLU C 108 10.51 -15.68 -38.37
N ILE C 109 9.56 -14.74 -38.42
CA ILE C 109 8.14 -15.07 -38.54
C ILE C 109 7.68 -15.16 -40.01
N GLY C 110 8.61 -15.01 -40.95
CA GLY C 110 8.27 -15.09 -42.37
C GLY C 110 7.52 -13.86 -42.91
N ALA C 111 7.85 -12.68 -42.41
CA ALA C 111 7.16 -11.46 -42.80
C ALA C 111 7.93 -10.71 -43.89
N THR C 112 9.17 -11.13 -44.13
CA THR C 112 9.94 -10.65 -45.27
C THR C 112 9.06 -10.61 -46.52
N PRO C 113 9.08 -9.49 -47.27
CA PRO C 113 9.96 -8.32 -47.11
C PRO C 113 9.33 -7.12 -46.40
N ALA C 114 8.31 -7.34 -45.58
CA ALA C 114 7.66 -6.24 -44.86
C ALA C 114 8.67 -5.30 -44.19
N PRO C 115 8.45 -3.97 -44.30
CA PRO C 115 9.30 -3.02 -43.60
C PRO C 115 9.26 -3.28 -42.09
N ALA C 116 10.38 -3.05 -41.41
CA ALA C 116 10.51 -3.40 -40.01
C ALA C 116 11.47 -2.45 -39.32
N TYR C 117 11.05 -1.94 -38.16
CA TYR C 117 11.87 -1.01 -37.41
C TYR C 117 11.62 -1.06 -35.90
N ASP C 118 12.62 -0.61 -35.13
CA ASP C 118 12.49 -0.50 -33.67
C ASP C 118 12.07 0.91 -33.30
N VAL C 119 11.25 1.03 -32.26
CA VAL C 119 10.83 2.32 -31.74
C VAL C 119 11.39 2.49 -30.33
N SER C 120 11.97 3.66 -30.04
CA SER C 120 12.38 4.01 -28.68
C SER C 120 11.43 5.01 -28.00
N ALA C 121 10.53 4.50 -27.16
CA ALA C 121 9.61 5.35 -26.42
C ALA C 121 9.29 4.72 -25.07
N ALA C 122 10.27 4.02 -24.50
CA ALA C 122 10.19 3.56 -23.11
C ALA C 122 8.93 2.75 -22.81
N CYS C 123 8.33 3.00 -21.64
CA CYS C 123 7.14 2.26 -21.21
C CYS C 123 5.88 2.68 -21.96
N ALA C 124 5.95 3.80 -22.68
CA ALA C 124 4.85 4.19 -23.58
C ALA C 124 5.00 3.52 -24.94
N GLY C 125 6.04 2.71 -25.08
CA GLY C 125 6.37 2.09 -26.35
C GLY C 125 5.29 1.35 -27.10
N TYR C 126 4.48 0.58 -26.39
CA TYR C 126 3.43 -0.15 -27.08
C TYR C 126 2.34 0.80 -27.59
N CYS C 127 1.98 1.78 -26.76
CA CYS C 127 0.96 2.77 -27.13
C CYS C 127 1.42 3.69 -28.27
N TYR C 128 2.70 4.05 -28.28
CA TYR C 128 3.31 4.73 -29.42
C TYR C 128 3.20 3.86 -30.68
N GLY C 129 3.50 2.56 -30.53
CA GLY C 129 3.46 1.66 -31.66
C GLY C 129 2.05 1.47 -32.19
N VAL C 130 1.08 1.48 -31.30
CA VAL C 130 -0.31 1.33 -31.72
C VAL C 130 -0.76 2.58 -32.49
N ALA C 131 -0.30 3.75 -32.04
CA ALA C 131 -0.60 5.02 -32.72
C ALA C 131 -0.02 5.04 -34.14
N GLN C 132 1.21 4.56 -34.27
CA GLN C 132 1.86 4.46 -35.57
C GLN C 132 1.18 3.41 -36.44
N ALA C 133 0.88 2.24 -35.86
CA ALA C 133 0.16 1.20 -36.60
C ALA C 133 -1.17 1.75 -37.13
N ASP C 134 -1.87 2.48 -36.29
CA ASP C 134 -3.19 3.02 -36.64
C ASP C 134 -3.06 3.99 -37.80
N ALA C 135 -2.09 4.90 -37.73
CA ALA C 135 -1.85 5.81 -38.85
C ALA C 135 -1.45 5.04 -40.12
N LEU C 136 -0.56 4.05 -39.98
CA LEU C 136 -0.13 3.27 -41.13
C LEU C 136 -1.34 2.65 -41.83
N VAL C 137 -2.27 2.10 -41.04
CA VAL C 137 -3.45 1.46 -41.62
C VAL C 137 -4.40 2.48 -42.26
N ARG C 138 -4.75 3.51 -41.51
CA ARG C 138 -5.74 4.45 -42.02
C ARG C 138 -5.19 5.39 -43.11
N SER C 139 -3.88 5.42 -43.26
CA SER C 139 -3.28 6.17 -44.34
C SER C 139 -3.16 5.27 -45.58
N GLY C 140 -3.47 3.99 -45.41
CA GLY C 140 -3.42 3.04 -46.51
C GLY C 140 -2.01 2.56 -46.84
N THR C 141 -1.05 2.87 -45.97
CA THR C 141 0.32 2.42 -46.12
C THR C 141 0.46 0.91 -45.82
N ALA C 142 -0.32 0.42 -44.87
CA ALA C 142 -0.28 -0.97 -44.46
C ALA C 142 -1.69 -1.50 -44.20
N ARG C 143 -1.92 -2.77 -44.49
CA ARG C 143 -3.22 -3.36 -44.21
C ARG C 143 -3.18 -4.18 -42.94
N HIS C 144 -2.00 -4.72 -42.62
CA HIS C 144 -1.76 -5.45 -41.37
C HIS C 144 -0.42 -5.06 -40.76
N VAL C 145 -0.44 -4.51 -39.55
CA VAL C 145 0.80 -4.13 -38.88
C VAL C 145 0.98 -4.91 -37.58
N LEU C 146 2.13 -5.56 -37.42
CA LEU C 146 2.46 -6.20 -36.15
C LEU C 146 3.10 -5.18 -35.21
N VAL C 147 2.59 -5.09 -33.99
CA VAL C 147 3.20 -4.26 -32.95
C VAL C 147 3.62 -5.15 -31.79
N VAL C 148 4.92 -5.10 -31.45
CA VAL C 148 5.44 -5.90 -30.34
C VAL C 148 6.08 -4.99 -29.27
N GLY C 149 5.56 -5.07 -28.05
CA GLY C 149 6.26 -4.47 -26.90
C GLY C 149 7.06 -5.58 -26.26
N VAL C 150 8.37 -5.35 -26.09
CA VAL C 150 9.25 -6.40 -25.59
C VAL C 150 10.50 -5.85 -24.91
N GLU C 151 10.86 -6.43 -23.76
CA GLU C 151 12.02 -5.97 -23.01
C GLU C 151 12.66 -7.11 -22.22
N ARG C 152 13.98 -7.12 -22.19
CA ARG C 152 14.65 -7.88 -21.17
C ARG C 152 15.27 -6.85 -20.22
N LEU C 153 14.41 -6.24 -19.40
CA LEU C 153 14.82 -5.19 -18.47
C LEU C 153 15.92 -5.65 -17.52
N SER C 154 15.91 -6.93 -17.18
CA SER C 154 16.91 -7.46 -16.26
C SER C 154 18.33 -7.27 -16.76
N ASP C 155 18.50 -7.06 -18.07
CA ASP C 155 19.84 -6.79 -18.59
C ASP C 155 20.40 -5.44 -18.16
N VAL C 156 19.52 -4.55 -17.73
CA VAL C 156 19.94 -3.21 -17.38
C VAL C 156 19.48 -2.77 -15.98
N VAL C 157 19.35 -3.73 -15.05
CA VAL C 157 19.12 -3.38 -13.66
C VAL C 157 20.35 -3.54 -12.78
N ASP C 158 20.42 -2.72 -11.75
CA ASP C 158 21.46 -2.84 -10.75
C ASP C 158 20.81 -3.46 -9.51
N PRO C 159 21.21 -4.70 -9.15
CA PRO C 159 20.63 -5.45 -8.03
C PRO C 159 20.62 -4.64 -6.73
N THR C 160 21.56 -3.69 -6.59
CA THR C 160 21.67 -2.86 -5.39
C THR C 160 20.89 -1.55 -5.49
N ASP C 161 20.32 -1.26 -6.66
CA ASP C 161 19.52 -0.04 -6.84
C ASP C 161 18.15 -0.18 -6.19
N ARG C 162 17.80 0.77 -5.33
CA ARG C 162 16.51 0.69 -4.65
C ARG C 162 15.40 1.52 -5.30
N SER C 163 15.74 2.30 -6.33
CA SER C 163 14.73 3.12 -6.99
C SER C 163 13.86 2.37 -7.99
N ILE C 164 14.41 1.37 -8.69
CA ILE C 164 13.63 0.71 -9.74
C ILE C 164 13.90 -0.78 -9.92
N SER C 165 15.12 -1.22 -9.59
CA SER C 165 15.55 -2.58 -9.93
C SER C 165 14.49 -3.66 -9.70
N PHE C 166 13.96 -3.75 -8.48
CA PHE C 166 13.11 -4.87 -8.12
C PHE C 166 11.71 -4.77 -8.76
N LEU C 167 11.39 -3.64 -9.37
CA LEU C 167 10.07 -3.54 -10.02
C LEU C 167 9.99 -4.26 -11.35
N LEU C 168 11.15 -4.44 -11.99
CA LEU C 168 11.16 -4.67 -13.43
C LEU C 168 11.18 -6.14 -13.79
N GLY C 169 10.33 -6.50 -14.75
CA GLY C 169 10.31 -7.83 -15.31
C GLY C 169 10.61 -7.86 -16.81
N ASP C 170 10.70 -9.07 -17.33
CA ASP C 170 11.05 -9.32 -18.71
C ASP C 170 9.82 -9.93 -19.39
N GLY C 171 9.68 -9.70 -20.70
CA GLY C 171 8.62 -10.32 -21.48
C GLY C 171 8.32 -9.61 -22.79
N ALA C 172 7.34 -10.13 -23.51
CA ALA C 172 6.89 -9.56 -24.77
C ALA C 172 5.37 -9.70 -24.89
N GLY C 173 4.74 -8.70 -25.47
CA GLY C 173 3.35 -8.78 -25.83
C GLY C 173 3.24 -8.20 -27.22
N ALA C 174 2.36 -8.77 -28.03
CA ALA C 174 2.27 -8.35 -29.42
C ALA C 174 0.80 -8.22 -29.78
N VAL C 175 0.55 -7.34 -30.73
CA VAL C 175 -0.81 -7.11 -31.19
C VAL C 175 -0.74 -6.94 -32.72
N ILE C 176 -1.81 -7.30 -33.42
CA ILE C 176 -1.85 -7.13 -34.86
C ILE C 176 -2.96 -6.16 -35.19
N VAL C 177 -2.60 -5.08 -35.88
CA VAL C 177 -3.56 -4.03 -36.25
C VAL C 177 -3.92 -4.18 -37.74
N ALA C 178 -5.21 -4.13 -38.05
CA ALA C 178 -5.68 -4.36 -39.41
C ALA C 178 -6.62 -3.27 -39.91
N ALA C 179 -6.67 -3.11 -41.23
CA ALA C 179 -7.71 -2.30 -41.85
C ALA C 179 -9.06 -2.89 -41.48
N SER C 180 -10.04 -2.04 -41.24
CA SER C 180 -11.36 -2.54 -40.87
C SER C 180 -12.44 -1.61 -41.39
N ASP C 181 -13.70 -2.01 -41.23
CA ASP C 181 -14.78 -1.24 -41.79
C ASP C 181 -15.47 -0.34 -40.76
N GLU C 182 -15.16 -0.57 -39.49
CA GLU C 182 -15.70 0.25 -38.42
C GLU C 182 -14.60 0.61 -37.43
N PRO C 183 -14.75 1.73 -36.72
CA PRO C 183 -13.65 2.22 -35.88
C PRO C 183 -13.37 1.26 -34.74
N GLY C 184 -12.11 0.90 -34.56
CA GLY C 184 -11.73 -0.05 -33.53
C GLY C 184 -10.64 0.51 -32.65
N ILE C 185 -10.11 1.68 -33.02
CA ILE C 185 -9.04 2.33 -32.28
C ILE C 185 -9.28 3.83 -32.26
N SER C 186 -9.50 4.39 -31.09
CA SER C 186 -9.78 5.82 -30.98
C SER C 186 -8.52 6.65 -31.23
N PRO C 187 -8.68 7.95 -31.50
CA PRO C 187 -7.53 8.84 -31.75
C PRO C 187 -6.59 8.91 -30.55
N SER C 188 -5.32 8.62 -30.77
CA SER C 188 -4.35 8.56 -29.69
C SER C 188 -4.16 9.93 -29.06
N VAL C 189 -4.07 9.94 -27.75
CA VAL C 189 -3.59 11.10 -27.02
C VAL C 189 -2.20 10.66 -26.61
N TRP C 190 -1.19 11.28 -27.21
CA TRP C 190 0.19 10.91 -26.92
C TRP C 190 1.03 12.15 -26.95
N GLY C 191 2.14 12.13 -26.23
CA GLY C 191 2.95 13.32 -26.07
C GLY C 191 4.26 13.03 -25.36
N SER C 192 4.92 14.10 -24.93
CA SER C 192 6.24 13.99 -24.31
C SER C 192 6.50 15.23 -23.44
N ASP C 193 7.45 15.10 -22.51
CA ASP C 193 7.98 16.26 -21.82
C ASP C 193 9.47 16.08 -21.60
N GLY C 194 10.27 16.45 -22.61
CA GLY C 194 11.71 16.28 -22.57
C GLY C 194 12.42 17.07 -21.50
N GLU C 195 11.77 18.08 -20.95
CA GLU C 195 12.35 18.81 -19.83
C GLU C 195 12.57 17.87 -18.65
N ARG C 196 11.79 16.80 -18.59
CA ARG C 196 11.94 15.84 -17.49
C ARG C 196 12.63 14.56 -18.00
N TRP C 197 13.54 14.74 -18.95
CA TRP C 197 14.30 13.65 -19.55
C TRP C 197 15.02 12.79 -18.50
N SER C 198 15.58 13.42 -17.48
CA SER C 198 16.39 12.70 -16.49
C SER C 198 15.58 12.02 -15.39
N THR C 199 14.27 12.23 -15.38
CA THR C 199 13.42 11.68 -14.33
C THR C 199 13.52 10.16 -14.21
N ILE C 200 13.44 9.47 -15.34
CA ILE C 200 13.72 8.04 -15.44
C ILE C 200 14.83 7.92 -16.49
N SER C 201 15.95 7.30 -16.14
CA SER C 201 17.09 7.28 -17.07
C SER C 201 18.16 6.28 -16.67
N MET C 202 19.20 6.15 -17.52
CA MET C 202 20.36 5.32 -17.19
C MET C 202 21.31 6.08 -16.25
N THR C 203 22.11 5.35 -15.49
CA THR C 203 23.08 5.94 -14.57
C THR C 203 24.09 6.83 -15.28
N HIS C 204 24.55 6.40 -16.45
CA HIS C 204 25.49 7.20 -17.24
C HIS C 204 25.53 6.79 -18.72
N SER C 205 26.16 7.62 -19.53
CA SER C 205 26.30 7.35 -20.96
C SER C 205 27.04 6.05 -21.25
N GLN C 206 26.71 5.43 -22.37
CA GLN C 206 27.47 4.29 -22.87
C GLN C 206 28.87 4.76 -23.25
N LEU C 207 29.01 6.06 -23.55
CA LEU C 207 30.31 6.59 -23.95
C LEU C 207 31.29 6.63 -22.79
N GLU C 208 30.79 6.55 -21.56
CA GLU C 208 31.70 6.52 -20.41
C GLU C 208 32.24 5.12 -20.30
N LEU C 209 31.37 4.18 -20.64
CA LEU C 209 31.76 2.78 -20.71
C LEU C 209 32.83 2.61 -21.77
N ARG C 210 32.57 3.10 -22.98
CA ARG C 210 33.57 3.04 -24.05
C ARG C 210 34.90 3.61 -23.59
N ASP C 211 34.89 4.86 -23.11
CA ASP C 211 36.12 5.55 -22.74
C ASP C 211 36.90 4.82 -21.65
N ALA C 212 36.18 4.29 -20.66
CA ALA C 212 36.81 3.56 -19.57
C ALA C 212 37.47 2.26 -20.04
N VAL C 213 36.77 1.50 -20.88
CA VAL C 213 37.25 0.19 -21.31
C VAL C 213 38.38 0.29 -22.33
N GLU C 214 38.25 1.20 -23.29
CA GLU C 214 39.27 1.35 -24.34
C GLU C 214 40.50 2.07 -23.81
N HIS C 215 40.36 2.75 -22.68
CA HIS C 215 41.52 3.34 -22.03
C HIS C 215 42.31 2.25 -21.33
N ALA C 216 41.61 1.27 -20.79
CA ALA C 216 42.26 0.15 -20.11
C ALA C 216 42.88 -0.80 -21.12
N ARG C 217 42.19 -1.02 -22.24
CA ARG C 217 42.68 -1.94 -23.26
C ARG C 217 43.99 -1.46 -23.87
N THR C 218 44.13 -0.14 -24.03
CA THR C 218 45.32 0.41 -24.69
C THR C 218 46.49 0.62 -23.72
N THR C 219 46.33 1.51 -22.74
CA THR C 219 47.40 1.78 -21.79
C THR C 219 47.82 0.56 -20.97
N GLY C 220 46.88 -0.34 -20.71
CA GLY C 220 47.13 -1.50 -19.89
C GLY C 220 46.71 -1.25 -18.46
N ASP C 221 46.34 0.00 -18.20
CA ASP C 221 45.95 0.45 -16.88
C ASP C 221 44.46 0.21 -16.61
N ALA C 222 44.16 -0.72 -15.71
CA ALA C 222 42.77 -1.07 -15.42
C ALA C 222 42.03 0.07 -14.69
N SER C 223 42.16 0.11 -13.37
CA SER C 223 41.47 1.11 -12.55
C SER C 223 41.28 2.41 -13.31
N ALA C 224 40.10 3.02 -13.19
CA ALA C 224 39.06 2.56 -12.28
C ALA C 224 37.97 1.72 -12.96
N ILE C 225 38.38 0.57 -13.47
CA ILE C 225 37.42 -0.50 -13.77
C ILE C 225 37.50 -1.43 -12.57
N THR C 226 38.72 -1.76 -12.19
CA THR C 226 38.99 -2.36 -10.90
C THR C 226 38.95 -1.27 -9.85
N GLY C 227 38.44 -1.60 -8.67
CA GLY C 227 38.35 -0.63 -7.60
C GLY C 227 37.29 0.40 -7.93
N ALA C 228 36.30 -0.04 -8.71
CA ALA C 228 35.16 0.79 -9.02
C ALA C 228 33.99 0.34 -8.16
N GLU C 229 33.49 1.25 -7.33
CA GLU C 229 32.24 1.00 -6.63
C GLU C 229 31.10 1.50 -7.50
N GLY C 230 30.14 0.62 -7.78
CA GLY C 230 29.07 0.98 -8.69
C GLY C 230 29.38 0.47 -10.08
N MET C 231 28.36 -0.09 -10.72
CA MET C 231 28.53 -0.71 -12.03
C MET C 231 28.94 0.30 -13.10
N LEU C 232 29.84 -0.14 -13.97
CA LEU C 232 30.24 0.68 -15.09
C LEU C 232 29.22 0.50 -16.21
N TRP C 233 28.68 -0.70 -16.30
CA TRP C 233 27.59 -0.96 -17.23
C TRP C 233 26.38 -0.06 -16.89
N PRO C 234 25.94 0.77 -17.83
CA PRO C 234 24.81 1.67 -17.54
C PRO C 234 23.56 0.92 -17.10
N THR C 235 22.86 1.50 -16.13
CA THR C 235 21.73 0.81 -15.55
C THR C 235 20.55 1.75 -15.25
N LEU C 236 19.35 1.20 -15.34
CA LEU C 236 18.14 2.00 -15.20
C LEU C 236 17.96 2.57 -13.79
N ARG C 237 17.38 3.77 -13.71
CA ARG C 237 17.12 4.42 -12.44
C ARG C 237 15.95 5.40 -12.58
N GLN C 238 15.34 5.80 -11.48
CA GLN C 238 14.25 6.76 -11.54
C GLN C 238 14.14 7.56 -10.25
N ASP C 239 13.55 8.75 -10.35
CA ASP C 239 13.11 9.52 -9.19
C ASP C 239 11.68 9.09 -8.92
N GLY C 240 11.50 8.11 -8.04
CA GLY C 240 10.21 7.49 -7.80
C GLY C 240 9.08 8.42 -7.41
N PRO C 241 9.32 9.27 -6.40
CA PRO C 241 8.26 10.20 -5.98
C PRO C 241 7.84 11.11 -7.13
N SER C 242 8.76 11.52 -7.99
CA SER C 242 8.39 12.37 -9.12
C SER C 242 7.54 11.60 -10.15
N VAL C 243 7.88 10.35 -10.41
CA VAL C 243 7.09 9.58 -11.37
C VAL C 243 5.66 9.47 -10.85
N PHE C 244 5.54 9.16 -9.57
CA PHE C 244 4.22 8.99 -8.96
C PHE C 244 3.39 10.30 -9.00
N ARG C 245 4.03 11.41 -8.65
CA ARG C 245 3.37 12.73 -8.74
C ARG C 245 2.86 12.97 -10.15
N TRP C 246 3.72 12.67 -11.12
CA TRP C 246 3.43 12.95 -12.52
C TRP C 246 2.26 12.09 -13.00
N ALA C 247 2.24 10.84 -12.56
CA ALA C 247 1.17 9.93 -12.93
C ALA C 247 -0.18 10.48 -12.45
N VAL C 248 -0.24 10.90 -11.18
CA VAL C 248 -1.53 11.33 -10.62
C VAL C 248 -1.97 12.73 -11.04
N TRP C 249 -1.02 13.67 -11.16
CA TRP C 249 -1.35 15.01 -11.64
C TRP C 249 -1.63 15.04 -13.14
N SER C 250 -0.85 14.31 -13.92
CA SER C 250 -0.90 14.48 -15.36
C SER C 250 -1.47 13.28 -16.10
N MET C 251 -0.95 12.09 -15.81
CA MET C 251 -1.33 10.92 -16.61
C MET C 251 -2.82 10.55 -16.52
N ALA C 252 -3.39 10.69 -15.33
CA ALA C 252 -4.80 10.37 -15.19
C ALA C 252 -5.62 11.34 -16.05
N LYS C 253 -5.11 12.55 -16.24
CA LYS C 253 -5.78 13.53 -17.10
C LYS C 253 -5.71 13.08 -18.55
N VAL C 254 -4.53 12.63 -18.96
CA VAL C 254 -4.32 12.11 -20.30
C VAL C 254 -5.35 11.02 -20.58
N ALA C 255 -5.59 10.17 -19.59
CA ALA C 255 -6.49 9.03 -19.76
C ALA C 255 -7.94 9.51 -19.95
N ARG C 256 -8.38 10.45 -19.11
CA ARG C 256 -9.72 11.00 -19.27
C ARG C 256 -9.82 11.67 -20.62
N GLU C 257 -8.74 12.34 -21.00
CA GLU C 257 -8.64 13.05 -22.27
C GLU C 257 -8.78 12.10 -23.47
N ALA C 258 -8.28 10.88 -23.31
CA ALA C 258 -8.41 9.86 -24.35
C ALA C 258 -9.86 9.39 -24.47
N LEU C 259 -10.54 9.28 -23.33
CA LEU C 259 -11.96 8.94 -23.33
C LEU C 259 -12.72 10.01 -24.10
N ASP C 260 -12.40 11.28 -23.85
CA ASP C 260 -13.08 12.38 -24.52
C ASP C 260 -12.87 12.27 -26.02
N ALA C 261 -11.61 12.11 -26.41
CA ALA C 261 -11.27 12.08 -27.82
C ALA C 261 -11.95 10.89 -28.50
N ALA C 262 -12.24 9.86 -27.71
CA ALA C 262 -12.93 8.66 -28.20
C ALA C 262 -14.44 8.84 -28.22
N GLY C 263 -14.96 9.85 -27.51
CA GLY C 263 -16.39 10.02 -27.39
C GLY C 263 -16.99 8.93 -26.52
N VAL C 264 -16.22 8.52 -25.51
CA VAL C 264 -16.59 7.38 -24.68
C VAL C 264 -16.57 7.75 -23.19
N GLU C 265 -17.43 7.12 -22.41
CA GLU C 265 -17.45 7.34 -20.96
C GLU C 265 -17.03 6.09 -20.20
N PRO C 266 -16.60 6.27 -18.94
CA PRO C 266 -16.17 5.15 -18.10
C PRO C 266 -17.14 3.97 -18.12
N GLU C 267 -18.43 4.22 -18.04
CA GLU C 267 -19.42 3.15 -18.06
C GLU C 267 -19.44 2.37 -19.38
N ASP C 268 -18.89 2.96 -20.44
CA ASP C 268 -18.84 2.30 -21.74
C ASP C 268 -17.72 1.27 -21.79
N LEU C 269 -16.80 1.35 -20.83
CA LEU C 269 -15.62 0.50 -20.89
C LEU C 269 -15.89 -0.92 -20.39
N ALA C 270 -15.33 -1.89 -21.10
CA ALA C 270 -15.30 -3.27 -20.60
C ALA C 270 -14.07 -3.45 -19.71
N ALA C 271 -13.02 -2.67 -19.95
CA ALA C 271 -11.76 -2.88 -19.27
C ALA C 271 -10.87 -1.63 -19.24
N PHE C 272 -9.99 -1.55 -18.24
CA PHE C 272 -9.02 -0.48 -18.12
C PHE C 272 -7.66 -1.17 -18.00
N ILE C 273 -6.78 -0.89 -18.95
CA ILE C 273 -5.51 -1.59 -19.02
C ILE C 273 -4.39 -0.55 -19.03
N PRO C 274 -4.06 -0.01 -17.85
CA PRO C 274 -2.92 0.91 -17.82
C PRO C 274 -1.62 0.12 -17.87
N HIS C 275 -0.56 0.80 -18.28
CA HIS C 275 0.80 0.27 -18.16
C HIS C 275 1.04 -0.12 -16.70
N GLN C 276 1.70 -1.24 -16.48
CA GLN C 276 1.77 -1.80 -15.14
C GLN C 276 2.97 -1.26 -14.37
N ALA C 277 2.92 0.02 -14.03
CA ALA C 277 4.05 0.72 -13.43
C ALA C 277 4.15 0.44 -11.95
N ASN C 278 2.98 0.43 -11.30
CA ASN C 278 2.91 0.36 -9.86
C ASN C 278 1.45 0.12 -9.44
N MET C 279 1.21 -0.81 -8.53
CA MET C 279 -0.16 -1.11 -8.14
C MET C 279 -0.88 0.12 -7.58
N ARG C 280 -0.16 0.92 -6.78
CA ARG C 280 -0.72 2.13 -6.18
C ARG C 280 -1.17 3.12 -7.26
N ILE C 281 -0.39 3.20 -8.34
CA ILE C 281 -0.73 4.06 -9.46
C ILE C 281 -1.97 3.54 -10.19
N ILE C 282 -1.98 2.23 -10.42
CA ILE C 282 -3.14 1.63 -11.05
C ILE C 282 -4.41 1.98 -10.28
N ASP C 283 -4.37 1.81 -8.95
CA ASP C 283 -5.55 2.08 -8.11
C ASP C 283 -5.94 3.55 -8.11
N GLU C 284 -4.93 4.41 -8.07
CA GLU C 284 -5.22 5.84 -8.04
C GLU C 284 -5.91 6.23 -9.36
N PHE C 285 -5.39 5.71 -10.47
CA PHE C 285 -6.01 5.89 -11.79
C PHE C 285 -7.48 5.48 -11.79
N ALA C 286 -7.77 4.26 -11.32
CA ALA C 286 -9.11 3.70 -11.41
C ALA C 286 -10.09 4.57 -10.64
N LYS C 287 -9.63 5.08 -9.50
CA LYS C 287 -10.47 5.92 -8.66
C LYS C 287 -10.63 7.28 -9.34
N GLN C 288 -9.54 7.79 -9.91
CA GLN C 288 -9.56 9.13 -10.50
C GLN C 288 -10.47 9.18 -11.72
N LEU C 289 -10.53 8.06 -12.44
CA LEU C 289 -11.31 7.96 -13.66
C LEU C 289 -12.78 7.65 -13.40
N LYS C 290 -13.09 7.40 -12.14
CA LYS C 290 -14.47 7.12 -11.73
C LYS C 290 -15.03 5.87 -12.40
N LEU C 291 -14.20 4.84 -12.52
CA LEU C 291 -14.63 3.59 -13.14
C LEU C 291 -15.66 2.88 -12.27
N PRO C 292 -16.80 2.48 -12.86
CA PRO C 292 -17.77 1.66 -12.11
C PRO C 292 -17.16 0.28 -11.85
N GLU C 293 -17.76 -0.48 -10.95
CA GLU C 293 -17.24 -1.79 -10.57
C GLU C 293 -17.27 -2.80 -11.72
N SER C 294 -18.14 -2.56 -12.70
CA SER C 294 -18.29 -3.46 -13.84
C SER C 294 -17.08 -3.47 -14.76
N VAL C 295 -16.25 -2.43 -14.67
CA VAL C 295 -15.03 -2.32 -15.49
C VAL C 295 -13.88 -3.14 -14.91
N VAL C 296 -13.37 -4.07 -15.69
CA VAL C 296 -12.25 -4.91 -15.27
C VAL C 296 -10.92 -4.18 -15.37
N VAL C 297 -10.20 -4.12 -14.25
CA VAL C 297 -8.93 -3.41 -14.16
C VAL C 297 -7.77 -4.40 -14.22
N ALA C 298 -6.77 -4.08 -15.05
CA ALA C 298 -5.63 -4.98 -15.22
C ALA C 298 -4.60 -4.83 -14.11
N ARG C 299 -4.21 -5.95 -13.51
CA ARG C 299 -3.33 -5.94 -12.34
C ARG C 299 -2.27 -7.03 -12.45
N ASP C 300 -1.93 -7.37 -13.67
CA ASP C 300 -0.88 -8.34 -13.99
C ASP C 300 0.42 -8.04 -13.24
N ILE C 301 0.64 -6.76 -12.92
CA ILE C 301 1.87 -6.37 -12.21
C ILE C 301 2.19 -7.27 -10.99
N ALA C 302 1.16 -7.73 -10.29
CA ALA C 302 1.39 -8.54 -9.09
C ALA C 302 2.22 -9.80 -9.36
N ASP C 303 2.09 -10.35 -10.57
CA ASP C 303 2.74 -11.61 -10.91
C ASP C 303 3.90 -11.42 -11.89
N ALA C 304 3.76 -10.42 -12.76
CA ALA C 304 4.71 -10.22 -13.85
C ALA C 304 5.76 -9.16 -13.54
N GLY C 305 5.49 -8.33 -12.54
CA GLY C 305 6.25 -7.12 -12.33
C GLY C 305 5.99 -6.12 -13.45
N ASN C 306 6.72 -5.02 -13.44
CA ASN C 306 6.62 -3.99 -14.49
C ASN C 306 7.45 -4.37 -15.70
N THR C 307 6.81 -4.72 -16.82
CA THR C 307 7.54 -5.14 -18.02
C THR C 307 7.56 -4.06 -19.11
N SER C 308 7.46 -2.81 -18.69
CA SER C 308 7.60 -1.66 -19.59
C SER C 308 6.69 -1.80 -20.82
N ALA C 309 7.24 -1.66 -22.02
CA ALA C 309 6.42 -1.68 -23.23
C ALA C 309 5.59 -2.97 -23.40
N ALA C 310 6.08 -4.06 -22.82
CA ALA C 310 5.35 -5.33 -22.88
C ALA C 310 4.11 -5.32 -21.98
N SER C 311 4.03 -4.38 -21.03
CA SER C 311 3.08 -4.56 -19.92
C SER C 311 1.60 -4.56 -20.34
N ILE C 312 1.23 -3.62 -21.20
CA ILE C 312 -0.16 -3.52 -21.65
C ILE C 312 -0.68 -4.74 -22.43
N PRO C 313 0.01 -5.16 -23.51
CA PRO C 313 -0.43 -6.37 -24.24
C PRO C 313 -0.35 -7.66 -23.40
N LEU C 314 0.66 -7.77 -22.55
CA LEU C 314 0.66 -8.88 -21.61
C LEU C 314 -0.62 -8.85 -20.78
N ALA C 315 -0.94 -7.69 -20.24
CA ALA C 315 -2.09 -7.57 -19.32
C ALA C 315 -3.42 -7.74 -20.06
N MET C 316 -3.48 -7.25 -21.30
CA MET C 316 -4.65 -7.51 -22.14
C MET C 316 -4.82 -9.00 -22.42
N HIS C 317 -3.71 -9.65 -22.75
CA HIS C 317 -3.72 -11.09 -22.99
C HIS C 317 -4.27 -11.84 -21.74
N ARG C 318 -3.73 -11.54 -20.57
CA ARG C 318 -4.25 -12.12 -19.32
C ARG C 318 -5.72 -11.78 -19.13
N LEU C 319 -6.06 -10.51 -19.30
CA LEU C 319 -7.46 -10.10 -19.14
C LEU C 319 -8.38 -10.96 -20.01
N LEU C 320 -7.96 -11.28 -21.24
CA LEU C 320 -8.84 -12.04 -22.14
C LEU C 320 -8.90 -13.54 -21.84
N GLU C 321 -7.80 -14.12 -21.37
CA GLU C 321 -7.82 -15.50 -20.88
C GLU C 321 -8.81 -15.64 -19.72
N GLU C 322 -8.74 -14.72 -18.76
CA GLU C 322 -9.56 -14.83 -17.55
C GLU C 322 -11.02 -14.43 -17.76
N ASN C 323 -11.26 -13.43 -18.61
CA ASN C 323 -12.62 -13.00 -18.91
C ASN C 323 -12.83 -12.94 -20.42
N PRO C 324 -13.03 -14.11 -21.04
CA PRO C 324 -13.10 -14.17 -22.51
C PRO C 324 -14.26 -13.33 -23.04
N GLU C 325 -15.26 -13.10 -22.19
CA GLU C 325 -16.45 -12.37 -22.61
C GLU C 325 -16.15 -10.89 -22.82
N LEU C 326 -14.97 -10.46 -22.38
CA LEU C 326 -14.56 -9.06 -22.59
C LEU C 326 -14.28 -8.78 -24.07
N SER C 327 -14.03 -9.83 -24.83
CA SER C 327 -13.76 -9.67 -26.26
C SER C 327 -14.89 -8.89 -26.95
N GLY C 328 -14.51 -7.92 -27.78
CA GLY C 328 -15.49 -7.06 -28.43
C GLY C 328 -15.91 -5.86 -27.60
N GLY C 329 -15.42 -5.78 -26.35
CA GLY C 329 -15.68 -4.63 -25.50
C GLY C 329 -14.58 -3.58 -25.59
N LEU C 330 -14.88 -2.36 -25.14
CA LEU C 330 -13.90 -1.27 -25.17
C LEU C 330 -12.92 -1.34 -24.01
N ALA C 331 -11.64 -1.14 -24.31
CA ALA C 331 -10.60 -1.08 -23.29
C ALA C 331 -9.81 0.20 -23.43
N LEU C 332 -9.59 0.87 -22.30
CA LEU C 332 -8.76 2.06 -22.29
C LEU C 332 -7.34 1.65 -21.91
N GLN C 333 -6.38 1.98 -22.76
CA GLN C 333 -5.00 1.66 -22.46
C GLN C 333 -4.20 2.95 -22.36
N ILE C 334 -3.27 3.00 -21.43
CA ILE C 334 -2.39 4.14 -21.30
C ILE C 334 -1.03 3.73 -20.80
N GLY C 335 0.01 4.13 -21.54
CA GLY C 335 1.39 3.82 -21.17
C GLY C 335 2.15 5.11 -21.00
N PHE C 336 3.18 5.09 -20.15
CA PHE C 336 3.89 6.31 -19.84
C PHE C 336 5.22 5.93 -19.21
N GLY C 337 6.26 6.66 -19.55
CA GLY C 337 7.58 6.34 -19.04
C GLY C 337 8.68 7.27 -19.48
N ALA C 338 9.92 6.77 -19.44
CA ALA C 338 11.10 7.63 -19.63
C ALA C 338 11.00 8.55 -20.85
N GLY C 339 11.39 9.80 -20.68
CA GLY C 339 11.26 10.75 -21.79
C GLY C 339 11.21 12.21 -21.36
N LEU C 340 10.16 12.61 -20.65
CA LEU C 340 9.02 11.75 -20.33
C LEU C 340 8.14 11.58 -21.57
N VAL C 341 7.56 10.40 -21.77
CA VAL C 341 6.62 10.18 -22.88
C VAL C 341 5.38 9.41 -22.42
N TYR C 342 4.29 9.52 -23.18
CA TYR C 342 3.06 8.84 -22.81
C TYR C 342 2.15 8.66 -24.01
N GLY C 343 1.21 7.73 -23.92
CA GLY C 343 0.32 7.48 -25.02
C GLY C 343 -0.90 6.75 -24.54
N ALA C 344 -2.04 7.01 -25.17
CA ALA C 344 -3.28 6.38 -24.76
C ALA C 344 -4.29 6.30 -25.89
N GLN C 345 -5.12 5.24 -25.83
CA GLN C 345 -6.22 5.02 -26.77
C GLN C 345 -7.31 4.18 -26.12
N VAL C 346 -8.49 4.23 -26.71
CA VAL C 346 -9.54 3.26 -26.45
C VAL C 346 -9.55 2.32 -27.66
N VAL C 347 -9.50 1.02 -27.41
CA VAL C 347 -9.51 0.03 -28.49
C VAL C 347 -10.58 -1.01 -28.20
N ARG C 348 -11.24 -1.54 -29.23
CA ARG C 348 -12.11 -2.71 -29.05
C ARG C 348 -11.24 -3.95 -28.89
N LEU C 349 -11.46 -4.71 -27.82
CA LEU C 349 -10.69 -5.94 -27.62
C LEU C 349 -11.02 -6.97 -28.70
N PRO C 350 -10.03 -7.72 -29.16
CA PRO C 350 -10.18 -8.71 -30.23
C PRO C 350 -11.05 -9.90 -29.86
N THR D 2 -24.44 0.04 -28.11
CA THR D 2 -23.01 0.33 -28.16
C THR D 2 -22.76 1.81 -28.50
N VAL D 3 -21.50 2.23 -28.41
CA VAL D 3 -21.09 3.56 -28.85
C VAL D 3 -20.14 3.39 -30.05
N THR D 4 -20.09 4.40 -30.90
CA THR D 4 -19.15 4.39 -32.01
C THR D 4 -17.92 5.24 -31.64
N LEU D 5 -16.75 4.63 -31.67
CA LEU D 5 -15.54 5.40 -31.39
C LEU D 5 -15.43 6.49 -32.42
N LYS D 6 -15.10 7.70 -32.01
CA LYS D 6 -14.94 8.73 -33.03
C LYS D 6 -13.56 8.64 -33.69
N GLN D 7 -13.38 9.37 -34.78
CA GLN D 7 -12.17 9.23 -35.58
C GLN D 7 -11.73 10.62 -36.08
N HIS D 8 -10.43 10.77 -36.35
CA HIS D 8 -9.94 12.01 -36.95
C HIS D 8 -10.38 12.10 -38.40
N GLU D 9 -10.60 13.32 -38.88
CA GLU D 9 -10.77 13.54 -40.30
C GLU D 9 -9.41 13.51 -40.99
N ARG D 10 -9.37 13.03 -42.23
CA ARG D 10 -8.11 12.85 -42.94
C ARG D 10 -7.94 13.86 -44.06
N PRO D 11 -6.70 14.40 -44.20
CA PRO D 11 -6.40 15.42 -45.23
C PRO D 11 -6.33 14.76 -46.59
N ALA D 12 -6.37 15.56 -47.65
CA ALA D 12 -6.18 15.03 -48.98
C ALA D 12 -4.83 14.34 -49.11
N ALA D 13 -3.78 15.01 -48.64
CA ALA D 13 -2.42 14.57 -48.90
C ALA D 13 -1.39 15.19 -47.97
N SER D 14 -0.11 15.09 -48.39
CA SER D 14 1.02 15.49 -47.56
C SER D 14 2.17 15.98 -48.43
N ARG D 15 3.04 16.81 -47.87
CA ARG D 15 4.20 17.29 -48.60
C ARG D 15 5.33 17.73 -47.67
N ILE D 16 6.55 17.78 -48.20
CA ILE D 16 7.70 18.33 -47.46
C ILE D 16 7.77 19.84 -47.65
N VAL D 17 7.84 20.58 -46.55
CA VAL D 17 7.77 22.03 -46.64
C VAL D 17 9.11 22.71 -46.36
N ALA D 18 10.10 21.94 -45.92
CA ALA D 18 11.42 22.52 -45.64
C ALA D 18 12.47 21.47 -45.32
N VAL D 19 13.72 21.81 -45.64
CA VAL D 19 14.84 20.94 -45.28
C VAL D 19 15.90 21.71 -44.50
N GLY D 20 16.41 21.09 -43.45
CA GLY D 20 17.41 21.71 -42.59
C GLY D 20 18.63 20.83 -42.52
N ALA D 21 19.76 21.41 -42.13
CA ALA D 21 21.01 20.66 -42.11
C ALA D 21 21.88 21.04 -40.94
N TYR D 22 22.78 20.13 -40.58
CA TYR D 22 23.83 20.44 -39.62
C TYR D 22 25.11 19.72 -40.03
N ARG D 23 26.15 20.48 -40.35
CA ARG D 23 27.40 19.87 -40.76
C ARG D 23 28.53 20.26 -39.81
N PRO D 24 29.12 19.26 -39.14
CA PRO D 24 30.34 19.52 -38.37
C PRO D 24 31.42 20.23 -39.21
N ALA D 25 32.28 21.02 -38.56
CA ALA D 25 33.28 21.79 -39.29
C ALA D 25 34.49 20.95 -39.68
N ASN D 26 34.87 20.02 -38.82
CA ASN D 26 36.07 19.21 -39.08
C ASN D 26 35.86 18.23 -40.23
N LEU D 27 36.45 18.55 -41.37
CA LEU D 27 36.41 17.66 -42.54
C LEU D 27 37.68 16.84 -42.63
N VAL D 28 37.71 15.71 -41.94
CA VAL D 28 38.91 14.86 -41.93
C VAL D 28 39.22 14.30 -43.30
N PRO D 29 40.36 14.72 -43.88
CA PRO D 29 40.79 14.24 -45.19
C PRO D 29 41.45 12.87 -45.08
N ASN D 30 41.53 12.17 -46.21
CA ASN D 30 41.96 10.79 -46.21
C ASN D 30 43.30 10.55 -45.52
N GLU D 31 44.22 11.47 -45.68
CA GLU D 31 45.56 11.28 -45.13
C GLU D 31 45.57 11.12 -43.62
N ASP D 32 44.52 11.61 -42.96
CA ASP D 32 44.43 11.50 -41.51
C ASP D 32 44.09 10.07 -41.08
N LEU D 33 43.45 9.31 -41.95
CA LEU D 33 42.96 7.99 -41.58
C LEU D 33 43.68 6.82 -42.27
N ILE D 34 44.43 7.11 -43.33
CA ILE D 34 45.06 6.03 -44.09
C ILE D 34 46.08 5.26 -43.25
N GLY D 35 46.55 5.89 -42.17
CA GLY D 35 47.55 5.28 -41.32
C GLY D 35 47.19 3.86 -40.89
N PRO D 36 46.34 3.74 -39.87
CA PRO D 36 45.98 2.47 -39.22
C PRO D 36 45.38 1.41 -40.16
N ILE D 37 45.01 1.80 -41.37
CA ILE D 37 44.49 0.84 -42.35
C ILE D 37 45.43 0.60 -43.53
N ASP D 38 46.70 0.98 -43.38
CA ASP D 38 47.70 0.81 -44.45
C ASP D 38 47.09 1.10 -45.82
N SER D 39 46.54 2.29 -45.99
CA SER D 39 45.88 2.64 -47.23
C SER D 39 46.43 3.93 -47.80
N SER D 40 45.85 4.37 -48.90
CA SER D 40 46.32 5.55 -49.61
C SER D 40 45.16 6.47 -49.90
N ASP D 41 45.43 7.76 -50.00
CA ASP D 41 44.40 8.69 -50.42
C ASP D 41 43.69 8.13 -51.65
N GLU D 42 44.49 7.83 -52.68
CA GLU D 42 43.98 7.27 -53.93
C GLU D 42 43.19 5.97 -53.72
N TRP D 43 43.73 5.07 -52.90
CA TRP D 43 43.06 3.78 -52.67
C TRP D 43 41.69 4.00 -52.05
N ILE D 44 41.55 5.08 -51.28
CA ILE D 44 40.26 5.47 -50.73
C ILE D 44 39.42 6.23 -51.75
N ARG D 45 40.03 7.25 -52.34
CA ARG D 45 39.38 8.09 -53.34
C ARG D 45 38.93 7.25 -54.54
N GLN D 46 39.60 6.13 -54.75
CA GLN D 46 39.33 5.30 -55.92
C GLN D 46 38.14 4.40 -55.66
N ARG D 47 38.09 3.82 -54.47
CA ARG D 47 37.07 2.86 -54.09
C ARG D 47 35.72 3.50 -53.76
N THR D 48 35.75 4.74 -53.25
CA THR D 48 34.54 5.31 -52.64
C THR D 48 34.20 6.74 -53.09
N GLY D 49 35.15 7.43 -53.68
CA GLY D 49 34.93 8.79 -54.15
C GLY D 49 34.99 9.85 -53.07
N ILE D 50 35.39 9.46 -51.87
CA ILE D 50 35.47 10.40 -50.74
C ILE D 50 36.81 11.15 -50.66
N VAL D 51 36.72 12.47 -50.45
CA VAL D 51 37.89 13.30 -50.22
C VAL D 51 37.96 13.64 -48.73
N THR D 52 36.85 14.09 -48.18
CA THR D 52 36.74 14.40 -46.76
C THR D 52 35.44 13.84 -46.19
N ARG D 53 35.43 13.55 -44.90
CA ARG D 53 34.18 13.21 -44.24
C ARG D 53 34.00 14.10 -43.01
N GLN D 54 32.73 14.44 -42.75
CA GLN D 54 32.39 15.24 -41.59
C GLN D 54 32.62 14.44 -40.31
N ARG D 55 33.32 15.05 -39.35
CA ARG D 55 33.55 14.40 -38.07
C ARG D 55 33.26 15.38 -36.94
N ALA D 56 32.28 15.02 -36.11
CA ALA D 56 31.83 15.84 -35.00
C ALA D 56 32.82 15.84 -33.83
N THR D 57 32.83 16.93 -33.08
CA THR D 57 33.59 17.01 -31.84
C THR D 57 32.74 16.39 -30.75
N ALA D 58 33.34 16.13 -29.60
CA ALA D 58 32.59 15.54 -28.49
C ALA D 58 31.35 16.35 -28.14
N GLU D 59 31.49 17.67 -28.20
CA GLU D 59 30.37 18.54 -27.86
C GLU D 59 29.28 18.48 -28.90
N GLU D 60 29.60 17.93 -30.07
CA GLU D 60 28.62 17.77 -31.15
C GLU D 60 27.88 16.42 -31.10
N THR D 61 27.01 16.29 -30.11
CA THR D 61 26.22 15.10 -29.85
C THR D 61 25.05 14.98 -30.82
N VAL D 62 24.42 13.81 -30.85
CA VAL D 62 23.27 13.60 -31.73
C VAL D 62 22.19 14.68 -31.56
N PRO D 63 21.77 14.96 -30.30
CA PRO D 63 20.76 16.00 -30.06
C PRO D 63 21.15 17.41 -30.51
N VAL D 64 22.39 17.82 -30.22
CA VAL D 64 22.88 19.12 -30.66
C VAL D 64 22.74 19.28 -32.16
N MET D 65 23.20 18.27 -32.89
CA MET D 65 23.13 18.30 -34.35
C MET D 65 21.67 18.25 -34.82
N ALA D 66 20.89 17.36 -34.24
CA ALA D 66 19.49 17.25 -34.62
C ALA D 66 18.77 18.58 -34.39
N VAL D 67 18.92 19.14 -33.20
CA VAL D 67 18.30 20.43 -32.89
C VAL D 67 18.75 21.45 -33.91
N GLY D 68 20.06 21.52 -34.12
CA GLY D 68 20.65 22.48 -35.03
C GLY D 68 20.05 22.40 -36.42
N ALA D 69 19.70 21.18 -36.86
CA ALA D 69 19.09 20.97 -38.17
C ALA D 69 17.57 21.16 -38.17
N ALA D 70 16.95 20.94 -37.02
CA ALA D 70 15.49 21.11 -36.91
C ALA D 70 15.09 22.59 -36.90
N ARG D 71 15.90 23.45 -36.26
CA ARG D 71 15.61 24.88 -36.24
C ARG D 71 15.59 25.43 -37.66
N GLU D 72 16.64 25.12 -38.42
CA GLU D 72 16.73 25.54 -39.81
C GLU D 72 15.46 25.18 -40.57
N ALA D 73 15.03 23.93 -40.46
CA ALA D 73 13.80 23.51 -41.12
C ALA D 73 12.60 24.31 -40.61
N LEU D 74 12.59 24.56 -39.30
CA LEU D 74 11.49 25.34 -38.72
C LEU D 74 11.42 26.77 -39.29
N GLU D 75 12.57 27.40 -39.49
CA GLU D 75 12.62 28.74 -40.06
C GLU D 75 12.11 28.78 -41.50
N ARG D 76 12.71 27.96 -42.37
CA ARG D 76 12.31 27.94 -43.78
C ARG D 76 10.83 27.67 -43.93
N ALA D 77 10.22 27.04 -42.92
CA ALA D 77 8.78 26.81 -42.92
C ALA D 77 8.07 27.93 -42.17
N GLY D 78 8.83 28.85 -41.58
CA GLY D 78 8.26 29.87 -40.74
C GLY D 78 7.40 29.31 -39.63
N LEU D 79 7.80 28.18 -39.06
CA LEU D 79 7.04 27.57 -37.97
C LEU D 79 7.76 27.69 -36.63
N GLN D 80 6.98 27.60 -35.56
CA GLN D 80 7.48 27.52 -34.20
C GLN D 80 7.63 26.04 -33.83
N GLY D 81 8.44 25.75 -32.83
CA GLY D 81 8.48 24.40 -32.28
C GLY D 81 7.09 23.95 -31.94
N SER D 82 6.30 24.86 -31.36
CA SER D 82 4.95 24.54 -30.90
C SER D 82 4.00 24.15 -32.03
N ASP D 83 4.42 24.42 -33.27
CA ASP D 83 3.63 24.03 -34.43
C ASP D 83 3.72 22.53 -34.76
N LEU D 84 4.67 21.82 -34.12
CA LEU D 84 4.94 20.42 -34.44
C LEU D 84 3.98 19.46 -33.74
N ASP D 85 3.48 18.46 -34.47
CA ASP D 85 2.53 17.50 -33.93
C ASP D 85 3.20 16.17 -33.61
N ALA D 86 4.40 15.96 -34.15
CA ALA D 86 5.18 14.75 -33.86
C ALA D 86 6.65 14.98 -34.18
N VAL D 87 7.53 14.34 -33.40
CA VAL D 87 8.96 14.45 -33.61
C VAL D 87 9.56 13.04 -33.77
N ILE D 88 10.17 12.79 -34.93
CA ILE D 88 10.70 11.49 -35.25
C ILE D 88 12.19 11.63 -35.50
N VAL D 89 13.00 10.98 -34.67
CA VAL D 89 14.44 11.01 -34.86
C VAL D 89 14.97 9.65 -35.29
N SER D 90 15.59 9.59 -36.45
CA SER D 90 16.16 8.35 -36.96
C SER D 90 17.64 8.34 -36.71
N THR D 91 18.04 7.55 -35.72
CA THR D 91 19.44 7.50 -35.33
C THR D 91 19.74 6.16 -34.72
N VAL D 92 21.01 5.86 -34.65
CA VAL D 92 21.46 4.56 -34.23
C VAL D 92 22.67 4.74 -33.32
N THR D 93 23.12 5.98 -33.18
CA THR D 93 24.34 6.26 -32.43
C THR D 93 24.12 7.07 -31.14
N PHE D 94 22.87 7.33 -30.78
CA PHE D 94 22.59 7.99 -29.50
C PHE D 94 22.99 7.05 -28.35
N PRO D 95 23.92 7.48 -27.49
CA PRO D 95 24.53 6.59 -26.51
C PRO D 95 23.71 6.33 -25.23
N HIS D 96 22.40 6.19 -25.36
CA HIS D 96 21.54 5.79 -24.23
C HIS D 96 20.46 4.83 -24.70
N ALA D 97 20.25 3.74 -23.97
CA ALA D 97 19.16 2.82 -24.32
C ALA D 97 17.81 3.54 -24.24
N THR D 98 17.69 4.41 -23.26
CA THR D 98 16.47 5.14 -22.96
C THR D 98 16.86 6.27 -22.01
N PRO D 99 16.13 7.39 -22.02
CA PRO D 99 15.04 7.71 -22.96
C PRO D 99 15.59 8.14 -24.32
N SER D 100 14.71 8.54 -25.22
CA SER D 100 15.08 8.76 -26.62
C SER D 100 15.78 10.10 -26.82
N ALA D 101 16.49 10.23 -27.92
CA ALA D 101 17.06 11.52 -28.33
C ALA D 101 15.91 12.47 -28.70
N ALA D 102 14.87 11.91 -29.29
CA ALA D 102 13.74 12.66 -29.82
C ALA D 102 13.09 13.51 -28.73
N ALA D 103 13.06 12.97 -27.52
CA ALA D 103 12.44 13.67 -26.42
C ALA D 103 13.23 14.92 -26.05
N LEU D 104 14.56 14.81 -26.11
CA LEU D 104 15.40 15.96 -25.82
C LEU D 104 15.20 16.99 -26.90
N VAL D 105 15.28 16.53 -28.14
CA VAL D 105 15.09 17.39 -29.30
C VAL D 105 13.77 18.12 -29.19
N ALA D 106 12.69 17.38 -28.90
CA ALA D 106 11.36 17.97 -28.79
C ALA D 106 11.36 19.11 -27.79
N HIS D 107 11.83 18.83 -26.58
CA HIS D 107 11.89 19.87 -25.56
C HIS D 107 12.73 21.06 -26.04
N GLU D 108 13.94 20.77 -26.50
CA GLU D 108 14.90 21.81 -26.87
C GLU D 108 14.36 22.80 -27.90
N ILE D 109 13.56 22.31 -28.85
CA ILE D 109 13.06 23.17 -29.92
C ILE D 109 11.67 23.75 -29.61
N GLY D 110 11.17 23.47 -28.42
CA GLY D 110 9.89 24.02 -28.00
C GLY D 110 8.71 23.28 -28.61
N ALA D 111 8.89 22.01 -28.91
CA ALA D 111 7.80 21.24 -29.51
C ALA D 111 6.91 20.60 -28.45
N THR D 112 7.37 20.58 -27.21
CA THR D 112 6.57 20.05 -26.10
C THR D 112 5.15 20.59 -26.19
N PRO D 113 4.15 19.71 -26.06
CA PRO D 113 4.22 18.30 -25.68
C PRO D 113 4.07 17.28 -26.80
N ALA D 114 4.49 17.62 -28.03
CA ALA D 114 4.36 16.70 -29.15
C ALA D 114 5.03 15.35 -28.88
N PRO D 115 4.38 14.25 -29.29
CA PRO D 115 4.98 12.92 -29.13
C PRO D 115 6.30 12.86 -29.88
N ALA D 116 7.27 12.11 -29.34
CA ALA D 116 8.62 12.08 -29.87
C ALA D 116 9.19 10.71 -29.62
N TYR D 117 9.78 10.14 -30.66
CA TYR D 117 10.43 8.83 -30.54
C TYR D 117 11.59 8.66 -31.53
N ASP D 118 12.45 7.68 -31.25
CA ASP D 118 13.56 7.34 -32.13
C ASP D 118 13.16 6.10 -32.91
N VAL D 119 13.62 6.04 -34.15
CA VAL D 119 13.37 4.92 -35.04
C VAL D 119 14.73 4.27 -35.29
N SER D 120 14.78 2.94 -35.29
CA SER D 120 16.01 2.23 -35.69
C SER D 120 15.79 1.59 -37.05
N ALA D 121 16.37 2.20 -38.09
CA ALA D 121 16.32 1.63 -39.43
C ALA D 121 17.59 2.02 -40.20
N ALA D 122 18.67 2.17 -39.46
CA ALA D 122 19.97 2.38 -40.08
C ALA D 122 19.94 3.47 -41.13
N CYS D 123 20.61 3.22 -42.27
CA CYS D 123 20.76 4.23 -43.32
C CYS D 123 19.45 4.48 -44.09
N ALA D 124 18.49 3.57 -43.98
CA ALA D 124 17.16 3.80 -44.53
C ALA D 124 16.31 4.64 -43.57
N GLY D 125 16.92 5.08 -42.46
CA GLY D 125 16.18 5.69 -41.37
C GLY D 125 15.34 6.88 -41.78
N TYR D 126 15.91 7.76 -42.60
CA TYR D 126 15.22 8.96 -43.02
C TYR D 126 13.99 8.61 -43.85
N CYS D 127 14.14 7.65 -44.76
CA CYS D 127 13.04 7.22 -45.62
C CYS D 127 11.95 6.46 -44.82
N TYR D 128 12.35 5.61 -43.86
CA TYR D 128 11.39 5.04 -42.89
C TYR D 128 10.65 6.14 -42.13
N GLY D 129 11.36 7.21 -41.78
CA GLY D 129 10.77 8.33 -41.08
C GLY D 129 9.78 9.13 -41.93
N VAL D 130 10.15 9.35 -43.19
CA VAL D 130 9.25 10.04 -44.10
C VAL D 130 7.99 9.21 -44.32
N ALA D 131 8.15 7.91 -44.52
CA ALA D 131 7.00 6.99 -44.64
C ALA D 131 6.07 7.08 -43.42
N GLN D 132 6.63 7.17 -42.22
CA GLN D 132 5.81 7.30 -41.00
C GLN D 132 5.13 8.66 -40.93
N ALA D 133 5.92 9.71 -41.16
CA ALA D 133 5.39 11.07 -41.13
C ALA D 133 4.25 11.22 -42.14
N ASP D 134 4.48 10.74 -43.36
CA ASP D 134 3.44 10.76 -44.38
C ASP D 134 2.17 10.00 -43.94
N ALA D 135 2.35 8.84 -43.31
CA ALA D 135 1.24 8.08 -42.76
C ALA D 135 0.52 8.86 -41.66
N LEU D 136 1.28 9.51 -40.80
CA LEU D 136 0.71 10.28 -39.70
C LEU D 136 -0.12 11.43 -40.25
N VAL D 137 0.38 12.06 -41.30
CA VAL D 137 -0.32 13.19 -41.92
C VAL D 137 -1.59 12.75 -42.65
N ARG D 138 -1.49 11.77 -43.54
CA ARG D 138 -2.65 11.36 -44.33
C ARG D 138 -3.70 10.58 -43.52
N SER D 139 -3.38 10.25 -42.27
CA SER D 139 -4.37 9.61 -41.41
C SER D 139 -5.02 10.63 -40.47
N GLY D 140 -4.58 11.88 -40.58
CA GLY D 140 -5.09 12.94 -39.72
C GLY D 140 -4.60 12.89 -38.29
N THR D 141 -3.56 12.11 -38.04
CA THR D 141 -3.02 11.99 -36.68
C THR D 141 -2.11 13.19 -36.37
N ALA D 142 -1.59 13.83 -37.41
CA ALA D 142 -0.64 14.93 -37.27
C ALA D 142 -0.74 15.84 -38.47
N ARG D 143 -0.65 17.14 -38.26
CA ARG D 143 -0.66 18.06 -39.39
C ARG D 143 0.75 18.54 -39.72
N HIS D 144 1.65 18.47 -38.75
CA HIS D 144 3.03 18.87 -38.97
C HIS D 144 3.97 17.89 -38.25
N VAL D 145 4.79 17.16 -39.02
CA VAL D 145 5.71 16.18 -38.45
C VAL D 145 7.14 16.55 -38.74
N LEU D 146 7.98 16.61 -37.71
CA LEU D 146 9.41 16.78 -37.92
C LEU D 146 10.09 15.41 -37.99
N VAL D 147 10.82 15.17 -39.07
CA VAL D 147 11.67 13.98 -39.24
C VAL D 147 13.14 14.41 -39.29
N VAL D 148 13.97 13.82 -38.42
CA VAL D 148 15.40 14.08 -38.43
C VAL D 148 16.21 12.79 -38.62
N GLY D 149 17.10 12.79 -39.59
CA GLY D 149 18.09 11.74 -39.71
C GLY D 149 19.40 12.27 -39.17
N VAL D 150 19.93 11.63 -38.14
CA VAL D 150 21.13 12.13 -37.46
C VAL D 150 22.01 11.00 -36.90
N GLU D 151 23.33 11.17 -36.99
CA GLU D 151 24.24 10.17 -36.49
C GLU D 151 25.57 10.78 -36.07
N ARG D 152 26.17 10.23 -35.02
CA ARG D 152 27.61 10.42 -34.82
C ARG D 152 28.30 9.07 -35.03
N LEU D 153 28.43 8.67 -36.28
CA LEU D 153 28.99 7.36 -36.62
C LEU D 153 30.40 7.17 -36.10
N SER D 154 31.12 8.28 -35.93
CA SER D 154 32.51 8.19 -35.45
C SER D 154 32.64 7.62 -34.04
N ASP D 155 31.53 7.51 -33.31
CA ASP D 155 31.56 6.92 -31.98
C ASP D 155 31.57 5.40 -32.05
N VAL D 156 31.16 4.85 -33.19
CA VAL D 156 31.05 3.40 -33.32
C VAL D 156 31.88 2.91 -34.49
N VAL D 157 33.06 3.50 -34.63
CA VAL D 157 33.90 3.22 -35.76
C VAL D 157 35.30 2.76 -35.29
N ASP D 158 35.80 1.68 -35.88
CA ASP D 158 37.13 1.16 -35.52
C ASP D 158 38.17 1.63 -36.52
N PRO D 159 39.14 2.42 -36.05
CA PRO D 159 40.23 3.03 -36.83
C PRO D 159 41.04 2.04 -37.67
N THR D 160 41.17 0.80 -37.20
CA THR D 160 41.94 -0.22 -37.92
C THR D 160 41.07 -1.11 -38.81
N ASP D 161 39.83 -0.67 -39.08
CA ASP D 161 38.88 -1.45 -39.88
C ASP D 161 38.83 -0.98 -41.34
N ARG D 162 39.09 -1.89 -42.29
CA ARG D 162 39.13 -1.54 -43.71
C ARG D 162 37.75 -1.56 -44.37
N SER D 163 36.76 -2.10 -43.66
CA SER D 163 35.46 -2.39 -44.29
C SER D 163 34.53 -1.18 -44.37
N ILE D 164 34.53 -0.33 -43.36
CA ILE D 164 33.59 0.78 -43.38
C ILE D 164 34.09 2.04 -42.69
N SER D 165 35.03 1.88 -41.75
CA SER D 165 35.44 3.00 -40.89
C SER D 165 35.61 4.35 -41.61
N PHE D 166 36.50 4.41 -42.59
CA PHE D 166 36.83 5.68 -43.25
C PHE D 166 35.68 6.24 -44.08
N LEU D 167 34.74 5.38 -44.46
CA LEU D 167 33.53 5.81 -45.19
C LEU D 167 32.70 6.81 -44.39
N LEU D 168 32.62 6.60 -43.07
CA LEU D 168 31.56 7.20 -42.25
C LEU D 168 31.85 8.58 -41.67
N GLY D 169 30.90 9.49 -41.85
CA GLY D 169 30.96 10.79 -41.22
C GLY D 169 29.74 11.06 -40.38
N ASP D 170 29.70 12.24 -39.76
CA ASP D 170 28.66 12.62 -38.82
C ASP D 170 27.84 13.79 -39.35
N GLY D 171 26.59 13.89 -38.91
CA GLY D 171 25.74 15.02 -39.26
C GLY D 171 24.27 14.84 -38.93
N ALA D 172 23.46 15.81 -39.33
CA ALA D 172 22.02 15.72 -39.17
C ALA D 172 21.31 16.39 -40.34
N GLY D 173 20.22 15.80 -40.80
CA GLY D 173 19.40 16.43 -41.81
C GLY D 173 17.95 16.38 -41.34
N ALA D 174 17.19 17.44 -41.59
CA ALA D 174 15.80 17.44 -41.14
C ALA D 174 14.80 17.86 -42.22
N VAL D 175 13.60 17.27 -42.15
CA VAL D 175 12.51 17.77 -42.96
C VAL D 175 11.26 17.90 -42.09
N ILE D 176 10.34 18.75 -42.55
CA ILE D 176 9.02 18.88 -41.95
C ILE D 176 7.99 18.41 -42.97
N VAL D 177 7.11 17.51 -42.57
CA VAL D 177 6.07 17.00 -43.45
C VAL D 177 4.73 17.53 -42.99
N ALA D 178 3.99 18.15 -43.90
CA ALA D 178 2.74 18.82 -43.52
C ALA D 178 1.55 18.35 -44.35
N ALA D 179 0.35 18.55 -43.82
CA ALA D 179 -0.86 18.29 -44.58
C ALA D 179 -0.86 19.19 -45.80
N SER D 180 -1.38 18.67 -46.92
CA SER D 180 -1.34 19.41 -48.17
C SER D 180 -2.56 19.09 -49.02
N ASP D 181 -3.01 20.06 -49.78
CA ASP D 181 -4.07 19.83 -50.76
C ASP D 181 -3.51 19.01 -51.91
N GLU D 182 -2.25 19.22 -52.24
CA GLU D 182 -1.59 18.58 -53.37
C GLU D 182 -0.69 17.44 -52.95
N PRO D 183 -0.85 16.25 -53.56
CA PRO D 183 0.07 15.14 -53.28
C PRO D 183 1.52 15.56 -53.50
N GLY D 184 2.33 15.52 -52.45
CA GLY D 184 3.72 15.92 -52.53
C GLY D 184 4.67 14.81 -52.13
N ILE D 185 4.11 13.68 -51.70
CA ILE D 185 4.91 12.53 -51.31
C ILE D 185 4.26 11.25 -51.83
N SER D 186 4.91 10.58 -52.75
CA SER D 186 4.35 9.36 -53.36
C SER D 186 4.35 8.18 -52.39
N PRO D 187 3.54 7.14 -52.69
CA PRO D 187 3.43 5.99 -51.80
C PRO D 187 4.78 5.34 -51.56
N SER D 188 5.13 5.14 -50.29
CA SER D 188 6.43 4.59 -49.97
C SER D 188 6.54 3.16 -50.43
N VAL D 189 7.70 2.79 -50.94
CA VAL D 189 8.03 1.39 -51.05
C VAL D 189 9.23 1.17 -50.16
N TRP D 190 9.01 0.33 -49.15
CA TRP D 190 9.99 0.13 -48.11
C TRP D 190 9.88 -1.33 -47.71
N GLY D 191 10.93 -1.86 -47.10
CA GLY D 191 10.95 -3.28 -46.81
C GLY D 191 12.15 -3.65 -45.98
N SER D 192 12.32 -4.96 -45.77
CA SER D 192 13.41 -5.49 -44.99
C SER D 192 13.78 -6.85 -45.55
N ASP D 193 15.00 -7.26 -45.28
CA ASP D 193 15.41 -8.64 -45.46
C ASP D 193 16.28 -9.03 -44.27
N GLY D 194 15.63 -9.48 -43.20
CA GLY D 194 16.35 -9.82 -41.98
C GLY D 194 17.25 -11.03 -42.10
N GLU D 195 17.06 -11.84 -43.14
CA GLU D 195 17.96 -12.97 -43.36
C GLU D 195 19.40 -12.46 -43.53
N ARG D 196 19.53 -11.19 -43.90
CA ARG D 196 20.85 -10.60 -44.13
C ARG D 196 21.25 -9.57 -43.09
N TRP D 197 20.73 -9.78 -41.88
CA TRP D 197 20.97 -8.92 -40.71
C TRP D 197 22.45 -8.78 -40.46
N SER D 198 23.22 -9.82 -40.79
CA SER D 198 24.63 -9.78 -40.44
C SER D 198 25.48 -9.08 -41.51
N THR D 199 24.88 -8.72 -42.65
CA THR D 199 25.66 -8.15 -43.76
C THR D 199 26.31 -6.81 -43.43
N ILE D 200 25.56 -5.94 -42.77
CA ILE D 200 26.10 -4.74 -42.12
C ILE D 200 25.73 -4.86 -40.66
N SER D 201 26.71 -4.84 -39.78
CA SER D 201 26.42 -5.04 -38.37
C SER D 201 27.60 -4.63 -37.49
N MET D 202 27.43 -4.76 -36.18
CA MET D 202 28.46 -4.41 -35.20
C MET D 202 29.35 -5.64 -34.95
N THR D 203 30.57 -5.41 -34.45
CA THR D 203 31.51 -6.50 -34.21
C THR D 203 30.92 -7.55 -33.29
N HIS D 204 30.21 -7.09 -32.26
CA HIS D 204 29.59 -7.98 -31.28
C HIS D 204 28.61 -7.27 -30.38
N SER D 205 27.92 -8.05 -29.55
CA SER D 205 26.84 -7.58 -28.70
C SER D 205 27.32 -6.69 -27.54
N GLN D 206 26.53 -5.68 -27.21
CA GLN D 206 26.83 -4.84 -26.05
C GLN D 206 26.97 -5.67 -24.77
N LEU D 207 26.30 -6.83 -24.74
CA LEU D 207 26.35 -7.69 -23.55
C LEU D 207 27.76 -8.22 -23.28
N GLU D 208 28.52 -8.48 -24.36
CA GLU D 208 29.88 -8.99 -24.20
C GLU D 208 30.74 -7.95 -23.51
N LEU D 209 30.42 -6.68 -23.75
CA LEU D 209 31.09 -5.58 -23.08
C LEU D 209 30.67 -5.55 -21.62
N ARG D 210 29.36 -5.65 -21.39
CA ARG D 210 28.86 -5.69 -20.02
C ARG D 210 29.60 -6.74 -19.20
N ASP D 211 29.54 -7.98 -19.66
CA ASP D 211 30.11 -9.12 -18.94
C ASP D 211 31.60 -8.94 -18.65
N ALA D 212 32.33 -8.47 -19.65
CA ALA D 212 33.77 -8.33 -19.52
C ALA D 212 34.09 -7.28 -18.48
N VAL D 213 33.44 -6.13 -18.61
CA VAL D 213 33.77 -4.99 -17.78
C VAL D 213 33.34 -5.23 -16.33
N GLU D 214 32.25 -5.96 -16.15
CA GLU D 214 31.74 -6.23 -14.80
C GLU D 214 32.47 -7.40 -14.14
N HIS D 215 32.82 -8.41 -14.93
CA HIS D 215 33.64 -9.51 -14.40
C HIS D 215 34.95 -8.94 -13.84
N ALA D 216 35.57 -8.05 -14.61
CA ALA D 216 36.78 -7.38 -14.17
C ALA D 216 36.54 -6.50 -12.92
N ARG D 217 35.41 -5.81 -12.89
CA ARG D 217 35.08 -4.92 -11.78
C ARG D 217 34.90 -5.68 -10.47
N THR D 218 34.34 -6.88 -10.55
CA THR D 218 34.01 -7.67 -9.38
C THR D 218 35.15 -8.56 -8.88
N THR D 219 35.93 -9.11 -9.79
CA THR D 219 37.02 -10.01 -9.43
C THR D 219 38.39 -9.32 -9.31
N GLY D 220 38.54 -8.19 -10.00
CA GLY D 220 39.84 -7.52 -10.05
C GLY D 220 40.67 -8.05 -11.19
N ASP D 221 40.15 -9.06 -11.88
CA ASP D 221 40.83 -9.69 -13.00
C ASP D 221 40.48 -9.01 -14.31
N ALA D 222 41.26 -7.99 -14.67
CA ALA D 222 41.02 -7.23 -15.89
C ALA D 222 41.76 -7.81 -17.08
N SER D 223 42.17 -9.08 -16.97
CA SER D 223 42.96 -9.74 -18.00
C SER D 223 42.29 -9.72 -19.38
N ALA D 224 40.98 -9.94 -19.42
CA ALA D 224 40.28 -10.00 -20.69
C ALA D 224 40.36 -8.68 -21.45
N ILE D 225 40.50 -7.58 -20.72
CA ILE D 225 40.44 -6.25 -21.30
C ILE D 225 41.82 -5.74 -21.70
N THR D 226 42.72 -5.71 -20.73
CA THR D 226 44.11 -5.41 -21.03
C THR D 226 44.64 -6.59 -21.85
N GLY D 227 45.44 -6.30 -22.88
CA GLY D 227 45.88 -7.37 -23.76
C GLY D 227 44.72 -8.05 -24.46
N ALA D 228 43.91 -7.26 -25.14
CA ALA D 228 42.85 -7.79 -26.01
C ALA D 228 43.11 -7.25 -27.41
N GLU D 229 43.33 -8.15 -28.36
CA GLU D 229 43.74 -7.73 -29.70
C GLU D 229 42.83 -6.63 -30.24
N GLY D 230 41.53 -6.89 -30.26
CA GLY D 230 40.57 -5.95 -30.81
C GLY D 230 39.83 -5.13 -29.78
N MET D 231 39.18 -4.08 -30.24
CA MET D 231 38.35 -3.25 -29.36
C MET D 231 37.23 -4.09 -28.76
N LEU D 232 36.99 -3.89 -27.49
CA LEU D 232 35.87 -4.56 -26.84
C LEU D 232 34.62 -3.75 -27.11
N TRP D 233 34.79 -2.44 -27.30
CA TRP D 233 33.68 -1.57 -27.65
C TRP D 233 33.19 -1.88 -29.07
N PRO D 234 31.91 -2.27 -29.19
CA PRO D 234 31.34 -2.66 -30.50
C PRO D 234 31.43 -1.54 -31.54
N THR D 235 31.82 -1.92 -32.76
CA THR D 235 31.94 -0.96 -33.85
C THR D 235 31.38 -1.56 -35.14
N LEU D 236 30.97 -0.67 -36.04
CA LEU D 236 30.44 -1.08 -37.35
C LEU D 236 31.44 -1.90 -38.16
N ARG D 237 30.90 -2.78 -38.99
CA ARG D 237 31.66 -3.40 -40.08
C ARG D 237 30.68 -3.93 -41.12
N GLN D 238 31.19 -4.34 -42.27
CA GLN D 238 30.31 -4.78 -43.34
C GLN D 238 31.01 -5.69 -44.34
N ASP D 239 30.19 -6.36 -45.14
CA ASP D 239 30.66 -7.15 -46.26
C ASP D 239 30.53 -6.31 -47.55
N GLY D 240 31.53 -5.48 -47.79
CA GLY D 240 31.55 -4.54 -48.91
C GLY D 240 30.99 -5.05 -50.23
N PRO D 241 31.49 -6.21 -50.70
CA PRO D 241 30.98 -6.75 -51.97
C PRO D 241 29.48 -7.05 -51.93
N SER D 242 29.00 -7.71 -50.89
CA SER D 242 27.58 -8.03 -50.80
C SER D 242 26.75 -6.75 -50.83
N VAL D 243 27.17 -5.76 -50.05
CA VAL D 243 26.49 -4.48 -50.02
C VAL D 243 26.43 -3.86 -51.42
N PHE D 244 27.53 -3.94 -52.15
CA PHE D 244 27.55 -3.31 -53.46
C PHE D 244 26.47 -3.84 -54.38
N ARG D 245 26.39 -5.15 -54.57
CA ARG D 245 25.45 -5.62 -55.58
C ARG D 245 24.02 -5.63 -55.11
N TRP D 246 23.82 -5.48 -53.81
CA TRP D 246 22.49 -5.29 -53.23
C TRP D 246 22.08 -3.82 -53.40
N ALA D 247 22.94 -2.92 -52.95
CA ALA D 247 22.68 -1.49 -53.06
C ALA D 247 22.40 -1.05 -54.50
N VAL D 248 23.09 -1.67 -55.47
CA VAL D 248 22.93 -1.27 -56.87
C VAL D 248 21.77 -2.00 -57.56
N TRP D 249 21.88 -3.33 -57.64
CA TRP D 249 20.99 -4.12 -58.47
C TRP D 249 19.65 -4.45 -57.80
N SER D 250 19.66 -4.63 -56.49
CA SER D 250 18.42 -4.81 -55.76
C SER D 250 17.67 -3.49 -55.52
N MET D 251 18.39 -2.43 -55.20
CA MET D 251 17.74 -1.14 -55.00
C MET D 251 17.29 -0.50 -56.32
N ALA D 252 17.95 -0.85 -57.42
CA ALA D 252 17.50 -0.38 -58.73
C ALA D 252 16.04 -0.80 -58.93
N LYS D 253 15.73 -2.05 -58.58
CA LYS D 253 14.36 -2.55 -58.66
C LYS D 253 13.41 -1.79 -57.72
N VAL D 254 13.87 -1.54 -56.50
CA VAL D 254 13.06 -0.80 -55.55
C VAL D 254 12.78 0.59 -56.12
N ALA D 255 13.80 1.19 -56.71
CA ALA D 255 13.67 2.54 -57.26
C ALA D 255 12.60 2.56 -58.34
N ARG D 256 12.59 1.55 -59.19
CA ARG D 256 11.65 1.52 -60.31
C ARG D 256 10.24 1.21 -59.83
N GLU D 257 10.15 0.37 -58.80
CA GLU D 257 8.86 0.09 -58.20
C GLU D 257 8.32 1.38 -57.59
N ALA D 258 9.20 2.22 -57.06
CA ALA D 258 8.79 3.48 -56.47
C ALA D 258 8.28 4.45 -57.53
N LEU D 259 9.01 4.60 -58.63
CA LEU D 259 8.61 5.52 -59.70
C LEU D 259 7.25 5.11 -60.23
N ASP D 260 7.09 3.81 -60.43
CA ASP D 260 5.84 3.22 -60.90
C ASP D 260 4.69 3.57 -59.96
N ALA D 261 4.88 3.35 -58.66
CA ALA D 261 3.84 3.64 -57.68
C ALA D 261 3.54 5.13 -57.63
N ALA D 262 4.47 5.94 -58.10
CA ALA D 262 4.29 7.39 -58.13
C ALA D 262 3.57 7.87 -59.38
N GLY D 263 3.48 7.00 -60.40
CA GLY D 263 2.98 7.41 -61.71
C GLY D 263 3.98 8.33 -62.39
N VAL D 264 5.26 8.15 -62.08
CA VAL D 264 6.32 9.01 -62.58
C VAL D 264 7.35 8.23 -63.42
N GLU D 265 7.81 8.86 -64.49
CA GLU D 265 8.87 8.31 -65.33
C GLU D 265 10.18 9.02 -65.00
N PRO D 266 11.31 8.35 -65.27
CA PRO D 266 12.64 8.94 -65.10
C PRO D 266 12.77 10.33 -65.70
N GLU D 267 12.11 10.58 -66.83
CA GLU D 267 12.20 11.90 -67.46
C GLU D 267 11.43 12.96 -66.66
N ASP D 268 10.61 12.51 -65.72
CA ASP D 268 9.82 13.45 -64.94
C ASP D 268 10.58 13.96 -63.72
N LEU D 269 11.66 13.29 -63.36
CA LEU D 269 12.43 13.66 -62.18
C LEU D 269 13.27 14.91 -62.40
N ALA D 270 13.42 15.71 -61.36
CA ALA D 270 14.34 16.84 -61.39
C ALA D 270 15.65 16.44 -60.72
N ALA D 271 15.58 15.48 -59.80
CA ALA D 271 16.77 15.02 -59.08
C ALA D 271 16.68 13.54 -58.66
N PHE D 272 17.83 12.97 -58.38
CA PHE D 272 17.94 11.61 -57.85
C PHE D 272 18.80 11.70 -56.61
N ILE D 273 18.21 11.35 -55.47
CA ILE D 273 18.90 11.52 -54.19
C ILE D 273 18.98 10.22 -53.41
N PRO D 274 19.87 9.32 -53.83
CA PRO D 274 20.06 8.09 -53.05
C PRO D 274 20.86 8.38 -51.79
N HIS D 275 20.64 7.57 -50.75
CA HIS D 275 21.55 7.53 -49.61
C HIS D 275 22.99 7.52 -50.14
N GLN D 276 23.86 8.27 -49.51
CA GLN D 276 25.23 8.42 -50.00
C GLN D 276 26.14 7.31 -49.47
N ALA D 277 25.87 6.07 -49.88
CA ALA D 277 26.61 4.91 -49.40
C ALA D 277 28.07 4.96 -49.84
N ASN D 278 28.27 5.08 -51.15
CA ASN D 278 29.55 5.49 -51.71
C ASN D 278 29.48 5.75 -53.23
N MET D 279 30.46 6.48 -53.76
CA MET D 279 30.36 7.03 -55.11
C MET D 279 30.19 5.97 -56.20
N ARG D 280 30.87 4.84 -56.06
CA ARG D 280 30.72 3.78 -57.03
C ARG D 280 29.27 3.29 -57.03
N ILE D 281 28.66 3.17 -55.85
CA ILE D 281 27.26 2.76 -55.78
C ILE D 281 26.35 3.81 -56.41
N ILE D 282 26.53 5.07 -56.05
CA ILE D 282 25.72 6.14 -56.61
C ILE D 282 25.79 6.18 -58.14
N ASP D 283 27.01 6.17 -58.68
CA ASP D 283 27.18 6.26 -60.13
C ASP D 283 26.54 5.09 -60.88
N GLU D 284 26.76 3.87 -60.38
CA GLU D 284 26.22 2.68 -61.05
C GLU D 284 24.69 2.66 -60.93
N PHE D 285 24.20 2.94 -59.73
CA PHE D 285 22.77 3.06 -59.47
C PHE D 285 22.14 4.05 -60.45
N ALA D 286 22.70 5.26 -60.53
CA ALA D 286 22.16 6.28 -61.43
C ALA D 286 22.09 5.74 -62.86
N LYS D 287 23.14 5.03 -63.26
CA LYS D 287 23.24 4.44 -64.59
C LYS D 287 22.11 3.46 -64.88
N GLN D 288 21.75 2.68 -63.87
CA GLN D 288 20.73 1.64 -64.04
C GLN D 288 19.31 2.18 -64.17
N LEU D 289 19.11 3.43 -63.77
CA LEU D 289 17.79 4.04 -63.85
C LEU D 289 17.60 4.77 -65.17
N LYS D 290 18.67 4.85 -65.95
CA LYS D 290 18.59 5.46 -67.28
C LYS D 290 18.05 6.88 -67.22
N LEU D 291 18.58 7.65 -66.29
CA LEU D 291 18.16 9.03 -66.12
C LEU D 291 18.64 9.91 -67.26
N PRO D 292 17.76 10.79 -67.77
CA PRO D 292 18.22 11.83 -68.69
C PRO D 292 19.32 12.64 -68.02
N GLU D 293 20.13 13.31 -68.82
CA GLU D 293 21.25 14.10 -68.33
C GLU D 293 20.77 15.29 -67.49
N SER D 294 19.51 15.68 -67.68
CA SER D 294 18.94 16.83 -66.97
C SER D 294 18.56 16.55 -65.50
N VAL D 295 18.57 15.27 -65.12
CA VAL D 295 18.28 14.91 -63.72
C VAL D 295 19.55 15.02 -62.88
N VAL D 296 19.55 15.94 -61.93
CA VAL D 296 20.70 16.15 -61.06
C VAL D 296 20.86 14.97 -60.11
N VAL D 297 22.08 14.48 -59.98
CA VAL D 297 22.36 13.35 -59.10
C VAL D 297 23.15 13.81 -57.88
N ALA D 298 22.59 13.57 -56.70
CA ALA D 298 23.24 13.93 -55.45
C ALA D 298 24.59 13.23 -55.30
N ARG D 299 25.61 14.00 -54.93
CA ARG D 299 26.95 13.44 -54.72
C ARG D 299 27.70 14.13 -53.57
N ASP D 300 26.96 14.48 -52.53
CA ASP D 300 27.49 15.16 -51.35
C ASP D 300 28.56 14.31 -50.63
N ILE D 301 28.57 13.02 -50.93
CA ILE D 301 29.47 12.08 -50.25
C ILE D 301 30.97 12.35 -50.38
N ALA D 302 31.39 12.93 -51.50
CA ALA D 302 32.81 13.25 -51.71
C ALA D 302 33.34 14.20 -50.63
N ASP D 303 32.44 15.01 -50.08
CA ASP D 303 32.80 16.02 -49.09
C ASP D 303 32.26 15.67 -47.70
N ALA D 304 31.08 15.06 -47.65
CA ALA D 304 30.42 14.77 -46.37
C ALA D 304 30.70 13.39 -45.84
N GLY D 305 31.15 12.50 -46.72
CA GLY D 305 31.28 11.09 -46.38
C GLY D 305 29.89 10.46 -46.23
N ASN D 306 29.86 9.21 -45.82
CA ASN D 306 28.60 8.49 -45.62
C ASN D 306 28.03 8.83 -44.26
N THR D 307 26.93 9.58 -44.23
CA THR D 307 26.30 9.97 -42.95
C THR D 307 24.99 9.22 -42.63
N SER D 308 24.83 8.04 -43.23
CA SER D 308 23.72 7.15 -42.89
C SER D 308 22.36 7.86 -43.01
N ALA D 309 21.57 7.81 -41.94
CA ALA D 309 20.23 8.38 -41.99
C ALA D 309 20.24 9.87 -42.32
N ALA D 310 21.31 10.56 -41.96
CA ALA D 310 21.42 11.99 -42.28
C ALA D 310 21.70 12.25 -43.77
N SER D 311 22.03 11.20 -44.52
CA SER D 311 22.61 11.40 -45.85
C SER D 311 21.67 12.00 -46.89
N ILE D 312 20.41 11.58 -46.90
CA ILE D 312 19.51 12.05 -47.94
C ILE D 312 19.06 13.49 -47.71
N PRO D 313 18.66 13.85 -46.47
CA PRO D 313 18.24 15.23 -46.31
C PRO D 313 19.42 16.21 -46.43
N LEU D 314 20.60 15.81 -45.95
CA LEU D 314 21.79 16.64 -46.10
C LEU D 314 22.07 16.84 -47.58
N ALA D 315 22.00 15.77 -48.35
CA ALA D 315 22.29 15.87 -49.78
C ALA D 315 21.24 16.76 -50.42
N MET D 316 19.98 16.52 -50.08
CA MET D 316 18.90 17.34 -50.60
C MET D 316 19.13 18.82 -50.29
N HIS D 317 19.72 19.09 -49.13
CA HIS D 317 19.98 20.46 -48.69
C HIS D 317 21.08 21.14 -49.52
N ARG D 318 22.07 20.36 -49.91
CA ARG D 318 23.13 20.83 -50.77
C ARG D 318 22.58 21.10 -52.17
N LEU D 319 21.76 20.19 -52.68
CA LEU D 319 21.20 20.33 -54.02
C LEU D 319 20.36 21.59 -54.18
N LEU D 320 19.55 21.92 -53.18
CA LEU D 320 18.69 23.09 -53.29
C LEU D 320 19.48 24.37 -53.07
N GLU D 321 20.60 24.25 -52.35
CA GLU D 321 21.48 25.40 -52.12
C GLU D 321 22.13 25.84 -53.44
N GLU D 322 22.72 24.89 -54.15
CA GLU D 322 23.46 25.24 -55.35
C GLU D 322 22.63 25.22 -56.63
N ASN D 323 21.36 24.84 -56.50
CA ASN D 323 20.44 24.85 -57.62
C ASN D 323 19.00 25.14 -57.19
N PRO D 324 18.72 26.39 -56.79
CA PRO D 324 17.41 26.77 -56.22
C PRO D 324 16.25 26.53 -57.18
N GLU D 325 16.56 26.38 -58.47
CA GLU D 325 15.53 26.14 -59.48
C GLU D 325 14.84 24.77 -59.29
N LEU D 326 15.45 23.90 -58.49
CA LEU D 326 14.92 22.56 -58.25
C LEU D 326 13.66 22.53 -57.35
N SER D 327 13.44 23.58 -56.58
CA SER D 327 12.20 23.71 -55.79
C SER D 327 10.97 23.44 -56.64
N GLY D 328 10.10 22.56 -56.16
CA GLY D 328 8.91 22.16 -56.91
C GLY D 328 9.24 21.05 -57.89
N GLY D 329 10.52 20.79 -58.10
CA GLY D 329 10.91 19.64 -58.89
C GLY D 329 10.71 18.33 -58.13
N LEU D 330 10.53 17.25 -58.88
CA LEU D 330 10.38 15.91 -58.29
C LEU D 330 11.72 15.27 -58.00
N ALA D 331 11.86 14.67 -56.83
CA ALA D 331 13.08 13.96 -56.48
C ALA D 331 12.80 12.50 -56.04
N LEU D 332 13.61 11.59 -56.53
CA LEU D 332 13.52 10.21 -56.08
C LEU D 332 14.51 10.04 -54.95
N GLN D 333 14.00 9.82 -53.74
CA GLN D 333 14.87 9.55 -52.60
C GLN D 333 14.75 8.08 -52.23
N ILE D 334 15.87 7.45 -51.95
CA ILE D 334 15.87 6.05 -51.58
C ILE D 334 17.05 5.76 -50.65
N GLY D 335 16.73 5.19 -49.50
CA GLY D 335 17.75 4.85 -48.52
C GLY D 335 17.77 3.36 -48.27
N PHE D 336 18.94 2.88 -47.86
CA PHE D 336 19.16 1.45 -47.69
C PHE D 336 20.34 1.22 -46.77
N GLY D 337 20.22 0.27 -45.86
CA GLY D 337 21.29 -0.04 -44.92
C GLY D 337 21.05 -1.28 -44.09
N ALA D 338 21.76 -1.37 -42.95
CA ALA D 338 21.76 -2.56 -42.09
C ALA D 338 20.37 -3.03 -41.69
N GLY D 339 20.16 -4.34 -41.79
CA GLY D 339 18.88 -4.95 -41.46
C GLY D 339 18.70 -6.30 -42.15
N LEU D 340 18.78 -6.33 -43.48
CA LEU D 340 18.89 -5.14 -44.32
C LEU D 340 17.52 -4.48 -44.37
N VAL D 341 17.50 -3.16 -44.54
CA VAL D 341 16.25 -2.43 -44.73
C VAL D 341 16.38 -1.39 -45.83
N TYR D 342 15.26 -0.98 -46.42
CA TYR D 342 15.31 0.07 -47.45
C TYR D 342 13.99 0.81 -47.49
N GLY D 343 13.98 1.97 -48.13
CA GLY D 343 12.76 2.75 -48.23
C GLY D 343 12.94 3.81 -49.27
N ALA D 344 11.86 4.14 -49.96
CA ALA D 344 11.94 5.08 -51.08
C ALA D 344 10.62 5.80 -51.34
N GLN D 345 10.73 7.06 -51.73
CA GLN D 345 9.59 7.86 -52.14
C GLN D 345 9.98 8.78 -53.29
N VAL D 346 9.01 9.13 -54.13
CA VAL D 346 9.19 10.26 -55.02
C VAL D 346 8.59 11.46 -54.30
N VAL D 347 9.38 12.51 -54.16
CA VAL D 347 9.04 13.63 -53.31
C VAL D 347 9.17 14.99 -54.04
N ARG D 348 8.14 15.83 -53.90
CA ARG D 348 8.22 17.18 -54.45
C ARG D 348 9.10 18.05 -53.59
N LEU D 349 10.22 18.51 -54.15
CA LEU D 349 11.16 19.33 -53.40
C LEU D 349 10.53 20.64 -52.95
N PRO D 350 10.81 21.03 -51.70
CA PRO D 350 10.32 22.30 -51.18
C PRO D 350 10.76 23.47 -52.06
N THR E 2 0.12 25.13 -19.17
CA THR E 2 -0.53 24.85 -17.90
C THR E 2 -0.11 25.83 -16.80
N VAL E 3 -0.83 25.80 -15.69
CA VAL E 3 -0.52 26.70 -14.57
C VAL E 3 0.52 26.07 -13.67
N THR E 4 1.55 26.85 -13.31
CA THR E 4 2.56 26.37 -12.38
C THR E 4 2.69 27.38 -11.24
N LEU E 5 2.52 26.92 -10.00
CA LEU E 5 2.46 27.80 -8.83
C LEU E 5 3.75 28.56 -8.61
N LYS E 6 3.61 29.84 -8.30
CA LYS E 6 4.78 30.63 -7.94
C LYS E 6 5.36 30.12 -6.66
N GLN E 7 6.64 30.45 -6.45
CA GLN E 7 7.35 30.04 -5.26
C GLN E 7 8.22 31.18 -4.84
N HIS E 8 8.52 31.26 -3.54
CA HIS E 8 9.45 32.28 -3.03
C HIS E 8 10.90 31.97 -3.40
N GLU E 9 11.66 33.03 -3.66
CA GLU E 9 13.11 32.94 -3.72
C GLU E 9 13.69 32.73 -2.33
N ARG E 10 14.82 32.03 -2.25
CA ARG E 10 15.40 31.66 -0.97
C ARG E 10 16.80 32.23 -0.80
N PRO E 11 17.11 32.72 0.41
CA PRO E 11 18.44 33.23 0.74
C PRO E 11 19.46 32.12 0.99
N ALA E 12 20.74 32.49 1.02
CA ALA E 12 21.82 31.54 1.19
C ALA E 12 21.69 30.85 2.55
N ALA E 13 21.41 31.65 3.58
CA ALA E 13 21.47 31.12 4.94
C ALA E 13 20.67 31.96 5.94
N SER E 14 20.96 31.77 7.22
CA SER E 14 20.24 32.46 8.27
C SER E 14 21.19 32.67 9.44
N ARG E 15 20.83 33.62 10.31
CA ARG E 15 21.60 33.85 11.54
C ARG E 15 20.78 34.60 12.56
N ILE E 16 21.18 34.46 13.82
CA ILE E 16 20.60 35.21 14.92
C ILE E 16 21.23 36.59 14.96
N VAL E 17 20.41 37.65 14.90
CA VAL E 17 20.96 39.00 14.81
C VAL E 17 20.94 39.72 16.14
N ALA E 18 20.18 39.19 17.09
CA ALA E 18 20.04 39.87 18.37
C ALA E 18 19.46 38.94 19.43
N VAL E 19 19.80 39.19 20.69
CA VAL E 19 19.16 38.48 21.78
C VAL E 19 18.66 39.50 22.82
N GLY E 20 17.47 39.23 23.38
CA GLY E 20 16.84 40.12 24.35
C GLY E 20 16.40 39.32 25.56
N ALA E 21 16.26 39.98 26.70
CA ALA E 21 15.95 39.30 27.96
C ALA E 21 14.96 40.08 28.79
N TYR E 22 14.14 39.36 29.55
CA TYR E 22 13.35 39.97 30.61
C TYR E 22 13.46 39.12 31.87
N ARG E 23 13.95 39.71 32.95
CA ARG E 23 14.02 39.00 34.23
C ARG E 23 13.22 39.75 35.31
N PRO E 24 12.26 39.05 35.94
CA PRO E 24 11.60 39.55 37.15
C PRO E 24 12.65 39.98 38.16
N ALA E 25 12.34 41.00 38.94
CA ALA E 25 13.34 41.59 39.84
C ALA E 25 13.43 40.78 41.12
N ASN E 26 12.39 40.00 41.39
CA ASN E 26 12.36 39.23 42.63
C ASN E 26 13.17 37.95 42.55
N LEU E 27 14.36 37.99 43.12
CA LEU E 27 15.24 36.83 43.18
C LEU E 27 14.99 36.09 44.48
N VAL E 28 14.15 35.07 44.42
CA VAL E 28 13.76 34.34 45.62
C VAL E 28 14.86 33.38 46.11
N PRO E 29 15.34 33.60 47.34
CA PRO E 29 16.38 32.77 47.96
C PRO E 29 15.82 31.40 48.32
N ASN E 30 16.70 30.40 48.41
CA ASN E 30 16.28 29.05 48.76
C ASN E 30 15.56 28.99 50.10
N GLU E 31 16.01 29.80 51.06
CA GLU E 31 15.45 29.79 52.40
C GLU E 31 13.93 30.00 52.41
N ASP E 32 13.44 30.77 51.43
CA ASP E 32 12.02 31.12 51.36
C ASP E 32 11.14 29.94 50.95
N LEU E 33 11.74 28.85 50.50
CA LEU E 33 11.01 27.72 49.95
C LEU E 33 11.28 26.40 50.67
N ILE E 34 12.36 26.33 51.45
CA ILE E 34 12.76 25.08 52.07
C ILE E 34 11.76 24.56 53.11
N GLY E 35 10.65 25.28 53.30
CA GLY E 35 9.68 24.95 54.32
C GLY E 35 8.70 23.82 54.05
N PRO E 36 7.78 24.03 53.09
CA PRO E 36 6.76 23.05 52.69
C PRO E 36 7.33 21.72 52.17
N ILE E 37 8.57 21.76 51.69
CA ILE E 37 9.34 20.56 51.43
C ILE E 37 10.36 20.53 52.55
N ASP E 38 10.65 19.37 53.09
CA ASP E 38 11.53 19.30 54.27
C ASP E 38 12.98 19.37 53.83
N SER E 39 13.40 20.57 53.44
CA SER E 39 14.69 20.76 52.76
C SER E 39 15.54 21.84 53.42
N SER E 40 16.74 22.05 52.88
CA SER E 40 17.64 23.08 53.40
C SER E 40 18.22 23.90 52.25
N ASP E 41 18.70 25.10 52.56
CA ASP E 41 19.35 25.90 51.55
C ASP E 41 20.55 25.17 50.97
N GLU E 42 21.31 24.48 51.82
CA GLU E 42 22.53 23.83 51.37
C GLU E 42 22.28 22.65 50.45
N TRP E 43 21.19 21.91 50.71
CA TRP E 43 20.91 20.70 49.94
C TRP E 43 20.47 21.04 48.52
N ILE E 44 19.72 22.12 48.37
CA ILE E 44 19.35 22.62 47.06
C ILE E 44 20.59 23.04 46.26
N ARG E 45 21.49 23.78 46.91
CA ARG E 45 22.70 24.25 46.24
C ARG E 45 23.55 23.09 45.73
N GLN E 46 23.72 22.06 46.57
CA GLN E 46 24.53 20.90 46.21
C GLN E 46 23.89 20.09 45.09
N ARG E 47 22.58 19.92 45.16
CA ARG E 47 21.88 19.04 44.24
C ARG E 47 21.50 19.73 42.93
N THR E 48 21.42 21.07 42.95
CA THR E 48 20.95 21.81 41.77
C THR E 48 21.87 22.96 41.35
N GLY E 49 22.58 23.54 42.31
CA GLY E 49 23.48 24.65 42.01
C GLY E 49 22.74 25.96 42.05
N ILE E 50 21.45 25.91 42.38
CA ILE E 50 20.62 27.11 42.46
C ILE E 50 20.79 27.86 43.79
N VAL E 51 20.94 29.17 43.69
CA VAL E 51 21.01 30.04 44.86
C VAL E 51 19.73 30.87 44.98
N THR E 52 19.40 31.62 43.93
CA THR E 52 18.12 32.30 43.83
C THR E 52 17.42 31.87 42.56
N ARG E 53 16.12 32.17 42.46
CA ARG E 53 15.40 32.00 41.20
C ARG E 53 14.48 33.17 40.96
N GLN E 54 14.28 33.52 39.69
CA GLN E 54 13.44 34.65 39.33
C GLN E 54 11.97 34.30 39.53
N ARG E 55 11.25 35.18 40.22
CA ARG E 55 9.81 34.99 40.42
C ARG E 55 9.04 36.26 40.05
N ALA E 56 8.18 36.13 39.05
CA ALA E 56 7.44 37.28 38.52
C ALA E 56 6.27 37.69 39.42
N THR E 57 5.86 38.95 39.31
CA THR E 57 4.64 39.38 39.96
C THR E 57 3.43 39.00 39.12
N ALA E 58 2.25 39.18 39.71
CA ALA E 58 1.00 38.94 39.02
C ALA E 58 0.87 39.81 37.76
N GLU E 59 1.46 41.01 37.79
CA GLU E 59 1.42 41.92 36.64
C GLU E 59 2.42 41.51 35.56
N GLU E 60 3.38 40.67 35.92
CA GLU E 60 4.38 40.19 34.97
C GLU E 60 3.92 38.91 34.29
N THR E 61 2.91 39.07 33.43
CA THR E 61 2.37 37.97 32.66
C THR E 61 3.35 37.53 31.57
N VAL E 62 3.07 36.36 31.00
CA VAL E 62 3.81 35.91 29.84
C VAL E 62 3.95 36.99 28.76
N PRO E 63 2.83 37.62 28.36
CA PRO E 63 2.96 38.64 27.31
C PRO E 63 3.78 39.83 27.79
N VAL E 64 3.65 40.22 29.05
CA VAL E 64 4.41 41.37 29.54
C VAL E 64 5.91 41.09 29.45
N MET E 65 6.32 39.88 29.84
CA MET E 65 7.72 39.50 29.82
C MET E 65 8.22 39.30 28.39
N ALA E 66 7.46 38.56 27.58
CA ALA E 66 7.80 38.39 26.17
C ALA E 66 7.99 39.74 25.47
N VAL E 67 7.09 40.69 25.74
CA VAL E 67 7.15 41.99 25.09
C VAL E 67 8.43 42.73 25.45
N GLY E 68 8.81 42.70 26.72
CA GLY E 68 10.05 43.35 27.14
C GLY E 68 11.30 42.74 26.50
N ALA E 69 11.40 41.40 26.51
CA ALA E 69 12.51 40.72 25.86
C ALA E 69 12.58 41.03 24.36
N ALA E 70 11.43 40.96 23.69
CA ALA E 70 11.35 41.23 22.27
C ALA E 70 11.81 42.65 21.92
N ARG E 71 11.44 43.63 22.75
CA ARG E 71 11.79 45.01 22.47
C ARG E 71 13.29 45.22 22.59
N GLU E 72 13.92 44.54 23.54
CA GLU E 72 15.36 44.66 23.66
C GLU E 72 15.99 44.08 22.39
N ALA E 73 15.42 42.99 21.88
CA ALA E 73 16.00 42.34 20.70
C ALA E 73 15.87 43.26 19.48
N LEU E 74 14.70 43.88 19.34
CA LEU E 74 14.46 44.87 18.28
C LEU E 74 15.41 46.06 18.39
N GLU E 75 15.54 46.62 19.58
CA GLU E 75 16.43 47.75 19.74
C GLU E 75 17.84 47.37 19.29
N ARG E 76 18.34 46.25 19.78
CA ARG E 76 19.70 45.80 19.45
C ARG E 76 19.94 45.50 17.98
N ALA E 77 18.91 44.99 17.29
CA ALA E 77 19.01 44.71 15.87
C ALA E 77 18.77 45.94 15.02
N GLY E 78 18.44 47.07 15.66
CA GLY E 78 18.19 48.30 14.94
C GLY E 78 16.89 48.24 14.15
N LEU E 79 15.95 47.41 14.61
CA LEU E 79 14.67 47.18 13.91
C LEU E 79 13.46 47.71 14.68
N GLN E 80 12.35 47.88 13.96
CA GLN E 80 11.06 48.22 14.58
C GLN E 80 10.21 46.96 14.50
N GLY E 81 9.12 46.92 15.26
CA GLY E 81 8.27 45.74 15.25
C GLY E 81 7.78 45.41 13.85
N SER E 82 7.56 46.44 13.05
CA SER E 82 7.01 46.24 11.73
C SER E 82 7.97 45.53 10.79
N ASP E 83 9.24 45.44 11.17
CA ASP E 83 10.20 44.66 10.35
C ASP E 83 10.09 43.14 10.53
N LEU E 84 9.30 42.68 11.50
CA LEU E 84 9.19 41.23 11.72
C LEU E 84 8.19 40.60 10.74
N ASP E 85 8.46 39.35 10.35
CA ASP E 85 7.62 38.62 9.41
C ASP E 85 6.96 37.43 10.05
N ALA E 86 7.37 37.11 11.27
CA ALA E 86 6.75 36.01 12.00
C ALA E 86 7.10 36.13 13.46
N VAL E 87 6.15 35.75 14.30
CA VAL E 87 6.35 35.79 15.74
C VAL E 87 6.05 34.43 16.35
N ILE E 88 7.06 33.81 16.92
CA ILE E 88 6.90 32.51 17.55
C ILE E 88 7.11 32.63 19.04
N VAL E 89 6.12 32.19 19.82
CA VAL E 89 6.24 32.23 21.26
C VAL E 89 6.21 30.81 21.80
N SER E 90 7.31 30.42 22.44
CA SER E 90 7.41 29.10 23.05
C SER E 90 7.10 29.24 24.53
N THR E 91 5.91 28.78 24.90
CA THR E 91 5.45 28.89 26.27
C THR E 91 4.47 27.77 26.57
N VAL E 92 4.44 27.37 27.83
CA VAL E 92 3.54 26.34 28.30
C VAL E 92 2.63 26.90 29.41
N THR E 93 2.89 28.12 29.83
CA THR E 93 2.19 28.68 30.98
C THR E 93 1.29 29.88 30.68
N PHE E 94 0.92 30.08 29.42
CA PHE E 94 -0.06 31.12 29.11
C PHE E 94 -1.45 30.56 29.46
N PRO E 95 -2.18 31.22 30.38
CA PRO E 95 -3.44 30.81 31.02
C PRO E 95 -4.71 30.84 30.14
N HIS E 96 -4.58 30.63 28.84
CA HIS E 96 -5.72 30.60 27.93
C HIS E 96 -5.50 29.57 26.84
N ALA E 97 -6.52 28.75 26.61
CA ALA E 97 -6.45 27.77 25.55
C ALA E 97 -6.27 28.48 24.20
N THR E 98 -6.97 29.62 24.05
CA THR E 98 -6.97 30.37 22.80
C THR E 98 -7.59 31.73 23.10
N PRO E 99 -7.19 32.80 22.39
CA PRO E 99 -6.15 32.76 21.36
C PRO E 99 -4.76 32.78 22.01
N SER E 100 -3.73 32.80 21.18
CA SER E 100 -2.36 32.65 21.65
C SER E 100 -1.80 33.89 22.34
N ALA E 101 -0.71 33.69 23.07
CA ALA E 101 0.06 34.78 23.60
C ALA E 101 0.76 35.51 22.48
N ALA E 102 1.23 34.76 21.48
CA ALA E 102 1.97 35.37 20.36
C ALA E 102 1.17 36.46 19.64
N ALA E 103 -0.14 36.26 19.52
CA ALA E 103 -0.97 37.25 18.83
C ALA E 103 -0.92 38.59 19.59
N LEU E 104 -1.10 38.51 20.91
CA LEU E 104 -0.98 39.65 21.81
C LEU E 104 0.38 40.30 21.67
N VAL E 105 1.43 39.49 21.78
CA VAL E 105 2.79 40.01 21.67
C VAL E 105 3.02 40.70 20.33
N ALA E 106 2.59 40.04 19.26
CA ALA E 106 2.74 40.63 17.93
C ALA E 106 2.10 42.03 17.86
N HIS E 107 0.92 42.17 18.44
CA HIS E 107 0.23 43.45 18.39
C HIS E 107 0.95 44.50 19.24
N GLU E 108 1.31 44.11 20.46
CA GLU E 108 1.93 45.05 21.40
C GLU E 108 3.28 45.63 20.94
N ILE E 109 4.01 44.89 20.10
CA ILE E 109 5.29 45.41 19.62
C ILE E 109 5.21 46.06 18.24
N GLY E 110 3.99 46.17 17.72
CA GLY E 110 3.76 46.81 16.43
C GLY E 110 4.10 45.93 15.23
N ALA E 111 4.06 44.62 15.42
CA ALA E 111 4.44 43.68 14.36
C ALA E 111 3.24 43.26 13.50
N THR E 112 2.03 43.61 13.94
CA THR E 112 0.85 43.43 13.10
C THR E 112 1.16 43.92 11.67
N PRO E 113 0.78 43.15 10.63
CA PRO E 113 -0.03 41.92 10.64
C PRO E 113 0.77 40.60 10.60
N ALA E 114 2.02 40.61 11.06
CA ALA E 114 2.84 39.39 11.03
C ALA E 114 2.12 38.17 11.65
N PRO E 115 2.23 37.00 11.02
CA PRO E 115 1.67 35.77 11.58
C PRO E 115 2.32 35.46 12.92
N ALA E 116 1.53 34.90 13.83
CA ALA E 116 1.96 34.76 15.20
C ALA E 116 1.34 33.51 15.82
N TYR E 117 2.17 32.65 16.38
CA TYR E 117 1.64 31.45 17.00
C TYR E 117 2.49 31.02 18.18
N ASP E 118 1.86 30.25 19.07
CA ASP E 118 2.56 29.66 20.20
C ASP E 118 2.96 28.25 19.86
N VAL E 119 4.09 27.84 20.42
CA VAL E 119 4.63 26.51 20.25
C VAL E 119 4.70 25.83 21.61
N SER E 120 4.27 24.57 21.65
CA SER E 120 4.36 23.78 22.87
C SER E 120 5.43 22.70 22.71
N ALA E 121 6.56 22.94 23.35
CA ALA E 121 7.69 22.02 23.30
C ALA E 121 8.51 22.12 24.57
N ALA E 122 7.84 22.50 25.65
CA ALA E 122 8.43 22.39 26.99
C ALA E 122 9.75 23.15 27.03
N CYS E 123 10.74 22.59 27.72
CA CYS E 123 12.03 23.24 27.87
C CYS E 123 12.87 23.23 26.59
N ALA E 124 12.43 22.47 25.59
CA ALA E 124 13.10 22.49 24.30
C ALA E 124 12.43 23.52 23.37
N GLY E 125 11.52 24.31 23.92
CA GLY E 125 10.73 25.24 23.13
C GLY E 125 11.51 26.30 22.36
N TYR E 126 12.54 26.88 22.97
CA TYR E 126 13.35 27.86 22.27
C TYR E 126 14.10 27.23 21.10
N CYS E 127 14.64 26.03 21.33
CA CYS E 127 15.38 25.31 20.29
C CYS E 127 14.46 24.85 19.16
N TYR E 128 13.28 24.38 19.52
CA TYR E 128 12.23 24.12 18.54
C TYR E 128 11.89 25.38 17.73
N GLY E 129 11.78 26.51 18.43
CA GLY E 129 11.45 27.78 17.80
C GLY E 129 12.55 28.20 16.84
N VAL E 130 13.80 28.03 17.24
CA VAL E 130 14.94 28.38 16.39
C VAL E 130 15.01 27.51 15.13
N ALA E 131 14.68 26.22 15.28
CA ALA E 131 14.67 25.31 14.13
C ALA E 131 13.60 25.77 13.14
N GLN E 132 12.49 26.25 13.67
CA GLN E 132 11.40 26.70 12.84
C GLN E 132 11.71 28.04 12.19
N ALA E 133 12.31 28.94 12.97
CA ALA E 133 12.66 30.25 12.46
C ALA E 133 13.70 30.08 11.34
N ASP E 134 14.69 29.23 11.58
CA ASP E 134 15.69 28.92 10.56
C ASP E 134 15.04 28.38 9.27
N ALA E 135 14.03 27.54 9.41
CA ALA E 135 13.37 26.99 8.22
C ALA E 135 12.52 28.04 7.50
N LEU E 136 11.85 28.89 8.28
CA LEU E 136 11.10 29.98 7.69
C LEU E 136 12.03 30.89 6.89
N VAL E 137 13.23 31.14 7.41
CA VAL E 137 14.16 32.03 6.71
C VAL E 137 14.75 31.37 5.47
N ARG E 138 15.26 30.14 5.62
CA ARG E 138 15.94 29.46 4.50
C ARG E 138 14.99 29.00 3.40
N SER E 139 13.68 29.05 3.67
CA SER E 139 12.67 28.75 2.64
C SER E 139 12.09 30.03 2.02
N GLY E 140 12.57 31.18 2.47
CA GLY E 140 12.12 32.45 1.94
C GLY E 140 10.72 32.84 2.41
N THR E 141 10.21 32.14 3.41
CA THR E 141 8.90 32.48 3.96
C THR E 141 8.95 33.74 4.83
N ALA E 142 10.05 33.95 5.53
CA ALA E 142 10.18 35.10 6.39
C ALA E 142 11.59 35.65 6.28
N ARG E 143 11.73 36.95 6.46
CA ARG E 143 13.04 37.58 6.39
C ARG E 143 13.56 37.91 7.79
N HIS E 144 12.65 38.12 8.73
CA HIS E 144 13.00 38.39 10.12
C HIS E 144 11.98 37.65 11.01
N VAL E 145 12.45 36.78 11.89
CA VAL E 145 11.55 35.97 12.71
C VAL E 145 11.89 36.21 14.15
N LEU E 146 10.86 36.54 14.95
CA LEU E 146 11.03 36.69 16.39
C LEU E 146 10.71 35.34 17.09
N VAL E 147 11.65 34.86 17.88
CA VAL E 147 11.42 33.68 18.71
C VAL E 147 11.57 34.10 20.16
N VAL E 148 10.54 33.83 20.94
CA VAL E 148 10.57 34.16 22.35
C VAL E 148 10.24 32.92 23.16
N GLY E 149 11.16 32.57 24.06
CA GLY E 149 10.91 31.55 25.06
C GLY E 149 10.58 32.25 26.37
N VAL E 150 9.37 32.05 26.87
CA VAL E 150 8.84 32.77 28.02
C VAL E 150 7.96 31.87 28.86
N GLU E 151 8.13 31.94 30.18
CA GLU E 151 7.34 31.12 31.10
C GLU E 151 7.08 31.83 32.45
N ARG E 152 5.85 31.77 32.93
CA ARG E 152 5.62 32.03 34.34
C ARG E 152 5.37 30.68 35.01
N LEU E 153 6.44 29.93 35.28
CA LEU E 153 6.32 28.57 35.80
C LEU E 153 5.74 28.57 37.21
N SER E 154 5.97 29.66 37.96
CA SER E 154 5.42 29.78 39.31
C SER E 154 3.90 29.65 39.31
N ASP E 155 3.27 29.86 38.15
CA ASP E 155 1.82 29.66 38.05
C ASP E 155 1.40 28.19 38.19
N VAL E 156 2.32 27.27 37.86
CA VAL E 156 1.99 25.86 37.88
C VAL E 156 2.92 25.00 38.75
N VAL E 157 3.50 25.60 39.78
CA VAL E 157 4.25 24.83 40.77
C VAL E 157 3.39 24.52 41.99
N ASP E 158 3.77 23.46 42.70
CA ASP E 158 3.20 23.13 44.01
C ASP E 158 4.29 23.37 45.05
N PRO E 159 4.07 24.30 45.98
CA PRO E 159 5.03 24.58 47.06
C PRO E 159 5.44 23.33 47.81
N THR E 160 4.54 22.35 47.95
CA THR E 160 4.86 21.15 48.71
C THR E 160 5.48 20.03 47.86
N ASP E 161 5.58 20.25 46.55
CA ASP E 161 6.17 19.26 45.66
C ASP E 161 7.69 19.25 45.77
N ARG E 162 8.25 18.11 46.12
CA ARG E 162 9.69 17.97 46.23
C ARG E 162 10.38 17.82 44.89
N SER E 163 9.66 17.32 43.89
CA SER E 163 10.29 16.89 42.63
C SER E 163 10.81 18.01 41.70
N ILE E 164 10.09 19.13 41.61
CA ILE E 164 10.49 20.15 40.64
C ILE E 164 10.24 21.61 41.09
N SER E 165 9.30 21.83 41.99
CA SER E 165 8.84 23.18 42.33
C SER E 165 9.94 24.23 42.49
N PHE E 166 10.91 23.92 43.35
CA PHE E 166 11.88 24.93 43.79
C PHE E 166 12.95 25.25 42.76
N LEU E 167 13.07 24.43 41.72
CA LEU E 167 14.01 24.68 40.62
C LEU E 167 13.48 25.73 39.65
N LEU E 168 12.15 25.83 39.54
CA LEU E 168 11.56 26.62 38.48
C LEU E 168 11.52 28.13 38.77
N GLY E 169 11.94 28.91 37.79
CA GLY E 169 11.85 30.36 37.85
C GLY E 169 11.08 30.88 36.65
N ASP E 170 10.92 32.21 36.58
CA ASP E 170 10.11 32.86 35.55
C ASP E 170 10.95 33.82 34.71
N GLY E 171 10.60 33.99 33.44
CA GLY E 171 11.31 34.94 32.61
C GLY E 171 11.05 34.80 31.12
N ALA E 172 11.71 35.66 30.34
CA ALA E 172 11.61 35.60 28.88
C ALA E 172 12.97 35.83 28.22
N GLY E 173 13.19 35.13 27.11
CA GLY E 173 14.39 35.34 26.33
C GLY E 173 13.96 35.31 24.87
N ALA E 174 14.48 36.25 24.10
CA ALA E 174 14.05 36.41 22.72
C ALA E 174 15.26 36.56 21.82
N VAL E 175 15.13 36.07 20.61
CA VAL E 175 16.13 36.26 19.57
C VAL E 175 15.40 36.56 18.28
N ILE E 176 16.11 37.24 17.38
CA ILE E 176 15.60 37.52 16.05
C ILE E 176 16.49 36.81 15.05
N VAL E 177 15.87 35.97 14.23
CA VAL E 177 16.56 35.22 13.18
C VAL E 177 16.31 35.92 11.84
N ALA E 178 17.35 36.05 11.04
CA ALA E 178 17.25 36.82 9.80
C ALA E 178 18.03 36.16 8.66
N ALA E 179 17.70 36.53 7.43
CA ALA E 179 18.46 36.09 6.29
C ALA E 179 19.91 36.47 6.45
N SER E 180 20.80 35.57 6.06
CA SER E 180 22.24 35.81 6.16
C SER E 180 22.93 35.32 4.89
N ASP E 181 24.00 36.01 4.51
CA ASP E 181 24.88 35.58 3.42
C ASP E 181 25.77 34.40 3.82
N GLU E 182 26.06 34.27 5.12
CA GLU E 182 26.88 33.15 5.63
C GLU E 182 26.07 32.28 6.59
N PRO E 183 26.34 30.98 6.61
CA PRO E 183 25.61 30.08 7.52
C PRO E 183 25.78 30.53 8.98
N GLY E 184 24.69 30.81 9.68
CA GLY E 184 24.77 31.19 11.10
C GLY E 184 24.11 30.19 12.05
N ILE E 185 23.32 29.29 11.48
CA ILE E 185 22.62 28.31 12.28
C ILE E 185 22.77 26.94 11.64
N SER E 186 23.46 26.04 12.32
CA SER E 186 23.69 24.70 11.78
C SER E 186 22.40 23.86 11.69
N PRO E 187 22.45 22.70 11.01
CA PRO E 187 21.24 21.87 10.89
C PRO E 187 20.75 21.38 12.25
N SER E 188 19.45 21.57 12.52
CA SER E 188 18.94 21.22 13.82
C SER E 188 18.93 19.72 14.02
N VAL E 189 19.41 19.30 15.19
CA VAL E 189 19.18 17.96 15.66
C VAL E 189 18.10 18.11 16.72
N TRP E 190 16.88 17.71 16.38
CA TRP E 190 15.75 17.81 17.31
C TRP E 190 14.86 16.58 17.18
N GLY E 191 14.11 16.27 18.23
CA GLY E 191 13.33 15.06 18.21
C GLY E 191 12.38 14.95 19.38
N SER E 192 11.78 13.78 19.50
CA SER E 192 10.84 13.48 20.57
C SER E 192 10.96 12.03 21.00
N ASP E 193 10.52 11.74 22.22
CA ASP E 193 10.37 10.38 22.68
C ASP E 193 9.13 10.33 23.54
N GLY E 194 7.97 10.24 22.86
CA GLY E 194 6.67 10.27 23.51
C GLY E 194 6.36 9.07 24.39
N GLU E 195 7.19 8.04 24.32
CA GLU E 195 7.00 6.89 25.19
C GLU E 195 7.27 7.30 26.64
N ARG E 196 8.04 8.36 26.79
CA ARG E 196 8.35 8.89 28.12
C ARG E 196 7.56 10.18 28.38
N TRP E 197 6.40 10.29 27.74
CA TRP E 197 5.53 11.44 27.90
C TRP E 197 5.28 11.76 29.39
N SER E 198 5.21 10.72 30.24
CA SER E 198 4.82 10.98 31.63
C SER E 198 6.00 11.29 32.58
N THR E 199 7.21 11.20 32.07
CA THR E 199 8.41 11.42 32.88
C THR E 199 8.47 12.82 33.51
N ILE E 200 8.04 13.82 32.74
CA ILE E 200 7.79 15.17 33.26
C ILE E 200 6.36 15.52 32.85
N SER E 201 5.50 15.81 33.81
CA SER E 201 4.09 16.00 33.49
C SER E 201 3.34 16.80 34.54
N MET E 202 2.06 17.06 34.27
CA MET E 202 1.19 17.71 35.22
C MET E 202 0.63 16.65 36.14
N THR E 203 0.23 17.05 37.34
CA THR E 203 -0.32 16.11 38.30
C THR E 203 -1.56 15.41 37.74
N HIS E 204 -2.39 16.16 37.02
CA HIS E 204 -3.58 15.60 36.38
C HIS E 204 -4.15 16.51 35.29
N SER E 205 -5.14 16.02 34.58
CA SER E 205 -5.73 16.72 33.45
C SER E 205 -6.61 17.88 33.89
N GLN E 206 -6.68 18.91 33.05
CA GLN E 206 -7.52 20.07 33.31
C GLN E 206 -9.00 19.68 33.37
N LEU E 207 -9.36 18.59 32.69
CA LEU E 207 -10.75 18.15 32.66
C LEU E 207 -11.13 17.62 34.04
N GLU E 208 -10.12 17.23 34.79
CA GLU E 208 -10.35 16.75 36.14
C GLU E 208 -10.82 17.97 36.94
N LEU E 209 -10.17 19.11 36.70
CA LEU E 209 -10.57 20.36 37.31
C LEU E 209 -11.96 20.78 36.83
N ARG E 210 -12.18 20.68 35.52
CA ARG E 210 -13.47 20.98 34.94
C ARG E 210 -14.59 20.20 35.64
N ASP E 211 -14.43 18.89 35.73
CA ASP E 211 -15.49 18.03 36.26
C ASP E 211 -15.80 18.30 37.75
N ALA E 212 -14.78 18.66 38.51
CA ALA E 212 -14.96 18.93 39.94
C ALA E 212 -15.76 20.21 40.19
N VAL E 213 -15.31 21.32 39.60
CA VAL E 213 -15.95 22.60 39.84
C VAL E 213 -17.40 22.62 39.31
N GLU E 214 -17.60 22.11 38.11
CA GLU E 214 -18.95 22.08 37.52
C GLU E 214 -19.90 21.17 38.28
N HIS E 215 -19.39 20.06 38.80
CA HIS E 215 -20.23 19.18 39.59
C HIS E 215 -20.72 19.90 40.84
N ALA E 216 -19.79 20.55 41.53
CA ALA E 216 -20.12 21.33 42.72
C ALA E 216 -21.12 22.44 42.38
N ARG E 217 -20.86 23.16 41.29
CA ARG E 217 -21.69 24.29 40.90
C ARG E 217 -23.14 23.89 40.62
N THR E 218 -23.34 22.78 39.93
CA THR E 218 -24.69 22.33 39.58
C THR E 218 -25.38 21.57 40.71
N THR E 219 -24.62 20.82 41.50
CA THR E 219 -25.22 20.03 42.57
C THR E 219 -25.20 20.76 43.91
N GLY E 220 -24.28 21.71 44.06
CA GLY E 220 -24.15 22.44 45.30
C GLY E 220 -23.29 21.67 46.28
N ASP E 221 -23.02 20.41 45.95
CA ASP E 221 -22.17 19.56 46.78
C ASP E 221 -20.71 19.89 46.54
N ALA E 222 -20.16 20.79 47.34
CA ALA E 222 -18.81 21.28 47.09
C ALA E 222 -17.73 20.51 47.83
N SER E 223 -18.10 19.37 48.42
CA SER E 223 -17.09 18.45 48.94
C SER E 223 -16.29 17.97 47.74
N ALA E 224 -15.22 17.24 48.00
CA ALA E 224 -14.28 16.85 46.94
C ALA E 224 -13.37 18.01 46.56
N ILE E 225 -13.88 19.23 46.72
CA ILE E 225 -13.06 20.43 46.59
C ILE E 225 -12.61 20.90 47.96
N THR E 226 -13.56 21.03 48.89
CA THR E 226 -13.23 21.32 50.29
C THR E 226 -12.76 20.02 50.91
N GLY E 227 -11.74 20.11 51.75
CA GLY E 227 -11.14 18.91 52.28
C GLY E 227 -10.49 18.06 51.20
N ALA E 228 -10.24 18.65 50.04
CA ALA E 228 -9.43 17.98 49.04
C ALA E 228 -7.98 17.98 49.52
N GLU E 229 -7.42 16.78 49.68
CA GLU E 229 -6.02 16.66 50.02
C GLU E 229 -5.22 16.62 48.72
N GLY E 230 -4.51 17.71 48.45
CA GLY E 230 -3.78 17.87 47.21
C GLY E 230 -4.42 18.95 46.37
N MET E 231 -3.57 19.81 45.79
CA MET E 231 -4.06 20.84 44.90
C MET E 231 -4.95 20.21 43.83
N LEU E 232 -6.04 20.89 43.48
CA LEU E 232 -6.84 20.49 42.32
C LEU E 232 -6.31 21.16 41.05
N TRP E 233 -5.82 22.38 41.20
CA TRP E 233 -5.09 23.03 40.13
C TRP E 233 -3.92 22.14 39.73
N PRO E 234 -3.87 21.72 38.44
CA PRO E 234 -2.78 20.90 37.91
C PRO E 234 -1.42 21.58 38.08
N THR E 235 -0.45 20.86 38.64
CA THR E 235 0.91 21.39 38.78
C THR E 235 1.96 20.49 38.14
N LEU E 236 3.10 21.08 37.81
CA LEU E 236 4.22 20.35 37.25
C LEU E 236 4.77 19.35 38.27
N ARG E 237 5.37 18.28 37.77
CA ARG E 237 5.97 17.26 38.61
C ARG E 237 6.89 16.41 37.73
N GLN E 238 7.95 15.83 38.28
CA GLN E 238 8.87 15.05 37.45
C GLN E 238 9.50 13.87 38.16
N ASP E 239 10.05 12.95 37.38
CA ASP E 239 10.89 11.90 37.93
C ASP E 239 12.34 12.34 37.74
N GLY E 240 12.88 13.00 38.76
CA GLY E 240 14.18 13.65 38.70
C GLY E 240 15.34 12.80 38.19
N PRO E 241 15.65 11.69 38.88
CA PRO E 241 16.74 10.78 38.50
C PRO E 241 16.63 10.28 37.06
N SER E 242 15.44 9.89 36.63
CA SER E 242 15.22 9.52 35.23
C SER E 242 15.66 10.63 34.29
N VAL E 243 15.19 11.84 34.59
CA VAL E 243 15.47 12.99 33.74
C VAL E 243 16.97 13.21 33.70
N PHE E 244 17.62 13.04 34.85
CA PHE E 244 19.04 13.27 34.98
C PHE E 244 19.92 12.36 34.12
N ARG E 245 19.66 11.05 34.15
CA ARG E 245 20.49 10.16 33.34
C ARG E 245 20.05 10.13 31.88
N TRP E 246 18.79 10.46 31.62
CA TRP E 246 18.35 10.63 30.25
C TRP E 246 19.10 11.80 29.65
N ALA E 247 19.24 12.88 30.42
CA ALA E 247 19.96 14.05 29.94
C ALA E 247 21.45 13.75 29.78
N VAL E 248 22.05 13.16 30.80
CA VAL E 248 23.48 12.87 30.76
C VAL E 248 23.85 11.84 29.68
N TRP E 249 23.06 10.77 29.55
CA TRP E 249 23.32 9.77 28.50
C TRP E 249 22.82 10.20 27.11
N SER E 250 21.53 10.43 27.00
CA SER E 250 20.91 10.64 25.69
C SER E 250 21.17 12.03 25.08
N MET E 251 21.06 13.08 25.88
CA MET E 251 21.22 14.43 25.34
C MET E 251 22.70 14.75 25.07
N ALA E 252 23.59 14.06 25.74
CA ALA E 252 25.01 14.19 25.42
C ALA E 252 25.21 13.69 23.99
N LYS E 253 24.58 12.56 23.66
CA LYS E 253 24.64 12.03 22.30
C LYS E 253 24.08 13.01 21.28
N VAL E 254 22.95 13.63 21.61
CA VAL E 254 22.34 14.62 20.73
C VAL E 254 23.31 15.78 20.53
N ALA E 255 23.96 16.20 21.62
CA ALA E 255 24.88 17.32 21.53
C ALA E 255 26.02 16.96 20.59
N ARG E 256 26.54 15.75 20.73
CA ARG E 256 27.58 15.28 19.82
C ARG E 256 27.06 15.26 18.38
N GLU E 257 25.84 14.78 18.17
CA GLU E 257 25.27 14.78 16.83
C GLU E 257 25.22 16.20 16.27
N ALA E 258 24.72 17.14 17.07
CA ALA E 258 24.63 18.54 16.65
C ALA E 258 25.98 19.06 16.16
N LEU E 259 27.03 18.74 16.90
CA LEU E 259 28.39 19.10 16.51
C LEU E 259 28.81 18.53 15.15
N ASP E 260 28.58 17.23 14.97
CA ASP E 260 28.92 16.56 13.71
C ASP E 260 28.10 17.14 12.54
N ALA E 261 26.80 17.25 12.72
CA ALA E 261 25.95 17.78 11.64
C ALA E 261 26.40 19.19 11.26
N ALA E 262 26.96 19.90 12.22
CA ALA E 262 27.43 21.27 11.99
C ALA E 262 28.81 21.30 11.32
N GLY E 263 29.52 20.18 11.39
CA GLY E 263 30.88 20.09 10.90
C GLY E 263 31.86 20.78 11.83
N VAL E 264 31.56 20.74 13.13
CA VAL E 264 32.28 21.52 14.13
C VAL E 264 32.83 20.63 15.24
N GLU E 265 33.99 20.99 15.77
CA GLU E 265 34.58 20.28 16.90
C GLU E 265 34.46 21.09 18.19
N PRO E 266 34.55 20.43 19.34
CA PRO E 266 34.49 21.12 20.64
C PRO E 266 35.46 22.30 20.71
N GLU E 267 36.70 22.12 20.25
CA GLU E 267 37.68 23.19 20.28
C GLU E 267 37.26 24.42 19.44
N ASP E 268 36.30 24.25 18.54
CA ASP E 268 35.86 25.33 17.67
C ASP E 268 34.88 26.25 18.39
N LEU E 269 34.39 25.80 19.54
CA LEU E 269 33.31 26.50 20.23
C LEU E 269 33.80 27.66 21.07
N ALA E 270 33.12 28.79 20.94
CA ALA E 270 33.34 29.91 21.83
C ALA E 270 32.59 29.66 23.14
N ALA E 271 31.45 29.01 23.04
CA ALA E 271 30.55 28.85 24.19
C ALA E 271 29.70 27.60 24.13
N PHE E 272 29.28 27.14 25.30
CA PHE E 272 28.34 26.03 25.42
C PHE E 272 27.15 26.52 26.24
N ILE E 273 25.96 26.50 25.63
CA ILE E 273 24.78 27.07 26.28
C ILE E 273 23.65 26.05 26.35
N PRO E 274 23.71 25.15 27.35
CA PRO E 274 22.62 24.18 27.51
C PRO E 274 21.47 24.81 28.24
N HIS E 275 20.28 24.26 28.01
CA HIS E 275 19.13 24.58 28.84
C HIS E 275 19.55 24.48 30.32
N GLN E 276 19.18 25.46 31.12
CA GLN E 276 19.65 25.54 32.50
C GLN E 276 18.78 24.73 33.46
N ALA E 277 18.95 23.41 33.42
CA ALA E 277 18.05 22.51 34.12
C ALA E 277 18.61 22.20 35.50
N ASN E 278 19.93 22.02 35.55
CA ASN E 278 20.59 21.63 36.78
C ASN E 278 22.08 21.86 36.62
N MET E 279 22.71 22.50 37.59
CA MET E 279 24.15 22.76 37.49
C MET E 279 24.94 21.48 37.25
N ARG E 280 24.60 20.44 38.00
CA ARG E 280 25.30 19.17 37.91
C ARG E 280 25.12 18.56 36.54
N ILE E 281 23.94 18.78 35.95
CA ILE E 281 23.73 18.32 34.59
C ILE E 281 24.64 19.10 33.63
N ILE E 282 24.71 20.42 33.83
CA ILE E 282 25.56 21.28 33.00
C ILE E 282 27.00 20.85 33.09
N ASP E 283 27.48 20.65 34.32
CA ASP E 283 28.86 20.23 34.55
C ASP E 283 29.15 18.91 33.84
N GLU E 284 28.25 17.95 33.99
CA GLU E 284 28.43 16.63 33.41
C GLU E 284 28.47 16.69 31.89
N PHE E 285 27.58 17.51 31.31
CA PHE E 285 27.55 17.81 29.89
C PHE E 285 28.93 18.24 29.41
N ALA E 286 29.50 19.19 30.14
CA ALA E 286 30.81 19.72 29.80
C ALA E 286 31.88 18.62 29.81
N LYS E 287 31.72 17.65 30.73
CA LYS E 287 32.65 16.53 30.80
C LYS E 287 32.47 15.61 29.59
N GLN E 288 31.23 15.20 29.34
CA GLN E 288 30.90 14.32 28.21
C GLN E 288 31.41 14.85 26.86
N LEU E 289 31.22 16.15 26.62
CA LEU E 289 31.56 16.75 25.34
C LEU E 289 33.05 17.05 25.23
N LYS E 290 33.79 16.76 26.30
CA LYS E 290 35.23 16.95 26.29
C LYS E 290 35.58 18.37 25.83
N LEU E 291 34.88 19.36 26.37
CA LEU E 291 35.15 20.73 26.01
C LEU E 291 36.50 21.14 26.59
N PRO E 292 37.25 21.95 25.83
CA PRO E 292 38.49 22.53 26.37
C PRO E 292 38.13 23.63 27.36
N GLU E 293 39.09 24.12 28.11
CA GLU E 293 38.82 25.17 29.08
C GLU E 293 38.58 26.53 28.42
N SER E 294 38.88 26.63 27.13
CA SER E 294 38.68 27.87 26.39
C SER E 294 37.20 28.13 26.08
N VAL E 295 36.37 27.10 26.19
CA VAL E 295 34.95 27.25 25.92
C VAL E 295 34.24 27.78 27.17
N VAL E 296 33.50 28.88 27.01
CA VAL E 296 32.72 29.45 28.11
C VAL E 296 31.38 28.72 28.29
N VAL E 297 31.15 28.23 29.50
CA VAL E 297 29.94 27.46 29.78
C VAL E 297 28.91 28.33 30.52
N ALA E 298 27.69 28.37 30.00
CA ALA E 298 26.61 29.16 30.60
C ALA E 298 26.09 28.52 31.90
N ARG E 299 26.04 29.32 32.96
CA ARG E 299 25.66 28.81 34.28
C ARG E 299 24.67 29.73 34.98
N ASP E 300 23.81 30.37 34.19
CA ASP E 300 22.80 31.30 34.68
C ASP E 300 21.87 30.67 35.72
N ILE E 301 21.72 29.34 35.67
CA ILE E 301 20.89 28.60 36.62
C ILE E 301 21.08 29.08 38.07
N ALA E 302 22.31 29.45 38.41
CA ALA E 302 22.62 29.82 39.78
C ALA E 302 21.78 31.00 40.29
N ASP E 303 21.43 31.92 39.39
CA ASP E 303 20.73 33.13 39.81
C ASP E 303 19.31 33.25 39.27
N ALA E 304 19.06 32.66 38.11
CA ALA E 304 17.73 32.72 37.51
C ALA E 304 16.87 31.52 37.88
N GLY E 305 17.51 30.41 38.25
CA GLY E 305 16.81 29.15 38.40
C GLY E 305 16.54 28.55 37.03
N ASN E 306 15.67 27.55 36.98
CA ASN E 306 15.32 26.90 35.72
C ASN E 306 14.12 27.60 35.11
N THR E 307 14.34 28.33 34.01
CA THR E 307 13.28 29.09 33.39
C THR E 307 12.70 28.44 32.14
N SER E 308 12.96 27.15 31.97
CA SER E 308 12.41 26.38 30.84
C SER E 308 12.79 26.99 29.49
N ALA E 309 11.79 27.26 28.64
CA ALA E 309 12.06 27.76 27.29
C ALA E 309 12.86 29.07 27.25
N ALA E 310 12.67 29.92 28.26
CA ALA E 310 13.40 31.19 28.34
C ALA E 310 14.87 30.97 28.69
N SER E 311 15.21 29.71 29.00
CA SER E 311 16.46 29.38 29.68
C SER E 311 17.69 29.74 28.85
N ILE E 312 17.74 29.22 27.64
CA ILE E 312 18.89 29.40 26.76
C ILE E 312 19.08 30.87 26.32
N PRO E 313 18.02 31.50 25.79
CA PRO E 313 18.22 32.91 25.40
C PRO E 313 18.57 33.81 26.60
N LEU E 314 18.02 33.55 27.79
CA LEU E 314 18.43 34.32 28.97
C LEU E 314 19.91 34.06 29.24
N ALA E 315 20.31 32.80 29.13
CA ALA E 315 21.70 32.40 29.38
C ALA E 315 22.65 33.02 28.37
N MET E 316 22.24 33.00 27.10
CA MET E 316 23.04 33.59 26.03
C MET E 316 23.23 35.08 26.29
N HIS E 317 22.12 35.75 26.58
CA HIS E 317 22.12 37.19 26.88
C HIS E 317 23.16 37.55 27.94
N ARG E 318 23.16 36.81 29.03
CA ARG E 318 24.13 37.03 30.10
C ARG E 318 25.55 36.70 29.66
N LEU E 319 25.70 35.63 28.89
CA LEU E 319 27.01 35.21 28.41
C LEU E 319 27.67 36.28 27.54
N LEU E 320 26.86 36.92 26.69
CA LEU E 320 27.35 37.98 25.81
C LEU E 320 27.56 39.30 26.58
N GLU E 321 26.77 39.51 27.62
CA GLU E 321 26.95 40.69 28.46
C GLU E 321 28.30 40.62 29.16
N GLU E 322 28.61 39.46 29.72
CA GLU E 322 29.88 39.26 30.42
C GLU E 322 31.09 39.05 29.50
N ASN E 323 30.84 38.48 28.32
CA ASN E 323 31.89 38.21 27.35
C ASN E 323 31.51 38.74 25.98
N PRO E 324 31.55 40.07 25.82
CA PRO E 324 31.10 40.70 24.56
C PRO E 324 31.94 40.25 23.36
N GLU E 325 33.17 39.83 23.63
CA GLU E 325 34.12 39.45 22.59
C GLU E 325 33.65 38.22 21.83
N LEU E 326 32.77 37.44 22.45
CA LEU E 326 32.28 36.21 21.82
C LEU E 326 31.20 36.40 20.72
N SER E 327 30.66 37.61 20.57
CA SER E 327 29.82 37.91 19.41
C SER E 327 30.56 37.48 18.13
N GLY E 328 29.90 36.71 17.27
CA GLY E 328 30.55 36.14 16.10
C GLY E 328 31.04 34.70 16.26
N GLY E 329 31.24 34.28 17.51
CA GLY E 329 31.72 32.95 17.80
C GLY E 329 30.65 31.87 17.80
N LEU E 330 31.09 30.62 17.79
CA LEU E 330 30.19 29.49 17.77
C LEU E 330 29.69 29.13 19.17
N ALA E 331 28.40 28.87 19.27
CA ALA E 331 27.84 28.39 20.54
C ALA E 331 26.95 27.18 20.29
N LEU E 332 27.21 26.12 21.06
CA LEU E 332 26.35 24.95 21.05
C LEU E 332 25.21 25.17 22.06
N GLN E 333 23.98 25.14 21.57
CA GLN E 333 22.82 25.30 22.44
C GLN E 333 21.97 24.04 22.39
N ILE E 334 21.48 23.60 23.55
CA ILE E 334 20.67 22.39 23.60
C ILE E 334 19.63 22.38 24.73
N GLY E 335 18.37 22.21 24.36
CA GLY E 335 17.27 22.22 25.31
C GLY E 335 16.49 20.92 25.23
N PHE E 336 15.72 20.63 26.28
CA PHE E 336 15.12 19.32 26.44
C PHE E 336 14.17 19.32 27.64
N GLY E 337 12.98 18.78 27.46
CA GLY E 337 12.00 18.76 28.54
C GLY E 337 10.82 17.84 28.27
N ALA E 338 9.69 18.11 28.92
CA ALA E 338 8.53 17.23 28.88
C ALA E 338 8.15 16.85 27.45
N GLY E 339 7.86 15.58 27.24
CA GLY E 339 7.48 15.09 25.93
C GLY E 339 7.70 13.60 25.79
N LEU E 340 8.97 13.15 25.89
CA LEU E 340 10.12 14.04 26.03
C LEU E 340 10.46 14.67 24.68
N VAL E 341 10.96 15.91 24.71
CA VAL E 341 11.43 16.53 23.49
C VAL E 341 12.80 17.16 23.71
N TYR E 342 13.53 17.37 22.62
CA TYR E 342 14.84 18.02 22.65
C TYR E 342 15.18 18.68 21.31
N GLY E 343 16.07 19.66 21.35
CA GLY E 343 16.54 20.33 20.15
C GLY E 343 17.93 20.90 20.36
N ALA E 344 18.74 20.89 19.31
CA ALA E 344 20.09 21.46 19.39
C ALA E 344 20.57 22.07 18.06
N GLN E 345 21.41 23.08 18.19
CA GLN E 345 22.00 23.76 17.05
C GLN E 345 23.33 24.32 17.48
N VAL E 346 24.21 24.49 16.51
CA VAL E 346 25.38 25.33 16.68
C VAL E 346 25.05 26.65 16.01
N VAL E 347 25.35 27.74 16.70
CA VAL E 347 24.91 29.05 16.25
C VAL E 347 26.06 30.06 16.32
N ARG E 348 26.14 30.93 15.32
CA ARG E 348 27.03 32.08 15.43
C ARG E 348 26.37 33.12 16.32
N LEU E 349 27.05 33.52 17.38
CA LEU E 349 26.48 34.45 18.35
C LEU E 349 26.31 35.85 17.75
N PRO E 350 25.21 36.54 18.10
CA PRO E 350 24.98 37.91 17.58
C PRO E 350 25.97 38.95 18.12
N THR F 2 39.20 28.73 11.37
CA THR F 2 37.82 29.24 11.33
C THR F 2 36.91 28.39 10.44
N VAL F 3 35.77 27.97 10.98
CA VAL F 3 34.91 27.02 10.28
C VAL F 3 33.69 27.66 9.64
N THR F 4 33.20 27.02 8.59
CA THR F 4 31.91 27.34 8.06
C THR F 4 30.90 26.28 8.48
N LEU F 5 29.78 26.71 9.02
CA LEU F 5 28.74 25.78 9.42
C LEU F 5 28.19 25.05 8.19
N LYS F 6 28.03 23.74 8.31
CA LYS F 6 27.34 22.97 7.30
C LYS F 6 25.88 23.38 7.25
N GLN F 7 25.27 23.20 6.08
CA GLN F 7 23.88 23.55 5.86
C GLN F 7 23.24 22.42 5.09
N HIS F 8 21.93 22.27 5.26
CA HIS F 8 21.22 21.24 4.52
C HIS F 8 21.01 21.61 3.07
N GLU F 9 20.94 20.58 2.24
CA GLU F 9 20.54 20.74 0.86
C GLU F 9 19.03 20.94 0.83
N ARG F 10 18.54 21.60 -0.21
CA ARG F 10 17.14 21.99 -0.31
C ARG F 10 16.52 21.48 -1.59
N PRO F 11 15.35 20.83 -1.48
CA PRO F 11 14.63 20.33 -2.66
C PRO F 11 14.03 21.48 -3.45
N ALA F 12 13.53 21.17 -4.63
CA ALA F 12 12.95 22.16 -5.52
C ALA F 12 11.65 22.74 -4.98
N ALA F 13 10.83 21.91 -4.36
CA ALA F 13 9.52 22.38 -3.90
C ALA F 13 8.89 21.43 -2.88
N SER F 14 7.57 21.58 -2.70
CA SER F 14 6.86 20.76 -1.73
C SER F 14 5.46 20.47 -2.28
N ARG F 15 4.80 19.46 -1.72
CA ARG F 15 3.40 19.20 -2.04
C ARG F 15 2.74 18.39 -0.93
N ILE F 16 1.42 18.44 -0.87
CA ILE F 16 0.66 17.62 0.04
C ILE F 16 0.50 16.25 -0.62
N VAL F 17 0.87 15.20 0.09
CA VAL F 17 0.95 13.89 -0.53
C VAL F 17 -0.26 13.02 -0.17
N ALA F 18 -0.91 13.34 0.94
CA ALA F 18 -2.10 12.60 1.36
C ALA F 18 -2.88 13.38 2.40
N VAL F 19 -4.19 13.11 2.50
CA VAL F 19 -5.05 13.67 3.55
C VAL F 19 -5.80 12.54 4.27
N GLY F 20 -5.87 12.61 5.59
CA GLY F 20 -6.56 11.62 6.37
C GLY F 20 -7.55 12.30 7.31
N ALA F 21 -8.50 11.53 7.83
CA ALA F 21 -9.61 12.08 8.58
C ALA F 21 -10.02 11.19 9.76
N TYR F 22 -10.52 11.82 10.81
CA TYR F 22 -11.18 11.10 11.89
C TYR F 22 -12.48 11.82 12.24
N ARG F 23 -13.61 11.13 12.06
CA ARG F 23 -14.90 11.72 12.36
C ARG F 23 -15.57 10.93 13.45
N PRO F 24 -15.87 11.57 14.58
CA PRO F 24 -16.72 10.94 15.60
C PRO F 24 -18.02 10.45 14.99
N ALA F 25 -18.45 9.23 15.32
CA ALA F 25 -19.68 8.65 14.78
C ALA F 25 -20.96 9.36 15.23
N ASN F 26 -20.90 10.05 16.36
CA ASN F 26 -22.10 10.69 16.92
C ASN F 26 -22.38 12.05 16.29
N LEU F 27 -23.35 12.10 15.39
CA LEU F 27 -23.75 13.34 14.76
C LEU F 27 -24.99 13.87 15.46
N VAL F 28 -24.81 14.80 16.41
CA VAL F 28 -25.96 15.28 17.16
C VAL F 28 -26.74 16.32 16.37
N PRO F 29 -28.06 16.11 16.27
CA PRO F 29 -28.99 16.96 15.52
C PRO F 29 -29.34 18.22 16.31
N ASN F 30 -29.75 19.28 15.61
CA ASN F 30 -30.08 20.54 16.25
C ASN F 30 -31.08 20.46 17.42
N GLU F 31 -32.04 19.55 17.34
CA GLU F 31 -33.07 19.48 18.36
C GLU F 31 -32.53 19.07 19.73
N ASP F 32 -31.32 18.52 19.77
CA ASP F 32 -30.72 18.12 21.03
C ASP F 32 -30.03 19.26 21.76
N LEU F 33 -29.99 20.44 21.14
CA LEU F 33 -29.25 21.57 21.69
C LEU F 33 -30.09 22.83 21.89
N ILE F 34 -31.29 22.86 21.30
CA ILE F 34 -32.05 24.11 21.26
C ILE F 34 -32.55 24.54 22.63
N GLY F 35 -32.61 23.59 23.56
CA GLY F 35 -33.19 23.81 24.88
C GLY F 35 -32.53 24.80 25.82
N PRO F 36 -31.27 24.54 26.22
CA PRO F 36 -30.51 25.46 27.08
C PRO F 36 -30.34 26.86 26.48
N ILE F 37 -30.21 26.94 25.15
CA ILE F 37 -30.36 28.20 24.45
C ILE F 37 -31.86 28.27 24.19
N ASP F 38 -32.34 29.18 23.38
CA ASP F 38 -33.80 29.24 23.24
C ASP F 38 -34.19 29.37 21.80
N SER F 39 -33.91 28.32 21.04
CA SER F 39 -34.11 28.37 19.60
C SER F 39 -34.77 27.13 19.06
N SER F 40 -34.54 26.87 17.78
CA SER F 40 -35.21 25.81 17.05
C SER F 40 -34.28 25.26 16.00
N ASP F 41 -34.70 24.14 15.40
CA ASP F 41 -33.92 23.50 14.35
C ASP F 41 -33.81 24.42 13.13
N GLU F 42 -34.89 25.16 12.88
CA GLU F 42 -34.98 26.06 11.72
C GLU F 42 -34.06 27.25 11.86
N TRP F 43 -34.05 27.84 13.06
CA TRP F 43 -33.24 29.01 13.31
C TRP F 43 -31.73 28.70 13.18
N ILE F 44 -31.29 27.63 13.83
CA ILE F 44 -29.89 27.19 13.73
C ILE F 44 -29.51 26.94 12.26
N ARG F 45 -30.41 26.34 11.50
CA ARG F 45 -30.15 26.11 10.08
C ARG F 45 -30.07 27.43 9.31
N GLN F 46 -31.05 28.30 9.53
CA GLN F 46 -31.08 29.62 8.91
C GLN F 46 -29.77 30.34 9.13
N ARG F 47 -29.30 30.31 10.38
CA ARG F 47 -28.21 31.15 10.81
C ARG F 47 -26.84 30.60 10.45
N THR F 48 -26.75 29.27 10.30
CA THR F 48 -25.44 28.61 10.23
C THR F 48 -25.37 27.49 9.19
N GLY F 49 -26.52 26.99 8.77
CA GLY F 49 -26.56 25.93 7.77
C GLY F 49 -26.13 24.59 8.35
N ILE F 50 -26.01 24.53 9.68
CA ILE F 50 -25.64 23.28 10.33
C ILE F 50 -26.86 22.40 10.60
N VAL F 51 -26.74 21.13 10.23
CA VAL F 51 -27.81 20.17 10.50
C VAL F 51 -27.39 19.23 11.63
N THR F 52 -26.16 18.74 11.57
CA THR F 52 -25.60 17.94 12.66
C THR F 52 -24.16 18.36 12.84
N ARG F 53 -23.65 18.21 14.06
CA ARG F 53 -22.22 18.37 14.28
C ARG F 53 -21.63 17.12 14.92
N GLN F 54 -20.39 16.84 14.55
CA GLN F 54 -19.69 15.69 15.13
C GLN F 54 -19.43 15.96 16.59
N ARG F 55 -19.76 14.99 17.43
CA ARG F 55 -19.43 15.09 18.83
C ARG F 55 -18.69 13.85 19.34
N ALA F 56 -17.50 14.09 19.87
CA ALA F 56 -16.60 13.03 20.32
C ALA F 56 -17.03 12.49 21.68
N THR F 57 -16.73 11.22 21.92
CA THR F 57 -16.96 10.63 23.23
C THR F 57 -15.76 10.91 24.12
N ALA F 58 -15.86 10.53 25.39
CA ALA F 58 -14.78 10.70 26.33
C ALA F 58 -13.54 9.92 25.89
N GLU F 59 -13.77 8.82 25.16
CA GLU F 59 -12.68 7.97 24.68
C GLU F 59 -11.95 8.58 23.49
N GLU F 60 -12.68 9.38 22.71
CA GLU F 60 -12.11 10.05 21.55
C GLU F 60 -11.44 11.36 21.93
N THR F 61 -10.27 11.23 22.55
CA THR F 61 -9.45 12.37 22.88
C THR F 61 -8.78 12.97 21.64
N VAL F 62 -8.14 14.11 21.82
CA VAL F 62 -7.38 14.75 20.76
C VAL F 62 -6.32 13.80 20.15
N PRO F 63 -5.53 13.12 21.01
CA PRO F 63 -4.54 12.18 20.47
C PRO F 63 -5.19 10.99 19.75
N VAL F 64 -6.22 10.40 20.34
CA VAL F 64 -6.92 9.31 19.68
C VAL F 64 -7.42 9.72 18.27
N MET F 65 -7.99 10.91 18.16
CA MET F 65 -8.50 11.38 16.87
C MET F 65 -7.36 11.74 15.91
N ALA F 66 -6.37 12.46 16.41
CA ALA F 66 -5.19 12.77 15.63
C ALA F 66 -4.54 11.49 15.06
N VAL F 67 -4.36 10.49 15.91
CA VAL F 67 -3.73 9.26 15.48
C VAL F 67 -4.52 8.58 14.37
N GLY F 68 -5.84 8.61 14.47
CA GLY F 68 -6.68 8.01 13.46
C GLY F 68 -6.49 8.68 12.11
N ALA F 69 -6.53 10.01 12.10
CA ALA F 69 -6.36 10.78 10.88
C ALA F 69 -4.96 10.57 10.31
N ALA F 70 -3.94 10.66 11.17
CA ALA F 70 -2.56 10.43 10.78
C ALA F 70 -2.37 9.07 10.10
N ARG F 71 -2.88 7.99 10.69
CA ARG F 71 -2.72 6.66 10.10
C ARG F 71 -3.35 6.55 8.73
N GLU F 72 -4.45 7.25 8.50
CA GLU F 72 -5.04 7.20 7.18
C GLU F 72 -4.13 7.89 6.17
N ALA F 73 -3.63 9.07 6.54
CA ALA F 73 -2.75 9.83 5.65
C ALA F 73 -1.50 9.02 5.26
N LEU F 74 -0.91 8.31 6.23
CA LEU F 74 0.26 7.46 5.97
C LEU F 74 -0.07 6.28 5.06
N GLU F 75 -1.16 5.59 5.34
CA GLU F 75 -1.60 4.51 4.48
C GLU F 75 -1.74 5.00 3.04
N ARG F 76 -2.46 6.11 2.85
CA ARG F 76 -2.63 6.70 1.52
C ARG F 76 -1.34 7.10 0.84
N ALA F 77 -0.41 7.65 1.62
CA ALA F 77 0.88 8.06 1.11
C ALA F 77 1.82 6.88 0.90
N GLY F 78 1.36 5.66 1.22
CA GLY F 78 2.24 4.50 1.14
C GLY F 78 3.44 4.56 2.09
N LEU F 79 3.30 5.28 3.20
CA LEU F 79 4.39 5.45 4.15
C LEU F 79 4.09 4.80 5.47
N GLN F 80 5.10 4.78 6.33
CA GLN F 80 4.88 4.42 7.72
C GLN F 80 5.45 5.50 8.64
N GLY F 81 5.04 5.44 9.90
CA GLY F 81 5.40 6.47 10.87
C GLY F 81 6.85 6.86 10.79
N SER F 82 7.72 5.86 10.69
CA SER F 82 9.15 6.10 10.70
C SER F 82 9.64 6.91 9.52
N ASP F 83 8.79 7.05 8.50
CA ASP F 83 9.14 7.89 7.35
C ASP F 83 8.96 9.38 7.67
N LEU F 84 8.30 9.69 8.78
CA LEU F 84 8.07 11.09 9.14
C LEU F 84 9.30 11.75 9.80
N ASP F 85 9.60 12.98 9.40
CA ASP F 85 10.71 13.74 10.00
C ASP F 85 10.22 14.89 10.87
N ALA F 86 8.91 15.12 10.91
CA ALA F 86 8.35 16.11 11.82
C ALA F 86 6.84 15.90 12.01
N VAL F 87 6.38 16.14 13.23
CA VAL F 87 4.96 16.04 13.54
C VAL F 87 4.46 17.35 14.14
N ILE F 88 3.48 17.95 13.47
CA ILE F 88 2.88 19.21 13.90
C ILE F 88 1.39 19.05 14.21
N VAL F 89 1.01 19.37 15.44
CA VAL F 89 -0.37 19.25 15.85
C VAL F 89 -0.96 20.61 16.21
N SER F 90 -1.92 21.07 15.40
CA SER F 90 -2.63 22.31 15.70
C SER F 90 -3.89 21.99 16.47
N THR F 91 -3.92 22.43 17.71
CA THR F 91 -5.03 22.13 18.60
C THR F 91 -5.04 23.13 19.74
N VAL F 92 -6.20 23.27 20.35
CA VAL F 92 -6.42 24.26 21.39
C VAL F 92 -7.17 23.61 22.57
N THR F 93 -7.54 22.35 22.38
CA THR F 93 -8.43 21.67 23.33
C THR F 93 -7.77 20.47 24.00
N PHE F 94 -6.45 20.36 23.86
CA PHE F 94 -5.72 19.31 24.56
C PHE F 94 -5.53 19.78 25.99
N PRO F 95 -6.15 19.07 26.96
CA PRO F 95 -6.29 19.57 28.34
C PRO F 95 -5.02 19.45 29.18
N HIS F 96 -3.86 19.76 28.62
CA HIS F 96 -2.60 19.75 29.37
C HIS F 96 -1.70 20.87 28.90
N ALA F 97 -1.22 21.67 29.84
CA ALA F 97 -0.25 22.72 29.52
C ALA F 97 1.02 22.14 28.87
N THR F 98 1.43 20.96 29.34
CA THR F 98 2.63 20.27 28.87
C THR F 98 2.55 18.85 29.44
N PRO F 99 3.16 17.87 28.76
CA PRO F 99 3.78 18.00 27.44
C PRO F 99 2.72 18.06 26.35
N SER F 100 3.16 18.11 25.11
CA SER F 100 2.27 18.29 23.98
C SER F 100 1.52 17.01 23.58
N ALA F 101 0.44 17.21 22.83
CA ALA F 101 -0.31 16.12 22.23
C ALA F 101 0.49 15.50 21.08
N ALA F 102 1.23 16.34 20.36
CA ALA F 102 2.04 15.86 19.23
C ALA F 102 3.01 14.75 19.65
N ALA F 103 3.62 14.92 20.83
CA ALA F 103 4.57 13.94 21.30
C ALA F 103 3.90 12.57 21.47
N LEU F 104 2.72 12.56 22.06
CA LEU F 104 1.97 11.32 22.18
C LEU F 104 1.69 10.75 20.82
N VAL F 105 1.22 11.62 19.92
CA VAL F 105 0.84 11.23 18.57
C VAL F 105 2.04 10.65 17.84
N ALA F 106 3.18 11.32 17.96
CA ALA F 106 4.38 10.87 17.29
C ALA F 106 4.71 9.45 17.75
N HIS F 107 4.58 9.20 19.05
CA HIS F 107 4.94 7.89 19.56
C HIS F 107 3.94 6.82 19.08
N GLU F 108 2.65 7.14 19.16
CA GLU F 108 1.60 6.21 18.78
C GLU F 108 1.73 5.70 17.34
N ILE F 109 2.05 6.59 16.41
CA ILE F 109 2.12 6.22 15.00
C ILE F 109 3.50 5.69 14.61
N GLY F 110 4.39 5.53 15.57
CA GLY F 110 5.73 5.02 15.29
C GLY F 110 6.68 6.01 14.63
N ALA F 111 6.45 7.30 14.79
CA ALA F 111 7.32 8.31 14.21
C ALA F 111 8.55 8.66 15.05
N THR F 112 8.55 8.26 16.31
CA THR F 112 9.71 8.44 17.18
C THR F 112 10.96 8.09 16.37
N PRO F 113 12.01 8.94 16.43
CA PRO F 113 12.17 10.12 17.29
C PRO F 113 11.95 11.46 16.58
N ALA F 114 11.17 11.49 15.51
CA ALA F 114 10.86 12.77 14.87
C ALA F 114 10.48 13.86 15.89
N PRO F 115 10.99 15.09 15.67
CA PRO F 115 10.51 16.21 16.50
C PRO F 115 9.00 16.37 16.38
N ALA F 116 8.35 16.78 17.46
CA ALA F 116 6.88 16.82 17.54
C ALA F 116 6.46 17.98 18.42
N TYR F 117 5.60 18.85 17.91
CA TYR F 117 5.14 19.95 18.74
C TYR F 117 3.71 20.35 18.41
N ASP F 118 3.05 20.96 19.39
CA ASP F 118 1.74 21.59 19.20
C ASP F 118 1.85 23.07 18.83
N VAL F 119 0.91 23.52 17.99
CA VAL F 119 0.79 24.91 17.58
C VAL F 119 -0.52 25.52 18.07
N SER F 120 -0.46 26.72 18.61
CA SER F 120 -1.67 27.44 18.96
C SER F 120 -1.98 28.56 17.97
N ALA F 121 -2.93 28.30 17.08
CA ALA F 121 -3.31 29.29 16.08
C ALA F 121 -4.79 29.15 15.71
N ALA F 122 -5.60 28.71 16.69
CA ALA F 122 -7.04 28.68 16.56
C ALA F 122 -7.51 28.00 15.28
N CYS F 123 -8.57 28.53 14.67
CA CYS F 123 -9.10 27.92 13.44
C CYS F 123 -8.17 28.11 12.21
N ALA F 124 -7.08 28.86 12.38
CA ALA F 124 -6.09 28.99 11.28
C ALA F 124 -4.98 27.97 11.42
N GLY F 125 -5.13 27.09 12.41
CA GLY F 125 -4.04 26.22 12.82
C GLY F 125 -3.55 25.26 11.75
N TYR F 126 -4.47 24.71 10.94
CA TYR F 126 -4.02 23.82 9.88
C TYR F 126 -3.22 24.60 8.83
N CYS F 127 -3.74 25.75 8.41
CA CYS F 127 -3.01 26.58 7.45
C CYS F 127 -1.67 27.09 8.01
N TYR F 128 -1.63 27.42 9.30
CA TYR F 128 -0.38 27.78 9.94
C TYR F 128 0.56 26.58 9.87
N GLY F 129 0.01 25.40 10.14
CA GLY F 129 0.80 24.17 10.16
C GLY F 129 1.35 23.87 8.78
N VAL F 130 0.55 24.13 7.75
CA VAL F 130 1.02 23.91 6.39
C VAL F 130 2.13 24.89 6.01
N ALA F 131 1.98 26.16 6.40
CA ALA F 131 3.01 27.16 6.15
C ALA F 131 4.32 26.69 6.78
N GLN F 132 4.24 26.17 7.99
CA GLN F 132 5.44 25.69 8.65
C GLN F 132 5.99 24.43 7.98
N ALA F 133 5.10 23.52 7.59
CA ALA F 133 5.51 22.26 6.96
C ALA F 133 6.20 22.58 5.64
N ASP F 134 5.57 23.43 4.85
CA ASP F 134 6.13 23.88 3.59
C ASP F 134 7.54 24.47 3.79
N ALA F 135 7.72 25.27 4.84
CA ALA F 135 9.02 25.86 5.14
C ALA F 135 10.03 24.80 5.58
N LEU F 136 9.59 23.85 6.39
CA LEU F 136 10.47 22.76 6.82
C LEU F 136 10.94 21.95 5.64
N VAL F 137 10.05 21.68 4.70
CA VAL F 137 10.43 20.95 3.50
C VAL F 137 11.36 21.74 2.58
N ARG F 138 10.95 22.95 2.18
CA ARG F 138 11.74 23.74 1.25
C ARG F 138 13.03 24.30 1.82
N SER F 139 13.22 24.18 3.14
CA SER F 139 14.51 24.54 3.72
C SER F 139 15.42 23.31 3.87
N GLY F 140 14.87 22.14 3.56
CA GLY F 140 15.62 20.91 3.65
C GLY F 140 15.73 20.39 5.06
N THR F 141 14.89 20.89 5.96
CA THR F 141 14.92 20.46 7.36
C THR F 141 14.18 19.13 7.57
N ALA F 142 13.17 18.90 6.74
CA ALA F 142 12.41 17.68 6.82
C ALA F 142 12.05 17.27 5.41
N ARG F 143 11.78 15.98 5.25
CA ARG F 143 11.44 15.46 3.93
C ARG F 143 9.97 15.10 3.91
N HIS F 144 9.45 14.71 5.07
CA HIS F 144 8.05 14.34 5.20
C HIS F 144 7.54 14.89 6.51
N VAL F 145 6.53 15.74 6.44
CA VAL F 145 6.00 16.40 7.64
C VAL F 145 4.52 16.07 7.80
N LEU F 146 4.16 15.55 8.97
CA LEU F 146 2.74 15.35 9.31
C LEU F 146 2.12 16.61 9.94
N VAL F 147 1.01 17.08 9.38
CA VAL F 147 0.27 18.17 9.99
C VAL F 147 -1.13 17.71 10.36
N VAL F 148 -1.48 17.84 11.62
CA VAL F 148 -2.82 17.44 12.06
C VAL F 148 -3.56 18.62 12.68
N GLY F 149 -4.74 18.91 12.15
CA GLY F 149 -5.66 19.83 12.80
C GLY F 149 -6.67 19.01 13.57
N VAL F 150 -6.72 19.20 14.88
CA VAL F 150 -7.56 18.36 15.72
C VAL F 150 -8.12 19.11 16.93
N GLU F 151 -9.39 18.89 17.24
CA GLU F 151 -10.08 19.54 18.34
C GLU F 151 -11.17 18.66 18.94
N ARG F 152 -11.32 18.76 20.25
CA ARG F 152 -12.58 18.37 20.87
C ARG F 152 -13.16 19.63 21.49
N LEU F 153 -13.74 20.47 20.62
CA LEU F 153 -14.30 21.75 21.02
C LEU F 153 -15.40 21.62 22.06
N SER F 154 -16.09 20.49 22.05
CA SER F 154 -17.19 20.29 22.98
C SER F 154 -16.71 20.20 24.43
N ASP F 155 -15.39 20.23 24.62
CA ASP F 155 -14.83 20.28 25.98
C ASP F 155 -14.84 21.70 26.55
N VAL F 156 -14.93 22.68 25.66
CA VAL F 156 -14.85 24.08 26.05
C VAL F 156 -16.02 24.91 25.53
N VAL F 157 -17.19 24.25 25.44
CA VAL F 157 -18.43 24.86 25.02
C VAL F 157 -19.34 25.05 26.25
N ASP F 158 -20.12 26.12 26.27
CA ASP F 158 -21.14 26.34 27.30
C ASP F 158 -22.51 26.18 26.64
N PRO F 159 -23.27 25.16 27.06
CA PRO F 159 -24.56 24.75 26.47
C PRO F 159 -25.60 25.87 26.46
N THR F 160 -25.42 26.87 27.31
CA THR F 160 -26.33 28.04 27.31
C THR F 160 -25.86 29.19 26.41
N ASP F 161 -24.59 29.16 26.00
CA ASP F 161 -24.04 30.20 25.15
C ASP F 161 -24.66 30.22 23.76
N ARG F 162 -25.17 31.39 23.35
CA ARG F 162 -25.84 31.52 22.06
C ARG F 162 -24.92 32.03 20.94
N SER F 163 -23.70 32.41 21.29
CA SER F 163 -22.77 32.96 20.31
C SER F 163 -22.02 31.91 19.49
N ILE F 164 -21.63 30.78 20.11
CA ILE F 164 -20.78 29.81 19.40
C ILE F 164 -21.04 28.32 19.69
N SER F 165 -21.63 27.99 20.84
CA SER F 165 -21.63 26.60 21.31
C SER F 165 -22.21 25.59 20.32
N PHE F 166 -23.42 25.85 19.85
CA PHE F 166 -24.12 24.89 18.99
C PHE F 166 -23.45 24.71 17.62
N LEU F 167 -22.51 25.61 17.27
CA LEU F 167 -21.83 25.51 15.98
C LEU F 167 -20.68 24.50 15.97
N LEU F 168 -20.14 24.20 17.13
CA LEU F 168 -18.84 23.51 17.16
C LEU F 168 -18.93 22.00 17.18
N GLY F 169 -18.02 21.36 16.45
CA GLY F 169 -17.93 19.92 16.40
C GLY F 169 -16.53 19.47 16.74
N ASP F 170 -16.36 18.15 16.83
CA ASP F 170 -15.09 17.52 17.16
C ASP F 170 -14.55 16.70 15.97
N GLY F 171 -13.24 16.60 15.86
CA GLY F 171 -12.64 15.77 14.82
C GLY F 171 -11.15 15.99 14.61
N ALA F 172 -10.57 15.23 13.69
CA ALA F 172 -9.20 15.50 13.25
C ALA F 172 -9.09 15.37 11.75
N GLY F 173 -8.21 16.17 11.16
CA GLY F 173 -7.86 16.07 9.76
C GLY F 173 -6.34 16.20 9.65
N ALA F 174 -5.74 15.36 8.80
CA ALA F 174 -4.30 15.29 8.71
C ALA F 174 -3.82 15.36 7.27
N VAL F 175 -2.71 16.06 7.05
CA VAL F 175 -2.01 15.97 5.78
C VAL F 175 -0.55 15.66 5.97
N ILE F 176 0.05 15.11 4.92
CA ILE F 176 1.49 14.89 4.90
C ILE F 176 2.11 15.75 3.80
N VAL F 177 3.09 16.55 4.18
CA VAL F 177 3.75 17.44 3.23
C VAL F 177 5.13 16.86 2.92
N ALA F 178 5.48 16.80 1.64
CA ALA F 178 6.75 16.20 1.22
C ALA F 178 7.50 17.05 0.21
N ALA F 179 8.79 16.75 0.04
CA ALA F 179 9.57 17.35 -1.03
C ALA F 179 8.90 16.97 -2.33
N SER F 180 9.01 17.87 -3.30
CA SER F 180 8.43 17.67 -4.61
C SER F 180 9.36 18.28 -5.64
N ASP F 181 9.40 17.67 -6.82
CA ASP F 181 10.13 18.21 -7.97
C ASP F 181 9.37 19.39 -8.61
N GLU F 182 8.13 19.60 -8.18
CA GLU F 182 7.20 20.49 -8.88
C GLU F 182 6.33 21.17 -7.80
N PRO F 183 6.17 22.51 -7.88
CA PRO F 183 5.52 23.29 -6.81
C PRO F 183 4.09 22.82 -6.54
N GLY F 184 3.80 22.44 -5.30
CA GLY F 184 2.45 22.02 -4.93
C GLY F 184 1.81 22.83 -3.83
N ILE F 185 2.59 23.76 -3.28
CA ILE F 185 2.08 24.66 -2.24
C ILE F 185 2.57 26.08 -2.51
N SER F 186 1.65 26.99 -2.80
CA SER F 186 2.05 28.36 -3.17
C SER F 186 2.48 29.11 -1.91
N PRO F 187 3.07 30.31 -2.07
CA PRO F 187 3.53 31.06 -0.88
C PRO F 187 2.38 31.40 0.07
N SER F 188 2.54 31.05 1.34
CA SER F 188 1.51 31.29 2.34
C SER F 188 1.23 32.78 2.49
N VAL F 189 -0.06 33.13 2.52
CA VAL F 189 -0.45 34.44 2.99
C VAL F 189 -1.06 34.21 4.38
N TRP F 190 -0.34 34.65 5.41
CA TRP F 190 -0.75 34.42 6.78
C TRP F 190 -0.36 35.61 7.65
N GLY F 191 -1.07 35.80 8.75
CA GLY F 191 -0.89 36.98 9.55
C GLY F 191 -1.72 36.95 10.81
N SER F 192 -1.72 38.07 11.52
CA SER F 192 -2.41 38.20 12.79
C SER F 192 -2.92 39.61 12.94
N ASP F 193 -3.86 39.79 13.87
CA ASP F 193 -4.30 41.11 14.29
C ASP F 193 -4.75 41.00 15.74
N GLY F 194 -3.78 41.06 16.64
CA GLY F 194 -4.02 40.84 18.06
C GLY F 194 -4.67 41.99 18.76
N GLU F 195 -4.94 43.07 18.03
CA GLU F 195 -5.74 44.14 18.60
C GLU F 195 -7.16 43.60 18.81
N ARG F 196 -7.53 42.60 18.03
CA ARG F 196 -8.86 42.01 18.15
C ARG F 196 -8.81 40.64 18.81
N TRP F 197 -7.84 40.48 19.70
CA TRP F 197 -7.67 39.26 20.51
C TRP F 197 -8.99 38.87 21.19
N SER F 198 -9.75 39.86 21.64
CA SER F 198 -10.97 39.59 22.40
C SER F 198 -12.15 39.15 21.53
N THR F 199 -12.03 39.29 20.22
CA THR F 199 -13.17 39.10 19.33
C THR F 199 -13.75 37.69 19.36
N ILE F 200 -12.87 36.70 19.37
CA ILE F 200 -13.22 35.32 19.65
C ILE F 200 -12.33 34.94 20.82
N SER F 201 -12.91 34.53 21.94
CA SER F 201 -12.07 34.22 23.09
C SER F 201 -12.70 33.32 24.14
N MET F 202 -11.95 33.08 25.21
CA MET F 202 -12.48 32.35 26.32
C MET F 202 -13.22 33.33 27.25
N THR F 203 -14.17 32.74 27.96
CA THR F 203 -15.02 33.46 28.87
C THR F 203 -14.17 34.14 29.95
N HIS F 204 -13.06 33.50 30.34
CA HIS F 204 -12.07 34.11 31.22
C HIS F 204 -10.85 33.22 31.41
N SER F 205 -9.80 33.78 32.02
CA SER F 205 -8.52 33.10 32.23
C SER F 205 -8.63 31.85 33.10
N GLN F 206 -7.74 30.89 32.87
CA GLN F 206 -7.71 29.67 33.68
C GLN F 206 -7.27 30.00 35.11
N LEU F 207 -6.61 31.14 35.27
CA LEU F 207 -6.15 31.57 36.59
C LEU F 207 -7.31 31.90 37.51
N GLU F 208 -8.45 32.30 36.94
CA GLU F 208 -9.63 32.58 37.75
C GLU F 208 -10.16 31.28 38.29
N LEU F 209 -10.11 30.25 37.44
CA LEU F 209 -10.48 28.91 37.83
C LEU F 209 -9.60 28.47 38.99
N ARG F 210 -8.30 28.71 38.86
CA ARG F 210 -7.35 28.34 39.90
C ARG F 210 -7.58 29.03 41.24
N ASP F 211 -7.64 30.36 41.24
CA ASP F 211 -7.78 31.09 42.51
C ASP F 211 -9.08 30.70 43.21
N ALA F 212 -10.15 30.56 42.46
CA ALA F 212 -11.43 30.17 43.05
C ALA F 212 -11.38 28.78 43.67
N VAL F 213 -10.84 27.81 42.93
CA VAL F 213 -10.83 26.44 43.40
C VAL F 213 -9.88 26.27 44.60
N GLU F 214 -8.70 26.90 44.52
CA GLU F 214 -7.73 26.79 45.60
C GLU F 214 -8.14 27.61 46.81
N HIS F 215 -8.86 28.70 46.58
CA HIS F 215 -9.32 29.50 47.70
C HIS F 215 -10.32 28.70 48.53
N ALA F 216 -11.19 27.98 47.82
CA ALA F 216 -12.18 27.14 48.46
C ALA F 216 -11.51 25.94 49.15
N ARG F 217 -10.46 25.41 48.54
CA ARG F 217 -9.76 24.26 49.07
C ARG F 217 -9.14 24.58 50.43
N THR F 218 -8.52 25.73 50.53
CA THR F 218 -7.79 26.10 51.74
C THR F 218 -8.63 26.85 52.82
N THR F 219 -9.76 27.43 52.43
CA THR F 219 -10.61 28.14 53.40
C THR F 219 -11.85 27.33 53.75
N GLY F 220 -12.16 26.33 52.94
CA GLY F 220 -13.37 25.55 53.14
C GLY F 220 -14.62 26.29 52.69
N ASP F 221 -14.48 27.59 52.43
CA ASP F 221 -15.57 28.37 51.87
C ASP F 221 -15.68 28.13 50.36
N ALA F 222 -16.57 27.22 49.98
CA ALA F 222 -16.73 26.88 48.57
C ALA F 222 -17.95 27.56 47.96
N SER F 223 -18.48 28.58 48.64
CA SER F 223 -19.39 29.50 47.98
C SER F 223 -18.54 30.20 46.92
N ALA F 224 -19.17 30.96 46.04
CA ALA F 224 -18.48 31.49 44.85
C ALA F 224 -18.37 30.43 43.76
N ILE F 225 -18.33 29.17 44.18
CA ILE F 225 -18.40 28.04 43.25
C ILE F 225 -19.84 27.52 43.20
N THR F 226 -20.40 27.21 44.37
CA THR F 226 -21.78 26.74 44.47
C THR F 226 -22.77 27.85 44.16
N GLY F 227 -22.39 29.08 44.47
CA GLY F 227 -23.22 30.25 44.17
C GLY F 227 -22.89 30.89 42.83
N ALA F 228 -22.10 30.18 42.02
CA ALA F 228 -21.71 30.70 40.71
C ALA F 228 -22.88 30.63 39.72
N GLU F 229 -23.32 31.80 39.26
CA GLU F 229 -24.39 31.87 38.28
C GLU F 229 -24.00 31.16 36.98
N GLY F 230 -22.81 31.47 36.48
CA GLY F 230 -22.31 30.87 35.26
C GLY F 230 -21.16 29.89 35.47
N MET F 231 -20.75 29.22 34.40
CA MET F 231 -19.65 28.25 34.47
C MET F 231 -18.36 28.93 34.87
N LEU F 232 -17.62 28.30 35.77
CA LEU F 232 -16.31 28.80 36.16
C LEU F 232 -15.24 28.26 35.23
N TRP F 233 -15.52 27.10 34.66
CA TRP F 233 -14.68 26.53 33.62
C TRP F 233 -14.71 27.45 32.37
N PRO F 234 -13.53 27.90 31.90
CA PRO F 234 -13.51 28.80 30.73
C PRO F 234 -14.15 28.13 29.51
N THR F 235 -14.97 28.87 28.77
CA THR F 235 -15.58 28.36 27.55
C THR F 235 -15.46 29.36 26.40
N LEU F 236 -15.52 28.87 25.17
CA LEU F 236 -15.49 29.73 24.01
C LEU F 236 -16.74 30.60 23.86
N ARG F 237 -16.52 31.78 23.28
CA ARG F 237 -17.57 32.72 22.96
C ARG F 237 -17.03 33.66 21.87
N GLN F 238 -17.92 34.30 21.12
CA GLN F 238 -17.47 35.18 20.04
C GLN F 238 -18.41 36.38 19.84
N ASP F 239 -17.88 37.46 19.27
CA ASP F 239 -18.72 38.52 18.75
C ASP F 239 -19.08 38.11 17.32
N GLY F 240 -20.28 37.55 17.16
CA GLY F 240 -20.72 36.96 15.91
C GLY F 240 -20.68 37.88 14.69
N PRO F 241 -21.44 38.99 14.73
CA PRO F 241 -21.48 39.97 13.64
C PRO F 241 -20.09 40.43 13.22
N SER F 242 -19.21 40.71 14.19
CA SER F 242 -17.84 41.11 13.86
C SER F 242 -17.09 40.01 13.12
N VAL F 243 -17.18 38.78 13.62
CA VAL F 243 -16.53 37.66 12.94
C VAL F 243 -17.05 37.54 11.51
N PHE F 244 -18.34 37.79 11.33
CA PHE F 244 -18.96 37.65 10.02
C PHE F 244 -18.38 38.65 9.01
N ARG F 245 -18.31 39.92 9.41
CA ARG F 245 -17.80 40.97 8.53
C ARG F 245 -16.33 40.71 8.21
N TRP F 246 -15.54 40.38 9.23
CA TRP F 246 -14.13 40.09 9.05
C TRP F 246 -13.92 38.91 8.10
N ALA F 247 -14.63 37.81 8.36
CA ALA F 247 -14.39 36.55 7.66
C ALA F 247 -14.82 36.61 6.20
N VAL F 248 -15.76 37.49 5.89
CA VAL F 248 -16.24 37.60 4.52
C VAL F 248 -15.46 38.67 3.77
N TRP F 249 -15.50 39.90 4.25
CA TRP F 249 -14.91 41.01 3.51
C TRP F 249 -13.39 41.13 3.68
N SER F 250 -12.87 40.87 4.88
CA SER F 250 -11.41 40.91 5.08
C SER F 250 -10.71 39.65 4.57
N MET F 251 -11.28 38.49 4.81
CA MET F 251 -10.63 37.27 4.36
C MET F 251 -10.72 37.16 2.84
N ALA F 252 -11.66 37.88 2.25
CA ALA F 252 -11.72 37.94 0.80
C ALA F 252 -10.47 38.65 0.25
N LYS F 253 -9.95 39.63 0.98
CA LYS F 253 -8.74 40.32 0.53
C LYS F 253 -7.55 39.38 0.65
N VAL F 254 -7.48 38.66 1.77
CA VAL F 254 -6.43 37.67 1.97
C VAL F 254 -6.45 36.59 0.88
N ALA F 255 -7.64 36.09 0.55
CA ALA F 255 -7.80 35.11 -0.52
C ALA F 255 -7.26 35.63 -1.85
N ARG F 256 -7.68 36.84 -2.23
CA ARG F 256 -7.25 37.42 -3.49
C ARG F 256 -5.75 37.55 -3.49
N GLU F 257 -5.21 37.96 -2.35
CA GLU F 257 -3.77 38.05 -2.19
C GLU F 257 -3.09 36.68 -2.38
N ALA F 258 -3.61 35.63 -1.73
CA ALA F 258 -3.04 34.29 -1.88
C ALA F 258 -3.09 33.83 -3.35
N LEU F 259 -4.20 34.14 -4.03
CA LEU F 259 -4.32 33.78 -5.44
C LEU F 259 -3.25 34.51 -6.24
N ASP F 260 -3.10 35.81 -5.99
CA ASP F 260 -2.13 36.61 -6.71
C ASP F 260 -0.71 36.10 -6.47
N ALA F 261 -0.38 35.80 -5.21
CA ALA F 261 0.97 35.33 -4.87
C ALA F 261 1.26 33.99 -5.52
N ALA F 262 0.21 33.21 -5.75
CA ALA F 262 0.31 31.89 -6.35
C ALA F 262 0.44 32.00 -7.88
N GLY F 263 0.03 33.15 -8.40
CA GLY F 263 -0.05 33.37 -9.84
C GLY F 263 -1.25 32.67 -10.44
N VAL F 264 -2.30 32.50 -9.65
CA VAL F 264 -3.47 31.74 -10.07
C VAL F 264 -4.69 32.66 -10.23
N GLU F 265 -5.62 32.27 -11.08
CA GLU F 265 -6.90 32.96 -11.17
C GLU F 265 -8.00 32.06 -10.62
N PRO F 266 -9.12 32.65 -10.17
CA PRO F 266 -10.27 31.88 -9.68
C PRO F 266 -10.68 30.80 -10.68
N GLU F 267 -10.63 31.12 -11.96
CA GLU F 267 -10.93 30.18 -13.02
C GLU F 267 -10.03 28.94 -12.99
N ASP F 268 -8.84 29.08 -12.40
CA ASP F 268 -7.88 27.98 -12.39
C ASP F 268 -8.15 26.98 -11.28
N LEU F 269 -9.06 27.33 -10.37
CA LEU F 269 -9.33 26.49 -9.21
C LEU F 269 -10.27 25.31 -9.50
N ALA F 270 -9.93 24.15 -8.96
CA ALA F 270 -10.85 23.03 -8.91
C ALA F 270 -11.74 23.15 -7.67
N ALA F 271 -11.21 23.74 -6.60
CA ALA F 271 -11.93 23.77 -5.32
C ALA F 271 -11.64 24.98 -4.43
N PHE F 272 -12.67 25.40 -3.69
CA PHE F 272 -12.53 26.42 -2.66
C PHE F 272 -12.76 25.76 -1.30
N ILE F 273 -11.74 25.75 -0.46
CA ILE F 273 -11.84 25.09 0.82
C ILE F 273 -11.56 26.07 1.96
N PRO F 274 -12.56 26.89 2.29
CA PRO F 274 -12.38 27.76 3.45
C PRO F 274 -12.67 26.98 4.73
N HIS F 275 -12.07 27.42 5.81
CA HIS F 275 -12.43 26.98 7.14
C HIS F 275 -13.95 27.01 7.28
N GLN F 276 -14.53 25.93 7.77
CA GLN F 276 -15.98 25.78 7.81
C GLN F 276 -16.58 26.51 9.02
N ALA F 277 -16.50 27.84 9.00
CA ALA F 277 -16.88 28.63 10.16
C ALA F 277 -18.39 28.69 10.33
N ASN F 278 -19.10 28.76 9.21
CA ASN F 278 -20.52 29.05 9.18
C ASN F 278 -20.96 29.05 7.71
N MET F 279 -22.11 28.44 7.41
CA MET F 279 -22.53 28.29 6.02
C MET F 279 -22.78 29.64 5.34
N ARG F 280 -23.31 30.60 6.11
CA ARG F 280 -23.53 31.95 5.61
C ARG F 280 -22.23 32.63 5.23
N ILE F 281 -21.19 32.39 6.04
CA ILE F 281 -19.88 32.90 5.76
C ILE F 281 -19.32 32.19 4.53
N ILE F 282 -19.48 30.87 4.47
CA ILE F 282 -19.01 30.13 3.31
C ILE F 282 -19.69 30.63 2.03
N ASP F 283 -21.02 30.71 2.03
CA ASP F 283 -21.77 31.15 0.84
C ASP F 283 -21.34 32.51 0.36
N GLU F 284 -21.28 33.46 1.29
CA GLU F 284 -20.99 34.85 0.94
C GLU F 284 -19.55 34.97 0.45
N PHE F 285 -18.62 34.45 1.25
CA PHE F 285 -17.19 34.39 0.90
C PHE F 285 -17.01 33.91 -0.54
N ALA F 286 -17.73 32.85 -0.93
CA ALA F 286 -17.66 32.31 -2.27
C ALA F 286 -18.16 33.29 -3.32
N LYS F 287 -19.23 34.02 -3.00
CA LYS F 287 -19.80 35.00 -3.92
C LYS F 287 -18.78 36.09 -4.21
N GLN F 288 -18.04 36.48 -3.17
CA GLN F 288 -17.10 37.59 -3.24
C GLN F 288 -15.92 37.34 -4.18
N LEU F 289 -15.56 36.08 -4.33
CA LEU F 289 -14.37 35.71 -5.11
C LEU F 289 -14.70 35.50 -6.58
N LYS F 290 -16.00 35.57 -6.91
CA LYS F 290 -16.45 35.39 -8.28
C LYS F 290 -15.92 34.09 -8.86
N LEU F 291 -16.19 32.99 -8.16
CA LEU F 291 -15.76 31.68 -8.62
C LEU F 291 -16.64 31.22 -9.77
N PRO F 292 -16.03 30.68 -10.82
CA PRO F 292 -16.87 30.03 -11.83
C PRO F 292 -17.71 28.93 -11.16
N GLU F 293 -18.78 28.53 -11.82
CA GLU F 293 -19.68 27.49 -11.31
C GLU F 293 -18.91 26.17 -11.21
N SER F 294 -17.88 26.04 -12.03
CA SER F 294 -17.12 24.80 -12.11
C SER F 294 -16.30 24.54 -10.84
N VAL F 295 -16.05 25.59 -10.06
CA VAL F 295 -15.25 25.44 -8.85
C VAL F 295 -16.08 24.83 -7.72
N VAL F 296 -15.59 23.75 -7.13
CA VAL F 296 -16.33 23.09 -6.06
C VAL F 296 -16.08 23.81 -4.75
N VAL F 297 -17.16 24.11 -4.02
CA VAL F 297 -17.07 24.84 -2.76
C VAL F 297 -17.28 23.86 -1.61
N ALA F 298 -16.35 23.85 -0.66
CA ALA F 298 -16.44 22.96 0.49
C ALA F 298 -17.57 23.41 1.43
N ARG F 299 -18.49 22.49 1.73
CA ARG F 299 -19.61 22.77 2.62
C ARG F 299 -19.85 21.62 3.58
N ASP F 300 -18.76 20.98 4.01
CA ASP F 300 -18.82 19.90 5.00
C ASP F 300 -19.49 20.35 6.31
N ILE F 301 -19.57 21.67 6.53
CA ILE F 301 -20.08 22.16 7.81
C ILE F 301 -21.48 21.63 8.13
N ALA F 302 -22.30 21.46 7.09
CA ALA F 302 -23.68 21.01 7.29
C ALA F 302 -23.80 19.71 8.09
N ASP F 303 -22.78 18.86 8.03
CA ASP F 303 -22.84 17.56 8.70
C ASP F 303 -21.83 17.43 9.84
N ALA F 304 -20.73 18.17 9.76
CA ALA F 304 -19.67 18.03 10.75
C ALA F 304 -19.75 19.12 11.81
N GLY F 305 -20.39 20.23 11.44
CA GLY F 305 -20.31 21.44 12.21
C GLY F 305 -18.96 22.12 11.98
N ASN F 306 -18.69 23.15 12.75
CA ASN F 306 -17.44 23.88 12.71
C ASN F 306 -16.43 23.18 13.62
N THR F 307 -15.39 22.58 13.04
CA THR F 307 -14.41 21.80 13.80
C THR F 307 -13.07 22.52 13.86
N SER F 308 -13.11 23.83 13.73
CA SER F 308 -11.90 24.63 13.91
C SER F 308 -10.76 24.13 13.02
N ALA F 309 -9.59 23.92 13.63
CA ALA F 309 -8.40 23.49 12.88
C ALA F 309 -8.63 22.26 11.98
N ALA F 310 -9.55 21.37 12.39
CA ALA F 310 -9.77 20.15 11.61
C ALA F 310 -10.56 20.40 10.35
N SER F 311 -11.27 21.52 10.31
CA SER F 311 -12.29 21.69 9.28
C SER F 311 -11.76 21.62 7.84
N ILE F 312 -10.60 22.21 7.56
CA ILE F 312 -10.14 22.24 6.18
C ILE F 312 -9.71 20.86 5.65
N PRO F 313 -8.81 20.15 6.38
CA PRO F 313 -8.46 18.76 6.02
C PRO F 313 -9.68 17.83 5.96
N LEU F 314 -10.59 17.92 6.94
CA LEU F 314 -11.80 17.11 6.86
C LEU F 314 -12.58 17.44 5.59
N ALA F 315 -12.71 18.73 5.28
CA ALA F 315 -13.46 19.16 4.10
C ALA F 315 -12.74 18.72 2.84
N MET F 316 -11.42 18.80 2.86
CA MET F 316 -10.64 18.36 1.72
C MET F 316 -10.84 16.86 1.50
N HIS F 317 -10.66 16.10 2.58
CA HIS F 317 -10.93 14.67 2.57
C HIS F 317 -12.26 14.34 1.93
N ARG F 318 -13.32 15.04 2.34
CA ARG F 318 -14.63 14.72 1.79
C ARG F 318 -14.73 15.07 0.32
N LEU F 319 -14.12 16.20 -0.04
CA LEU F 319 -14.16 16.75 -1.38
C LEU F 319 -13.56 15.73 -2.34
N LEU F 320 -12.44 15.14 -1.94
CA LEU F 320 -11.76 14.16 -2.75
C LEU F 320 -12.46 12.80 -2.80
N GLU F 321 -13.20 12.46 -1.74
CA GLU F 321 -13.98 11.22 -1.78
C GLU F 321 -15.09 11.38 -2.78
N GLU F 322 -15.70 12.56 -2.81
CA GLU F 322 -16.86 12.79 -3.65
C GLU F 322 -16.46 13.18 -5.08
N ASN F 323 -15.26 13.73 -5.22
CA ASN F 323 -14.75 14.19 -6.52
C ASN F 323 -13.29 13.78 -6.65
N PRO F 324 -13.05 12.47 -6.85
CA PRO F 324 -11.68 11.94 -6.90
C PRO F 324 -10.87 12.49 -8.08
N GLU F 325 -11.55 12.84 -9.17
CA GLU F 325 -10.87 13.40 -10.34
C GLU F 325 -10.14 14.71 -10.02
N LEU F 326 -10.44 15.29 -8.87
CA LEU F 326 -9.82 16.57 -8.51
C LEU F 326 -8.39 16.46 -7.99
N SER F 327 -7.98 15.25 -7.59
CA SER F 327 -6.56 15.03 -7.28
C SER F 327 -5.76 15.71 -8.37
N GLY F 328 -4.73 16.46 -7.98
CA GLY F 328 -3.90 17.16 -8.95
C GLY F 328 -4.32 18.58 -9.20
N GLY F 329 -5.61 18.87 -8.96
CA GLY F 329 -6.16 20.19 -9.19
C GLY F 329 -5.77 21.19 -8.11
N LEU F 330 -5.96 22.47 -8.42
CA LEU F 330 -5.70 23.57 -7.49
C LEU F 330 -6.87 23.85 -6.53
N ALA F 331 -6.57 23.88 -5.24
CA ALA F 331 -7.56 24.26 -4.26
C ALA F 331 -7.03 25.43 -3.45
N LEU F 332 -7.88 26.44 -3.26
CA LEU F 332 -7.57 27.57 -2.38
C LEU F 332 -8.06 27.21 -0.99
N GLN F 333 -7.14 27.06 -0.04
CA GLN F 333 -7.53 26.79 1.34
C GLN F 333 -7.24 28.01 2.20
N ILE F 334 -8.11 28.27 3.17
CA ILE F 334 -7.93 29.45 4.01
C ILE F 334 -8.69 29.33 5.34
N GLY F 335 -7.93 29.44 6.43
CA GLY F 335 -8.49 29.32 7.76
C GLY F 335 -8.31 30.63 8.49
N PHE F 336 -9.20 30.88 9.45
CA PHE F 336 -9.19 32.14 10.17
C PHE F 336 -9.90 31.94 11.49
N GLY F 337 -9.33 32.46 12.57
CA GLY F 337 -9.98 32.32 13.86
C GLY F 337 -9.40 33.17 14.97
N ALA F 338 -9.65 32.75 16.22
CA ALA F 338 -9.24 33.53 17.39
C ALA F 338 -7.81 34.04 17.31
N GLY F 339 -7.65 35.34 17.52
CA GLY F 339 -6.30 35.88 17.57
C GLY F 339 -6.23 37.36 17.43
N LEU F 340 -6.78 37.92 16.34
CA LEU F 340 -7.29 37.15 15.23
C LEU F 340 -6.09 36.68 14.38
N VAL F 341 -6.19 35.48 13.81
CA VAL F 341 -5.14 34.95 12.93
C VAL F 341 -5.77 34.37 11.68
N TYR F 342 -5.01 34.36 10.59
CA TYR F 342 -5.48 33.78 9.35
C TYR F 342 -4.32 33.18 8.59
N GLY F 343 -4.63 32.26 7.69
CA GLY F 343 -3.62 31.63 6.87
C GLY F 343 -4.25 31.10 5.60
N ALA F 344 -3.56 31.26 4.50
CA ALA F 344 -4.09 30.83 3.22
C ALA F 344 -2.96 30.31 2.31
N GLN F 345 -3.28 29.30 1.52
CA GLN F 345 -2.41 28.96 0.43
C GLN F 345 -3.18 28.25 -0.70
N VAL F 346 -2.60 28.24 -1.91
CA VAL F 346 -3.15 27.43 -2.99
C VAL F 346 -2.33 26.13 -3.08
N VAL F 347 -3.03 24.99 -3.07
CA VAL F 347 -2.35 23.72 -3.04
C VAL F 347 -2.80 22.82 -4.18
N ARG F 348 -1.87 22.02 -4.69
CA ARG F 348 -2.23 20.93 -5.60
C ARG F 348 -2.76 19.80 -4.74
N LEU F 349 -3.99 19.37 -5.01
CA LEU F 349 -4.64 18.37 -4.18
C LEU F 349 -3.94 17.01 -4.33
N PRO F 350 -3.80 16.25 -3.24
CA PRO F 350 -3.19 14.91 -3.30
C PRO F 350 -3.98 13.92 -4.18
#